data_3PDU
#
_entry.id   3PDU
#
_cell.length_a   100.034
_cell.length_b   182.070
_cell.length_c   147.172
_cell.angle_alpha   90.00
_cell.angle_beta   90.00
_cell.angle_gamma   90.00
#
_symmetry.space_group_name_H-M   'P 21 21 2'
#
loop_
_entity.id
_entity.type
_entity.pdbx_description
1 polymer '3-hydroxyisobutyrate dehydrogenase family protein'
2 non-polymer 'NADP NICOTINAMIDE-ADENINE-DINUCLEOTIDE PHOSPHATE'
3 non-polymer GLYCEROL
4 water water
#
_entity_poly.entity_id   1
_entity_poly.type   'polypeptide(L)'
_entity_poly.pdbx_seq_one_letter_code
;MTTYGFLGLGIMGGPMAANLVRAGFDVTVWNRNPAKCAPLVALGARQASSPAEVCAACDITIAMLADPAAAREVCFGANG
VLEGIGGGRGYIDMSTVDDETSTAIGAAVTARGGRFLEAPVSGTKKPAEDGTLIILAAGDQSLFTDAGPAFAALGKKCLH
LGEVGQGARMKLVVNMIMGQMMTALGEGMALGRNCGLDGGQLLEVLDAGAMANPMFKGKGQMLLSGEFPTSFPLKHMQKD
LRLAVELGDRLGQPLHGAATANESFKRARAAGHADEDFAAVFRVLEA
;
_entity_poly.pdbx_strand_id   A,B,C,D,E,F,G,H
#
# COMPACT_ATOMS: atom_id res chain seq x y z
N MET A 1 60.88 28.98 -0.02
CA MET A 1 59.81 29.13 0.97
C MET A 1 58.51 28.52 0.48
N THR A 2 58.10 27.43 1.11
CA THR A 2 56.84 26.77 0.79
C THR A 2 55.64 27.64 1.21
N THR A 3 54.76 27.96 0.27
CA THR A 3 53.52 28.67 0.59
C THR A 3 52.31 27.73 0.53
N TYR A 4 51.29 28.03 1.32
CA TYR A 4 50.16 27.13 1.48
C TYR A 4 48.84 27.74 1.04
N GLY A 5 48.00 26.91 0.43
CA GLY A 5 46.64 27.27 0.07
C GLY A 5 45.66 26.43 0.88
N PHE A 6 44.45 26.94 1.08
CA PHE A 6 43.42 26.21 1.81
C PHE A 6 42.03 26.53 1.25
N LEU A 7 41.34 25.49 0.79
CA LEU A 7 40.00 25.60 0.19
C LEU A 7 38.97 24.93 1.09
N GLY A 8 37.92 25.66 1.46
CA GLY A 8 36.86 25.07 2.26
C GLY A 8 37.03 25.41 3.73
N LEU A 9 36.38 26.48 4.17
CA LEU A 9 36.53 26.95 5.55
C LEU A 9 35.26 26.65 6.32
N GLY A 10 35.02 25.37 6.54
CA GLY A 10 33.83 24.94 7.26
C GLY A 10 34.15 24.70 8.72
N ILE A 11 33.36 23.86 9.35
CA ILE A 11 33.56 23.52 10.76
C ILE A 11 34.96 22.98 10.99
N MET A 12 35.45 22.15 10.08
CA MET A 12 36.80 21.58 10.18
C MET A 12 37.85 22.51 9.54
N GLY A 13 37.55 22.99 8.34
CA GLY A 13 38.51 23.77 7.57
C GLY A 13 38.91 25.10 8.18
N GLY A 14 37.95 25.76 8.85
CA GLY A 14 38.23 27.01 9.53
C GLY A 14 39.36 26.85 10.54
N PRO A 15 39.16 25.98 11.54
CA PRO A 15 40.17 25.75 12.58
C PRO A 15 41.48 25.22 12.02
N MET A 16 41.42 24.38 10.99
CA MET A 16 42.62 23.82 10.39
C MET A 16 43.41 24.91 9.69
N ALA A 17 42.73 25.72 8.88
CA ALA A 17 43.41 26.83 8.21
C ALA A 17 44.02 27.78 9.25
N ALA A 18 43.28 28.04 10.34
CA ALA A 18 43.74 28.93 11.40
C ALA A 18 45.01 28.39 12.08
N ASN A 19 45.07 27.07 12.26
CA ASN A 19 46.26 26.44 12.82
C ASN A 19 47.51 26.69 11.95
N LEU A 20 47.35 26.66 10.64
CA LEU A 20 48.48 26.91 9.74
C LEU A 20 48.94 28.36 9.85
N VAL A 21 47.99 29.28 9.88
CA VAL A 21 48.34 30.69 10.05
C VAL A 21 49.06 30.91 11.37
N ARG A 22 48.53 30.35 12.45
CA ARG A 22 49.14 30.55 13.76
C ARG A 22 50.50 29.89 13.88
N ALA A 23 50.72 28.80 13.14
CA ALA A 23 52.02 28.14 13.12
C ALA A 23 53.05 28.98 12.36
N GLY A 24 52.58 29.97 11.60
CA GLY A 24 53.48 30.89 10.92
C GLY A 24 53.66 30.68 9.43
N PHE A 25 52.84 29.81 8.83
CA PHE A 25 52.88 29.65 7.37
C PHE A 25 52.19 30.82 6.65
N ASP A 26 52.62 31.07 5.41
CA ASP A 26 51.97 32.01 4.48
C ASP A 26 50.79 31.27 3.88
N VAL A 27 49.57 31.67 4.24
CA VAL A 27 48.38 30.92 3.85
C VAL A 27 47.44 31.76 2.99
N THR A 28 47.00 31.19 1.87
CA THR A 28 45.98 31.80 1.03
C THR A 28 44.69 30.98 1.13
N VAL A 29 43.56 31.62 1.40
CA VAL A 29 42.31 30.88 1.61
C VAL A 29 41.24 31.22 0.58
N TRP A 30 40.36 30.25 0.37
CA TRP A 30 39.15 30.45 -0.44
C TRP A 30 38.02 29.64 0.15
N ASN A 31 36.81 30.17 0.05
CA ASN A 31 35.59 29.45 0.41
C ASN A 31 34.48 29.88 -0.52
N ARG A 32 33.65 28.94 -0.94
CA ARG A 32 32.51 29.27 -1.81
C ARG A 32 31.72 30.48 -1.27
N ASN A 33 31.33 30.43 0.00
CA ASN A 33 30.78 31.61 0.69
C ASN A 33 31.93 32.47 1.22
N PRO A 34 32.21 33.61 0.57
CA PRO A 34 33.39 34.41 0.92
C PRO A 34 33.42 34.93 2.36
N ALA A 35 32.26 35.10 2.99
CA ALA A 35 32.24 35.62 4.36
C ALA A 35 33.03 34.72 5.35
N LYS A 36 33.12 33.43 5.06
CA LYS A 36 33.86 32.54 5.95
C LYS A 36 35.37 32.81 5.93
N CYS A 37 35.85 33.53 4.93
CA CYS A 37 37.28 33.86 4.89
C CYS A 37 37.65 34.93 5.93
N ALA A 38 36.69 35.75 6.33
CA ALA A 38 36.99 36.95 7.12
C ALA A 38 37.87 36.72 8.35
N PRO A 39 37.49 35.79 9.23
CA PRO A 39 38.31 35.56 10.43
C PRO A 39 39.72 35.09 10.07
N LEU A 40 39.85 34.31 9.00
CA LEU A 40 41.18 33.85 8.59
C LEU A 40 42.04 34.97 8.02
N VAL A 41 41.43 35.85 7.23
CA VAL A 41 42.14 37.03 6.75
C VAL A 41 42.57 37.94 7.89
N ALA A 42 41.68 38.15 8.87
CA ALA A 42 42.04 38.97 10.04
C ALA A 42 43.21 38.38 10.83
N LEU A 43 43.36 37.06 10.77
CA LEU A 43 44.44 36.36 11.47
C LEU A 43 45.73 36.48 10.69
N GLY A 44 45.62 36.78 9.40
CA GLY A 44 46.80 36.97 8.57
C GLY A 44 46.82 36.19 7.27
N ALA A 45 45.76 35.44 6.96
CA ALA A 45 45.71 34.78 5.67
C ALA A 45 45.41 35.79 4.55
N ARG A 46 45.75 35.44 3.31
CA ARG A 46 45.31 36.22 2.15
C ARG A 46 44.08 35.57 1.54
N GLN A 47 43.12 36.39 1.09
CA GLN A 47 41.93 35.83 0.44
C GLN A 47 42.14 35.75 -1.06
N ALA A 48 41.72 34.64 -1.67
CA ALA A 48 41.76 34.49 -3.13
C ALA A 48 40.36 34.37 -3.71
N SER A 49 40.24 34.57 -5.02
CA SER A 49 38.94 34.60 -5.69
C SER A 49 38.45 33.26 -6.23
N SER A 50 39.35 32.27 -6.35
CA SER A 50 38.95 30.95 -6.85
C SER A 50 39.96 29.87 -6.49
N PRO A 51 39.53 28.61 -6.56
CA PRO A 51 40.48 27.52 -6.35
C PRO A 51 41.64 27.58 -7.35
N ALA A 52 41.34 27.97 -8.59
CA ALA A 52 42.36 28.09 -9.62
C ALA A 52 43.43 29.09 -9.22
N GLU A 53 43.01 30.23 -8.68
CA GLU A 53 43.96 31.24 -8.22
C GLU A 53 44.85 30.71 -7.11
N VAL A 54 44.25 29.96 -6.18
CA VAL A 54 45.04 29.41 -5.08
C VAL A 54 46.08 28.41 -5.60
N CYS A 55 45.66 27.50 -6.46
CA CYS A 55 46.53 26.39 -6.89
C CYS A 55 47.62 26.84 -7.86
N ALA A 56 47.39 27.96 -8.54
CA ALA A 56 48.40 28.55 -9.40
C ALA A 56 49.50 29.22 -8.56
N ALA A 57 49.14 29.72 -7.39
CA ALA A 57 50.06 30.54 -6.61
C ALA A 57 50.74 29.83 -5.42
N CYS A 58 50.14 28.74 -4.95
CA CYS A 58 50.62 28.12 -3.72
C CYS A 58 51.33 26.78 -3.94
N ASP A 59 52.42 26.56 -3.21
CA ASP A 59 53.19 25.32 -3.39
C ASP A 59 52.39 24.09 -2.98
N ILE A 60 51.58 24.25 -1.93
CA ILE A 60 50.78 23.14 -1.44
C ILE A 60 49.42 23.68 -1.05
N THR A 61 48.37 23.13 -1.67
CA THR A 61 47.02 23.54 -1.36
C THR A 61 46.25 22.39 -0.75
N ILE A 62 45.62 22.68 0.38
CA ILE A 62 44.81 21.70 1.10
C ILE A 62 43.33 22.01 0.89
N ALA A 63 42.51 20.98 0.77
CA ALA A 63 41.06 21.17 0.65
C ALA A 63 40.30 20.42 1.75
N MET A 64 39.26 21.02 2.28
CA MET A 64 38.47 20.37 3.34
C MET A 64 37.00 20.62 3.04
N LEU A 65 36.44 19.79 2.16
CA LEU A 65 35.12 20.07 1.57
C LEU A 65 34.08 19.05 2.02
N ALA A 66 32.82 19.36 1.81
CA ALA A 66 31.71 18.59 2.38
C ALA A 66 31.69 17.12 1.95
N ASP A 67 31.79 16.86 0.65
CA ASP A 67 31.45 15.54 0.14
C ASP A 67 31.99 15.33 -1.27
N PRO A 68 31.80 14.12 -1.83
CA PRO A 68 32.33 13.88 -3.17
C PRO A 68 31.85 14.92 -4.20
N ALA A 69 30.60 15.33 -4.14
CA ALA A 69 30.11 16.32 -5.11
C ALA A 69 30.89 17.62 -4.99
N ALA A 70 31.09 18.09 -3.76
CA ALA A 70 31.86 19.32 -3.53
C ALA A 70 33.31 19.16 -4.01
N ALA A 71 33.92 18.04 -3.65
CA ALA A 71 35.31 17.79 -4.02
C ALA A 71 35.48 17.79 -5.54
N ARG A 72 34.56 17.14 -6.23
CA ARG A 72 34.62 17.12 -7.68
C ARG A 72 34.35 18.47 -8.32
N GLU A 73 33.40 19.22 -7.79
CA GLU A 73 33.11 20.53 -8.37
C GLU A 73 34.31 21.47 -8.19
N VAL A 74 34.96 21.43 -7.02
CA VAL A 74 36.11 22.29 -6.80
C VAL A 74 37.31 21.88 -7.68
N CYS A 75 37.44 20.60 -7.95
CA CYS A 75 38.52 20.11 -8.80
C CYS A 75 38.24 20.39 -10.26
N PHE A 76 37.10 19.91 -10.74
CA PHE A 76 36.81 19.88 -12.18
C PHE A 76 36.01 21.08 -12.69
N GLY A 77 35.45 21.88 -11.80
CA GLY A 77 34.56 22.95 -12.22
C GLY A 77 35.28 24.17 -12.80
N ALA A 78 34.51 25.16 -13.24
CA ALA A 78 35.09 26.38 -13.76
C ALA A 78 35.94 27.09 -12.69
N ASN A 79 37.12 27.55 -13.09
CA ASN A 79 38.03 28.21 -12.14
C ASN A 79 38.43 27.28 -11.00
N GLY A 80 38.39 25.98 -11.27
CA GLY A 80 38.68 24.98 -10.26
C GLY A 80 40.14 24.63 -10.18
N VAL A 81 40.48 23.63 -9.35
CA VAL A 81 41.86 23.26 -9.10
C VAL A 81 42.66 22.99 -10.39
N LEU A 82 42.06 22.28 -11.32
CA LEU A 82 42.78 21.85 -12.52
C LEU A 82 43.18 23.02 -13.41
N GLU A 83 42.50 24.14 -13.29
CA GLU A 83 42.82 25.32 -14.11
C GLU A 83 44.04 26.08 -13.57
N GLY A 84 44.47 25.74 -12.36
CA GLY A 84 45.62 26.41 -11.77
C GLY A 84 46.79 25.50 -11.39
N ILE A 85 46.52 24.26 -11.00
CA ILE A 85 47.58 23.36 -10.54
C ILE A 85 48.54 23.00 -11.66
N GLY A 86 49.79 22.70 -11.32
CA GLY A 86 50.80 22.37 -12.31
C GLY A 86 52.19 22.55 -11.75
N GLY A 87 53.21 22.33 -12.58
CA GLY A 87 54.59 22.60 -12.21
C GLY A 87 55.06 21.99 -10.90
N GLY A 88 54.53 20.81 -10.56
CA GLY A 88 54.94 20.14 -9.33
C GLY A 88 54.20 20.59 -8.08
N ARG A 89 53.30 21.57 -8.23
CA ARG A 89 52.59 22.07 -7.06
C ARG A 89 51.64 20.99 -6.53
N GLY A 90 51.41 20.98 -5.23
CA GLY A 90 50.68 19.89 -4.61
C GLY A 90 49.23 20.21 -4.26
N TYR A 91 48.38 19.19 -4.32
CA TYR A 91 47.00 19.32 -3.89
C TYR A 91 46.73 18.19 -2.90
N ILE A 92 46.34 18.54 -1.67
CA ILE A 92 46.08 17.57 -0.64
C ILE A 92 44.62 17.66 -0.25
N ASP A 93 43.83 16.68 -0.68
CA ASP A 93 42.40 16.74 -0.40
C ASP A 93 42.13 15.96 0.87
N MET A 94 41.71 16.69 1.90
CA MET A 94 41.48 16.10 3.21
C MET A 94 39.99 15.85 3.47
N SER A 95 39.18 16.12 2.44
CA SER A 95 37.73 15.86 2.49
C SER A 95 37.45 14.37 2.64
N THR A 96 36.38 14.01 3.33
CA THR A 96 35.97 12.60 3.37
C THR A 96 35.12 12.29 2.14
N VAL A 97 35.68 11.49 1.23
CA VAL A 97 35.02 11.14 -0.02
C VAL A 97 35.26 9.64 -0.27
N ASP A 98 34.64 9.11 -1.32
CA ASP A 98 34.90 7.73 -1.71
C ASP A 98 36.22 7.60 -2.46
N ASP A 99 36.73 6.38 -2.55
CA ASP A 99 38.00 6.09 -3.22
C ASP A 99 37.95 6.32 -4.72
N GLU A 100 36.77 6.20 -5.34
CA GLU A 100 36.68 6.47 -6.77
C GLU A 100 36.85 7.96 -7.07
N THR A 101 36.30 8.80 -6.20
CA THR A 101 36.46 10.26 -6.32
C THR A 101 37.92 10.69 -6.11
N SER A 102 38.53 10.25 -5.02
CA SER A 102 39.92 10.63 -4.77
C SER A 102 40.85 10.14 -5.89
N THR A 103 40.62 8.93 -6.39
N THR A 103 40.61 8.94 -6.40
CA THR A 103 41.43 8.42 -7.49
CA THR A 103 41.46 8.43 -7.48
C THR A 103 41.29 9.29 -8.73
C THR A 103 41.26 9.16 -8.81
N ALA A 104 40.06 9.66 -9.06
CA ALA A 104 39.78 10.48 -10.25
C ALA A 104 40.40 11.88 -10.13
N ILE A 105 40.29 12.48 -8.96
CA ILE A 105 40.90 13.79 -8.71
C ILE A 105 42.41 13.69 -8.83
N GLY A 106 42.99 12.67 -8.20
CA GLY A 106 44.42 12.47 -8.26
C GLY A 106 44.93 12.27 -9.69
N ALA A 107 44.26 11.42 -10.45
CA ALA A 107 44.67 11.19 -11.83
C ALA A 107 44.63 12.50 -12.65
N ALA A 108 43.60 13.31 -12.42
CA ALA A 108 43.47 14.57 -13.14
C ALA A 108 44.57 15.56 -12.77
N VAL A 109 44.80 15.72 -11.47
CA VAL A 109 45.83 16.63 -10.99
C VAL A 109 47.19 16.21 -11.53
N THR A 110 47.47 14.91 -11.47
CA THR A 110 48.73 14.38 -11.94
C THR A 110 48.93 14.65 -13.44
N ALA A 111 47.87 14.55 -14.20
CA ALA A 111 47.94 14.75 -15.63
C ALA A 111 48.21 16.22 -15.98
N ARG A 112 47.89 17.12 -15.04
CA ARG A 112 48.18 18.53 -15.22
C ARG A 112 49.57 18.88 -14.71
N GLY A 113 50.29 17.89 -14.21
CA GLY A 113 51.63 18.11 -13.72
C GLY A 113 51.71 18.49 -12.24
N GLY A 114 50.61 18.28 -11.51
CA GLY A 114 50.60 18.55 -10.08
C GLY A 114 50.92 17.28 -9.33
N ARG A 115 51.11 17.37 -8.01
CA ARG A 115 51.19 16.19 -7.18
C ARG A 115 49.95 16.08 -6.31
N PHE A 116 49.46 14.87 -6.09
CA PHE A 116 48.23 14.65 -5.33
C PHE A 116 48.42 13.71 -4.16
N LEU A 117 47.80 14.08 -3.05
CA LEU A 117 47.76 13.24 -1.87
C LEU A 117 46.36 13.35 -1.28
N GLU A 118 45.75 12.23 -0.91
CA GLU A 118 44.50 12.30 -0.17
C GLU A 118 44.90 12.22 1.30
N ALA A 119 44.20 12.93 2.16
CA ALA A 119 44.53 12.85 3.58
C ALA A 119 43.32 13.15 4.47
N PRO A 120 42.28 12.29 4.37
CA PRO A 120 41.12 12.48 5.25
C PRO A 120 41.56 12.29 6.71
N VAL A 121 40.77 12.79 7.65
CA VAL A 121 41.19 12.76 9.04
C VAL A 121 40.18 12.08 9.96
N SER A 122 40.68 11.55 11.08
CA SER A 122 39.80 11.08 12.14
C SER A 122 39.95 12.07 13.30
N GLY A 123 38.82 12.57 13.80
CA GLY A 123 38.86 13.65 14.79
C GLY A 123 37.87 14.73 14.39
N THR A 124 37.17 15.29 15.37
CA THR A 124 36.05 16.19 15.10
C THR A 124 36.45 17.65 15.32
N LYS A 125 35.49 18.52 15.59
CA LYS A 125 35.73 19.94 15.74
C LYS A 125 36.83 20.32 16.75
N LYS A 126 36.75 19.82 17.97
CA LYS A 126 37.76 20.15 18.98
C LYS A 126 39.18 19.72 18.57
N PRO A 127 39.35 18.46 18.14
CA PRO A 127 40.66 18.06 17.61
C PRO A 127 41.16 18.94 16.44
N ALA A 128 40.27 19.39 15.57
CA ALA A 128 40.67 20.27 14.50
C ALA A 128 41.22 21.56 15.09
N GLU A 129 40.50 22.13 16.06
CA GLU A 129 40.94 23.35 16.74
C GLU A 129 42.28 23.16 17.43
N ASP A 130 42.42 22.02 18.13
CA ASP A 130 43.60 21.76 18.94
C ASP A 130 44.81 21.27 18.16
N GLY A 131 44.60 20.86 16.92
CA GLY A 131 45.67 20.28 16.12
C GLY A 131 45.96 18.83 16.51
N THR A 132 44.95 18.09 16.94
CA THR A 132 45.18 16.72 17.37
C THR A 132 44.46 15.69 16.48
N LEU A 133 44.31 16.03 15.20
CA LEU A 133 43.69 15.14 14.23
C LEU A 133 44.58 13.91 13.97
N ILE A 134 43.98 12.83 13.51
CA ILE A 134 44.73 11.68 13.02
C ILE A 134 44.63 11.75 11.51
N ILE A 135 45.77 11.84 10.83
CA ILE A 135 45.76 12.07 9.39
C ILE A 135 46.03 10.77 8.64
N LEU A 136 45.10 10.40 7.76
CA LEU A 136 45.14 9.12 7.02
C LEU A 136 45.51 9.33 5.56
N ALA A 137 46.79 9.54 5.30
CA ALA A 137 47.23 9.95 3.97
C ALA A 137 47.51 8.76 3.03
N ALA A 138 47.38 9.02 1.74
CA ALA A 138 47.73 8.07 0.67
C ALA A 138 47.95 8.82 -0.63
N GLY A 139 48.95 8.39 -1.40
CA GLY A 139 49.28 9.05 -2.64
C GLY A 139 50.76 9.44 -2.67
N ASP A 140 51.05 10.61 -3.24
CA ASP A 140 52.42 10.99 -3.56
C ASP A 140 53.32 11.13 -2.33
N GLN A 141 54.36 10.30 -2.25
CA GLN A 141 55.24 10.26 -1.08
C GLN A 141 56.06 11.54 -0.89
N SER A 142 56.55 12.12 -1.98
CA SER A 142 57.29 13.37 -1.89
C SER A 142 56.41 14.49 -1.34
N LEU A 143 55.13 14.48 -1.71
CA LEU A 143 54.21 15.51 -1.19
C LEU A 143 53.91 15.27 0.29
N PHE A 144 53.70 14.01 0.66
CA PHE A 144 53.53 13.66 2.08
C PHE A 144 54.71 14.23 2.89
N THR A 145 55.91 14.01 2.40
CA THR A 145 57.11 14.49 3.08
C THR A 145 57.15 16.02 3.16
N ASP A 146 56.92 16.68 2.03
CA ASP A 146 56.94 18.15 1.94
C ASP A 146 55.93 18.81 2.86
N ALA A 147 54.81 18.14 3.12
CA ALA A 147 53.75 18.73 3.94
C ALA A 147 53.95 18.45 5.44
N GLY A 148 55.04 17.79 5.79
CA GLY A 148 55.29 17.41 7.18
C GLY A 148 55.10 18.52 8.19
N PRO A 149 55.72 19.68 7.95
CA PRO A 149 55.56 20.76 8.94
C PRO A 149 54.10 21.21 9.07
N ALA A 150 53.38 21.25 7.96
CA ALA A 150 51.96 21.60 8.04
C ALA A 150 51.14 20.52 8.76
N PHE A 151 51.42 19.25 8.49
CA PHE A 151 50.70 18.16 9.15
C PHE A 151 50.94 18.20 10.66
N ALA A 152 52.13 18.63 11.07
CA ALA A 152 52.42 18.75 12.50
C ALA A 152 51.58 19.84 13.18
N ALA A 153 51.21 20.88 12.43
CA ALA A 153 50.32 21.92 12.95
C ALA A 153 48.87 21.44 12.99
N LEU A 154 48.55 20.43 12.18
CA LEU A 154 47.16 19.98 12.06
C LEU A 154 46.81 18.77 12.90
N GLY A 155 47.76 17.86 13.08
CA GLY A 155 47.46 16.56 13.65
C GLY A 155 48.46 16.09 14.68
N LYS A 156 48.09 15.06 15.43
CA LYS A 156 49.00 14.44 16.40
C LYS A 156 49.59 13.15 15.83
N LYS A 157 49.02 12.66 14.75
CA LYS A 157 49.43 11.37 14.21
C LYS A 157 49.17 11.37 12.71
N CYS A 158 50.15 10.92 11.95
CA CYS A 158 50.05 10.95 10.50
CA CYS A 158 50.03 10.93 10.49
C CYS A 158 50.53 9.63 9.91
N LEU A 159 49.66 8.93 9.18
CA LEU A 159 50.04 7.68 8.54
C LEU A 159 50.02 7.86 7.04
N HIS A 160 50.91 7.17 6.34
CA HIS A 160 50.83 7.05 4.89
C HIS A 160 50.44 5.62 4.57
N LEU A 161 49.31 5.46 3.89
CA LEU A 161 48.67 4.15 3.77
C LEU A 161 48.82 3.50 2.39
N GLY A 162 49.64 4.10 1.53
CA GLY A 162 49.95 3.52 0.23
C GLY A 162 49.37 4.30 -0.91
N GLU A 163 48.80 3.59 -1.89
CA GLU A 163 48.24 4.21 -3.10
C GLU A 163 46.96 5.00 -2.82
N VAL A 164 46.68 6.00 -3.66
CA VAL A 164 45.45 6.77 -3.55
C VAL A 164 44.27 5.81 -3.48
N GLY A 165 43.35 6.09 -2.55
CA GLY A 165 42.22 5.22 -2.33
C GLY A 165 42.25 4.52 -0.99
N GLN A 166 43.45 4.16 -0.51
CA GLN A 166 43.57 3.45 0.77
C GLN A 166 43.24 4.36 1.95
N GLY A 167 43.57 5.64 1.82
CA GLY A 167 43.22 6.63 2.83
C GLY A 167 41.70 6.77 2.93
N ALA A 168 41.04 6.94 1.78
CA ALA A 168 39.59 7.05 1.78
C ALA A 168 38.94 5.79 2.36
N ARG A 169 39.46 4.63 1.97
CA ARG A 169 38.92 3.37 2.47
C ARG A 169 39.07 3.25 3.99
N MET A 170 40.26 3.55 4.51
CA MET A 170 40.45 3.55 5.97
C MET A 170 39.47 4.50 6.67
N LYS A 171 39.34 5.72 6.16
CA LYS A 171 38.45 6.70 6.76
CA LYS A 171 38.44 6.71 6.74
C LYS A 171 37.00 6.21 6.77
N LEU A 172 36.56 5.66 5.64
CA LEU A 172 35.17 5.17 5.58
C LEU A 172 34.92 3.98 6.54
N VAL A 173 35.91 3.12 6.69
CA VAL A 173 35.80 1.97 7.59
C VAL A 173 35.73 2.46 9.03
N VAL A 174 36.63 3.37 9.40
CA VAL A 174 36.61 3.95 10.73
C VAL A 174 35.27 4.63 11.04
N ASN A 175 34.77 5.44 10.10
CA ASN A 175 33.51 6.14 10.37
C ASN A 175 32.26 5.26 10.32
N MET A 176 32.33 4.15 9.60
CA MET A 176 31.22 3.21 9.58
C MET A 176 31.08 2.61 10.97
N ILE A 177 32.20 2.26 11.59
CA ILE A 177 32.18 1.83 12.98
C ILE A 177 31.59 2.94 13.86
N MET A 178 32.06 4.17 13.69
CA MET A 178 31.57 5.27 14.53
C MET A 178 30.05 5.49 14.42
N GLY A 179 29.52 5.39 13.21
CA GLY A 179 28.09 5.59 13.01
C GLY A 179 27.26 4.54 13.72
N GLN A 180 27.70 3.28 13.63
CA GLN A 180 27.02 2.20 14.32
C GLN A 180 27.16 2.32 15.83
N MET A 181 28.31 2.80 16.31
CA MET A 181 28.45 3.04 17.75
C MET A 181 27.49 4.09 18.27
N MET A 182 27.25 5.11 17.45
CA MET A 182 26.36 6.20 17.88
C MET A 182 24.91 5.71 17.93
N THR A 183 24.48 4.92 16.94
CA THR A 183 23.12 4.38 16.99
C THR A 183 22.99 3.36 18.13
N ALA A 184 24.06 2.63 18.41
CA ALA A 184 24.05 1.70 19.53
C ALA A 184 23.84 2.44 20.86
N LEU A 185 24.66 3.47 21.09
CA LEU A 185 24.50 4.29 22.28
C LEU A 185 23.12 4.95 22.35
N GLY A 186 22.67 5.50 21.22
CA GLY A 186 21.35 6.12 21.17
C GLY A 186 20.21 5.18 21.50
N GLU A 187 20.24 3.97 20.90
CA GLU A 187 19.21 2.98 21.16
C GLU A 187 19.27 2.54 22.62
N GLY A 188 20.48 2.42 23.15
CA GLY A 188 20.64 2.01 24.53
C GLY A 188 20.05 3.03 25.48
N MET A 189 20.35 4.30 25.22
CA MET A 189 19.85 5.36 26.09
C MET A 189 18.33 5.50 25.97
N ALA A 190 17.81 5.32 24.75
CA ALA A 190 16.38 5.40 24.53
C ALA A 190 15.64 4.29 25.28
N LEU A 191 16.14 3.05 25.17
CA LEU A 191 15.55 1.92 25.87
C LEU A 191 15.67 2.14 27.37
N GLY A 192 16.84 2.60 27.81
CA GLY A 192 17.10 2.89 29.21
C GLY A 192 16.09 3.85 29.82
N ARG A 193 15.85 4.98 29.16
CA ARG A 193 14.85 5.94 29.64
C ARG A 193 13.45 5.31 29.73
N ASN A 194 13.09 4.53 28.72
CA ASN A 194 11.81 3.83 28.74
C ASN A 194 11.74 2.84 29.90
N CYS A 195 12.90 2.36 30.32
CA CYS A 195 12.99 1.42 31.44
C CYS A 195 12.90 2.14 32.78
N GLY A 196 12.95 3.48 32.74
CA GLY A 196 13.01 4.26 33.98
C GLY A 196 14.42 4.44 34.50
N LEU A 197 15.41 3.91 33.78
CA LEU A 197 16.81 4.04 34.21
C LEU A 197 17.27 5.50 34.27
N ASP A 198 18.18 5.78 35.20
CA ASP A 198 18.87 7.06 35.25
C ASP A 198 19.97 7.06 34.17
N GLY A 199 19.84 7.95 33.18
CA GLY A 199 20.79 7.98 32.09
C GLY A 199 22.22 8.22 32.51
N GLY A 200 22.40 9.08 33.50
CA GLY A 200 23.71 9.33 34.07
C GLY A 200 24.36 8.08 34.66
N GLN A 201 23.56 7.26 35.32
CA GLN A 201 24.06 5.99 35.86
C GLN A 201 24.43 5.04 34.73
N LEU A 202 23.60 4.96 33.70
CA LEU A 202 23.94 4.14 32.53
C LEU A 202 25.32 4.53 31.99
N LEU A 203 25.55 5.84 31.82
CA LEU A 203 26.85 6.31 31.31
C LEU A 203 27.99 5.95 32.27
N GLU A 204 27.71 6.00 33.55
CA GLU A 204 28.72 5.69 34.55
C GLU A 204 29.07 4.20 34.50
N VAL A 205 28.06 3.36 34.29
CA VAL A 205 28.30 1.92 34.15
C VAL A 205 29.12 1.63 32.89
N LEU A 206 28.78 2.28 31.78
CA LEU A 206 29.56 2.12 30.55
C LEU A 206 31.00 2.58 30.72
N ASP A 207 31.19 3.68 31.44
CA ASP A 207 32.53 4.24 31.59
C ASP A 207 33.43 3.43 32.54
N ALA A 208 32.84 2.50 33.28
CA ALA A 208 33.60 1.69 34.24
C ALA A 208 34.00 0.32 33.67
N GLY A 209 33.48 0.00 32.49
CA GLY A 209 33.67 -1.33 31.92
C GLY A 209 34.46 -1.33 30.62
N ALA A 210 34.41 -2.46 29.91
CA ALA A 210 35.29 -2.67 28.76
C ALA A 210 34.93 -1.83 27.53
N MET A 211 33.73 -1.25 27.51
CA MET A 211 33.32 -0.41 26.37
C MET A 211 33.68 1.07 26.56
N ALA A 212 34.20 1.42 27.73
CA ALA A 212 34.44 2.82 28.05
C ALA A 212 35.27 3.53 26.95
N ASN A 213 34.74 4.64 26.44
CA ASN A 213 35.46 5.44 25.45
C ASN A 213 35.05 6.91 25.52
N PRO A 214 35.92 7.80 25.03
CA PRO A 214 35.63 9.24 25.11
C PRO A 214 34.38 9.68 24.34
N MET A 215 34.10 9.03 23.21
N MET A 215 34.08 9.03 23.21
CA MET A 215 32.91 9.35 22.43
CA MET A 215 32.89 9.40 22.43
C MET A 215 31.65 9.18 23.27
C MET A 215 31.61 9.16 23.23
N PHE A 216 31.52 8.02 23.91
CA PHE A 216 30.36 7.75 24.76
C PHE A 216 30.25 8.79 25.88
N LYS A 217 31.37 9.14 26.48
CA LYS A 217 31.35 10.13 27.56
C LYS A 217 30.82 11.49 27.08
N GLY A 218 31.34 11.96 25.96
CA GLY A 218 30.95 13.25 25.42
C GLY A 218 29.56 13.28 24.80
N LYS A 219 29.27 12.32 23.93
CA LYS A 219 27.95 12.29 23.29
C LYS A 219 26.87 11.97 24.31
N GLY A 220 27.21 11.17 25.32
CA GLY A 220 26.26 10.82 26.36
C GLY A 220 25.69 12.06 27.04
N GLN A 221 26.52 13.05 27.26
CA GLN A 221 26.05 14.29 27.89
C GLN A 221 25.08 15.05 26.99
N MET A 222 25.28 14.98 25.67
CA MET A 222 24.31 15.58 24.75
C MET A 222 22.97 14.87 24.89
N LEU A 223 23.01 13.54 24.99
CA LEU A 223 21.77 12.77 25.10
C LEU A 223 21.02 13.15 26.36
N LEU A 224 21.74 13.39 27.45
CA LEU A 224 21.10 13.77 28.70
C LEU A 224 20.52 15.18 28.63
N SER A 225 21.25 16.09 28.00
CA SER A 225 20.83 17.49 27.96
C SER A 225 19.77 17.76 26.90
N GLY A 226 19.73 16.90 25.88
CA GLY A 226 18.86 17.12 24.74
C GLY A 226 19.35 18.25 23.84
N GLU A 227 20.61 18.63 24.01
CA GLU A 227 21.19 19.72 23.20
C GLU A 227 22.32 19.15 22.34
N PHE A 228 22.32 19.46 21.05
CA PHE A 228 23.27 18.84 20.12
C PHE A 228 24.08 19.86 19.32
N PRO A 229 24.88 20.68 20.02
CA PRO A 229 25.74 21.65 19.33
C PRO A 229 26.68 20.91 18.38
N THR A 230 26.85 21.44 17.17
CA THR A 230 27.45 20.66 16.09
C THR A 230 28.95 20.54 16.15
N SER A 231 29.45 19.31 16.35
CA SER A 231 30.88 19.04 16.14
C SER A 231 31.08 18.35 14.80
N PHE A 232 30.28 17.32 14.54
CA PHE A 232 30.31 16.62 13.26
C PHE A 232 28.88 16.60 12.76
N PRO A 233 28.59 17.35 11.67
CA PRO A 233 27.21 17.50 11.19
C PRO A 233 26.58 16.15 10.89
N LEU A 234 25.34 15.96 11.35
CA LEU A 234 24.64 14.70 11.12
C LEU A 234 24.59 14.35 9.62
N LYS A 235 24.33 15.35 8.77
CA LYS A 235 24.31 15.10 7.32
C LYS A 235 25.61 14.48 6.82
N HIS A 236 26.74 14.83 7.43
CA HIS A 236 28.02 14.27 6.97
C HIS A 236 28.27 12.87 7.49
N MET A 237 27.76 12.58 8.68
CA MET A 237 27.78 11.20 9.19
C MET A 237 26.96 10.31 8.24
N GLN A 238 25.80 10.81 7.82
CA GLN A 238 24.92 10.00 6.96
C GLN A 238 25.61 9.79 5.61
N LYS A 239 26.20 10.86 5.07
CA LYS A 239 27.03 10.77 3.87
C LYS A 239 28.14 9.69 4.01
N ASP A 240 28.83 9.65 5.15
CA ASP A 240 29.90 8.63 5.32
C ASP A 240 29.36 7.20 5.34
N LEU A 241 28.21 7.00 6.00
CA LEU A 241 27.58 5.69 5.96
C LEU A 241 27.12 5.31 4.54
N ARG A 242 26.48 6.25 3.85
CA ARG A 242 26.14 6.07 2.44
C ARG A 242 27.36 5.54 1.67
N LEU A 243 28.48 6.23 1.84
CA LEU A 243 29.69 5.88 1.10
C LEU A 243 30.24 4.52 1.50
N ALA A 244 30.17 4.18 2.79
CA ALA A 244 30.61 2.87 3.26
C ALA A 244 29.79 1.74 2.64
N VAL A 245 28.47 1.94 2.58
CA VAL A 245 27.57 0.96 1.97
C VAL A 245 27.84 0.81 0.48
N GLU A 246 28.12 1.93 -0.20
CA GLU A 246 28.44 1.86 -1.63
C GLU A 246 29.77 1.15 -1.86
N LEU A 247 30.73 1.38 -0.96
CA LEU A 247 32.02 0.70 -1.04
C LEU A 247 31.84 -0.80 -0.83
N GLY A 248 31.04 -1.17 0.16
CA GLY A 248 30.69 -2.56 0.38
C GLY A 248 30.05 -3.21 -0.84
N ASP A 249 29.16 -2.46 -1.49
CA ASP A 249 28.52 -2.93 -2.71
C ASP A 249 29.60 -3.27 -3.77
N ARG A 250 30.50 -2.34 -4.02
CA ARG A 250 31.59 -2.54 -5.01
C ARG A 250 32.50 -3.71 -4.67
N LEU A 251 32.78 -3.91 -3.38
CA LEU A 251 33.66 -5.01 -2.96
C LEU A 251 32.94 -6.31 -2.70
N GLY A 252 31.62 -6.32 -2.88
CA GLY A 252 30.85 -7.53 -2.61
C GLY A 252 30.83 -7.88 -1.12
N GLN A 253 30.84 -6.86 -0.27
CA GLN A 253 30.84 -7.05 1.18
C GLN A 253 29.49 -6.62 1.77
N PRO A 254 28.67 -7.59 2.21
CA PRO A 254 27.38 -7.25 2.84
C PRO A 254 27.60 -6.53 4.17
N LEU A 255 26.75 -5.56 4.47
CA LEU A 255 26.89 -4.78 5.70
C LEU A 255 25.51 -4.51 6.33
N HIS A 256 24.88 -5.54 6.87
CA HIS A 256 23.55 -5.36 7.45
C HIS A 256 23.52 -4.25 8.51
N GLY A 257 24.50 -4.24 9.40
CA GLY A 257 24.53 -3.27 10.48
C GLY A 257 24.69 -1.84 10.00
N ALA A 258 25.62 -1.65 9.07
CA ALA A 258 25.88 -0.33 8.50
C ALA A 258 24.68 0.18 7.71
N ALA A 259 24.06 -0.70 6.93
CA ALA A 259 22.88 -0.33 6.16
C ALA A 259 21.74 0.12 7.07
N THR A 260 21.52 -0.61 8.16
CA THR A 260 20.49 -0.23 9.12
C THR A 260 20.82 1.13 9.75
N ALA A 261 22.07 1.35 10.13
CA ALA A 261 22.42 2.61 10.76
C ALA A 261 22.27 3.76 9.75
N ASN A 262 22.67 3.50 8.50
CA ASN A 262 22.49 4.49 7.43
C ASN A 262 21.03 4.98 7.35
N GLU A 263 20.08 4.05 7.32
CA GLU A 263 18.67 4.44 7.26
C GLU A 263 18.19 5.20 8.50
N SER A 264 18.71 4.85 9.68
CA SER A 264 18.33 5.62 10.87
C SER A 264 18.81 7.05 10.77
N PHE A 265 20.02 7.25 10.25
CA PHE A 265 20.52 8.61 10.05
C PHE A 265 19.74 9.36 8.98
N LYS A 266 19.24 8.65 7.97
CA LYS A 266 18.36 9.28 7.01
C LYS A 266 17.07 9.74 7.69
N ARG A 267 16.54 8.93 8.61
CA ARG A 267 15.34 9.35 9.34
C ARG A 267 15.61 10.65 10.08
N ALA A 268 16.78 10.75 10.71
CA ALA A 268 17.12 11.95 11.47
C ALA A 268 17.25 13.19 10.58
N ARG A 269 17.85 13.03 9.41
CA ARG A 269 17.83 14.09 8.40
C ARG A 269 16.41 14.48 8.04
N ALA A 270 15.56 13.50 7.75
CA ALA A 270 14.19 13.78 7.36
C ALA A 270 13.45 14.56 8.44
N ALA A 271 13.77 14.28 9.69
CA ALA A 271 13.09 14.92 10.81
C ALA A 271 13.67 16.29 11.16
N GLY A 272 14.62 16.77 10.37
CA GLY A 272 15.10 18.15 10.52
C GLY A 272 16.39 18.33 11.30
N HIS A 273 17.16 17.26 11.51
CA HIS A 273 18.37 17.35 12.35
C HIS A 273 19.68 17.31 11.55
N ALA A 274 19.60 17.58 10.25
CA ALA A 274 20.77 17.44 9.37
C ALA A 274 21.96 18.29 9.81
N ASP A 275 21.69 19.47 10.36
CA ASP A 275 22.78 20.39 10.72
C ASP A 275 23.17 20.37 12.20
N GLU A 276 22.54 19.48 12.97
CA GLU A 276 22.91 19.30 14.36
C GLU A 276 24.06 18.31 14.45
N ASP A 277 24.63 18.13 15.63
CA ASP A 277 25.67 17.11 15.78
C ASP A 277 25.10 15.74 15.41
N PHE A 278 25.94 14.84 14.91
CA PHE A 278 25.46 13.51 14.56
C PHE A 278 24.85 12.73 15.72
N ALA A 279 25.17 13.13 16.95
CA ALA A 279 24.53 12.50 18.11
C ALA A 279 23.01 12.70 18.08
N ALA A 280 22.57 13.69 17.33
CA ALA A 280 21.15 14.00 17.26
C ALA A 280 20.30 12.91 16.60
N VAL A 281 20.95 11.85 16.10
CA VAL A 281 20.18 10.70 15.64
C VAL A 281 19.33 10.18 16.80
N PHE A 282 19.78 10.43 18.02
CA PHE A 282 19.00 10.05 19.20
C PHE A 282 17.57 10.58 19.13
N ARG A 283 17.40 11.73 18.50
CA ARG A 283 16.08 12.35 18.45
C ARG A 283 15.04 11.57 17.62
N VAL A 284 15.50 10.62 16.82
CA VAL A 284 14.56 9.76 16.10
C VAL A 284 14.58 8.33 16.65
N LEU A 285 15.47 8.07 17.60
CA LEU A 285 15.53 6.76 18.25
C LEU A 285 14.65 6.73 19.51
N GLU A 286 14.71 7.81 20.30
CA GLU A 286 13.81 7.99 21.43
C GLU A 286 12.54 8.59 20.89
N ALA A 287 11.41 8.29 21.52
CA ALA A 287 10.12 8.80 21.05
C ALA A 287 9.95 10.27 21.35
N THR B 2 10.11 5.08 -38.73
CA THR B 2 10.16 4.11 -39.83
C THR B 2 11.29 3.09 -39.64
N THR B 3 12.55 3.54 -39.61
CA THR B 3 13.65 2.61 -39.38
C THR B 3 14.08 2.58 -37.91
N TYR B 4 14.46 1.40 -37.43
CA TYR B 4 14.77 1.23 -36.00
C TYR B 4 16.14 0.65 -35.76
N GLY B 5 16.73 1.06 -34.63
CA GLY B 5 17.96 0.46 -34.14
C GLY B 5 17.72 -0.20 -32.79
N PHE B 6 18.54 -1.19 -32.46
CA PHE B 6 18.43 -1.83 -31.15
C PHE B 6 19.81 -2.16 -30.61
N LEU B 7 20.13 -1.61 -29.45
CA LEU B 7 21.44 -1.81 -28.84
C LEU B 7 21.27 -2.64 -27.59
N GLY B 8 21.97 -3.77 -27.50
CA GLY B 8 21.94 -4.56 -26.28
C GLY B 8 21.04 -5.77 -26.44
N LEU B 9 21.64 -6.90 -26.79
CA LEU B 9 20.84 -8.08 -27.05
C LEU B 9 21.00 -9.11 -25.94
N GLY B 10 20.55 -8.76 -24.74
CA GLY B 10 20.69 -9.63 -23.59
C GLY B 10 19.44 -10.46 -23.35
N ILE B 11 19.21 -10.87 -22.10
CA ILE B 11 18.04 -11.66 -21.75
C ILE B 11 16.76 -10.95 -22.18
N MET B 12 16.72 -9.63 -21.97
CA MET B 12 15.55 -8.84 -22.37
C MET B 12 15.65 -8.32 -23.81
N GLY B 13 16.83 -7.81 -24.17
CA GLY B 13 17.01 -7.16 -25.47
C GLY B 13 16.78 -8.10 -26.64
N GLY B 14 17.27 -9.34 -26.52
CA GLY B 14 17.11 -10.32 -27.58
C GLY B 14 15.67 -10.53 -28.02
N PRO B 15 14.82 -10.96 -27.08
CA PRO B 15 13.39 -11.15 -27.34
C PRO B 15 12.67 -9.87 -27.79
N MET B 16 13.07 -8.72 -27.25
CA MET B 16 12.46 -7.45 -27.65
C MET B 16 12.81 -7.10 -29.10
N ALA B 17 14.08 -7.17 -29.46
CA ALA B 17 14.49 -6.93 -30.84
C ALA B 17 13.77 -7.90 -31.78
N ALA B 18 13.66 -9.15 -31.35
CA ALA B 18 13.04 -10.17 -32.21
C ALA B 18 11.57 -9.84 -32.45
N ASN B 19 10.88 -9.33 -31.43
CA ASN B 19 9.48 -8.94 -31.60
C ASN B 19 9.36 -7.85 -32.65
N LEU B 20 10.31 -6.92 -32.66
CA LEU B 20 10.31 -5.85 -33.64
C LEU B 20 10.54 -6.39 -35.06
N VAL B 21 11.46 -7.34 -35.19
CA VAL B 21 11.72 -7.94 -36.51
C VAL B 21 10.50 -8.72 -37.01
N ARG B 22 9.91 -9.54 -36.14
CA ARG B 22 8.75 -10.35 -36.54
C ARG B 22 7.55 -9.48 -36.91
N ALA B 23 7.45 -8.31 -36.30
CA ALA B 23 6.34 -7.41 -36.57
C ALA B 23 6.55 -6.68 -37.90
N GLY B 24 7.71 -6.90 -38.52
CA GLY B 24 7.97 -6.36 -39.84
C GLY B 24 8.70 -5.03 -39.86
N PHE B 25 9.22 -4.61 -38.71
CA PHE B 25 10.00 -3.38 -38.68
C PHE B 25 11.38 -3.58 -39.31
N ASP B 26 11.91 -2.52 -39.92
CA ASP B 26 13.27 -2.52 -40.43
C ASP B 26 14.22 -2.26 -39.26
N VAL B 27 14.86 -3.33 -38.77
CA VAL B 27 15.67 -3.24 -37.55
C VAL B 27 17.14 -3.50 -37.79
N THR B 28 17.98 -2.64 -37.20
CA THR B 28 19.43 -2.84 -37.22
C THR B 28 19.88 -3.06 -35.78
N VAL B 29 20.62 -4.14 -35.53
CA VAL B 29 21.02 -4.46 -34.16
C VAL B 29 22.51 -4.30 -33.94
N TRP B 30 22.88 -4.12 -32.67
CA TRP B 30 24.28 -4.13 -32.25
C TRP B 30 24.36 -4.68 -30.84
N ASN B 31 25.43 -5.41 -30.55
CA ASN B 31 25.71 -5.84 -29.19
C ASN B 31 27.21 -5.83 -28.96
N ARG B 32 27.64 -5.38 -27.79
CA ARG B 32 29.07 -5.35 -27.47
C ARG B 32 29.72 -6.67 -27.88
N ASN B 33 29.11 -7.78 -27.49
CA ASN B 33 29.51 -9.10 -27.97
C ASN B 33 28.74 -9.45 -29.26
N PRO B 34 29.42 -9.36 -30.41
CA PRO B 34 28.79 -9.48 -31.73
C PRO B 34 28.07 -10.81 -31.95
N ALA B 35 28.47 -11.86 -31.25
CA ALA B 35 27.85 -13.17 -31.47
C ALA B 35 26.35 -13.18 -31.17
N LYS B 36 25.92 -12.29 -30.27
CA LYS B 36 24.52 -12.24 -29.89
C LYS B 36 23.60 -11.76 -31.02
N CYS B 37 24.18 -11.08 -32.00
CA CYS B 37 23.42 -10.57 -33.14
C CYS B 37 22.99 -11.66 -34.12
N ALA B 38 23.77 -12.73 -34.22
CA ALA B 38 23.52 -13.77 -35.22
C ALA B 38 22.07 -14.27 -35.31
N PRO B 39 21.46 -14.59 -34.15
CA PRO B 39 20.06 -15.06 -34.19
C PRO B 39 19.09 -14.00 -34.72
N LEU B 40 19.30 -12.74 -34.38
CA LEU B 40 18.46 -11.65 -34.88
C LEU B 40 18.65 -11.47 -36.39
N VAL B 41 19.90 -11.52 -36.83
CA VAL B 41 20.19 -11.43 -38.25
C VAL B 41 19.48 -12.55 -39.02
N ALA B 42 19.42 -13.74 -38.42
CA ALA B 42 18.76 -14.87 -39.06
C ALA B 42 17.25 -14.66 -39.21
N LEU B 43 16.69 -13.84 -38.32
CA LEU B 43 15.26 -13.50 -38.37
C LEU B 43 14.97 -12.40 -39.37
N GLY B 44 16.01 -11.67 -39.77
CA GLY B 44 15.83 -10.61 -40.75
C GLY B 44 16.31 -9.23 -40.33
N ALA B 45 17.02 -9.15 -39.20
CA ALA B 45 17.63 -7.89 -38.77
C ALA B 45 18.89 -7.59 -39.56
N ARG B 46 19.25 -6.31 -39.67
CA ARG B 46 20.56 -5.92 -40.19
C ARG B 46 21.49 -5.78 -38.99
N GLN B 47 22.80 -5.83 -39.21
CA GLN B 47 23.77 -5.69 -38.11
C GLN B 47 24.69 -4.50 -38.33
N ALA B 48 25.00 -3.78 -37.25
CA ALA B 48 25.92 -2.64 -37.34
C ALA B 48 27.15 -2.84 -36.46
N SER B 49 28.18 -2.04 -36.70
CA SER B 49 29.46 -2.20 -36.01
C SER B 49 29.59 -1.42 -34.71
N SER B 50 28.75 -0.40 -34.53
CA SER B 50 28.82 0.43 -33.33
C SER B 50 27.52 1.19 -33.08
N PRO B 51 27.30 1.63 -31.83
CA PRO B 51 26.14 2.47 -31.52
C PRO B 51 26.09 3.69 -32.44
N ALA B 52 27.24 4.33 -32.66
CA ALA B 52 27.29 5.51 -33.54
C ALA B 52 26.68 5.19 -34.90
N GLU B 53 27.12 4.08 -35.48
CA GLU B 53 26.62 3.63 -36.78
C GLU B 53 25.09 3.45 -36.75
N VAL B 54 24.58 2.79 -35.71
CA VAL B 54 23.15 2.59 -35.59
C VAL B 54 22.40 3.93 -35.50
N CYS B 55 22.88 4.82 -34.65
CA CYS B 55 22.16 6.07 -34.39
C CYS B 55 22.28 7.08 -35.53
N ALA B 56 23.28 6.92 -36.39
CA ALA B 56 23.41 7.80 -37.54
C ALA B 56 22.44 7.42 -38.66
N ALA B 57 22.00 6.16 -38.66
CA ALA B 57 21.22 5.63 -39.78
C ALA B 57 19.75 5.33 -39.48
N CYS B 58 19.39 5.21 -38.21
CA CYS B 58 18.03 4.82 -37.85
C CYS B 58 17.22 5.97 -37.26
N ASP B 59 15.94 6.03 -37.64
CA ASP B 59 15.04 7.06 -37.12
C ASP B 59 14.85 6.99 -35.59
N ILE B 60 14.74 5.76 -35.09
CA ILE B 60 14.53 5.54 -33.66
C ILE B 60 15.37 4.37 -33.20
N THR B 61 16.23 4.59 -32.21
CA THR B 61 17.09 3.53 -31.68
C THR B 61 16.75 3.26 -30.23
N ILE B 62 16.58 1.97 -29.91
CA ILE B 62 16.27 1.51 -28.56
C ILE B 62 17.50 0.86 -27.91
N ALA B 63 17.73 1.13 -26.63
CA ALA B 63 18.78 0.43 -25.90
C ALA B 63 18.22 -0.38 -24.73
N MET B 64 18.78 -1.57 -24.52
CA MET B 64 18.36 -2.41 -23.39
C MET B 64 19.62 -2.97 -22.71
N LEU B 65 20.22 -2.17 -21.82
CA LEU B 65 21.55 -2.47 -21.28
C LEU B 65 21.54 -2.77 -19.78
N ALA B 66 22.63 -3.32 -19.27
CA ALA B 66 22.65 -3.89 -17.91
C ALA B 66 22.38 -2.89 -16.80
N ASP B 67 23.06 -1.74 -16.84
CA ASP B 67 23.11 -0.87 -15.68
C ASP B 67 23.57 0.54 -16.06
N PRO B 68 23.57 1.47 -15.09
CA PRO B 68 23.98 2.83 -15.43
C PRO B 68 25.39 2.89 -16.06
N ALA B 69 26.32 2.09 -15.56
CA ALA B 69 27.66 2.06 -16.15
C ALA B 69 27.59 1.75 -17.65
N ALA B 70 26.86 0.69 -17.99
CA ALA B 70 26.72 0.30 -19.39
C ALA B 70 26.01 1.37 -20.21
N ALA B 71 24.94 1.91 -19.67
CA ALA B 71 24.15 2.89 -20.40
C ALA B 71 24.99 4.12 -20.69
N ARG B 72 25.80 4.54 -19.72
CA ARG B 72 26.66 5.71 -19.90
C ARG B 72 27.77 5.44 -20.91
N GLU B 73 28.33 4.24 -20.90
CA GLU B 73 29.43 3.93 -21.81
C GLU B 73 28.94 3.88 -23.25
N VAL B 74 27.77 3.28 -23.47
CA VAL B 74 27.21 3.22 -24.82
C VAL B 74 26.85 4.62 -25.35
N CYS B 75 26.42 5.50 -24.45
CA CYS B 75 26.07 6.86 -24.83
C CYS B 75 27.31 7.73 -25.06
N PHE B 76 28.15 7.85 -24.03
CA PHE B 76 29.27 8.80 -24.05
C PHE B 76 30.60 8.26 -24.57
N GLY B 77 30.72 6.95 -24.73
CA GLY B 77 32.00 6.35 -25.11
C GLY B 77 32.37 6.51 -26.58
N ALA B 78 33.56 6.07 -26.95
CA ALA B 78 34.01 6.12 -28.34
C ALA B 78 33.05 5.34 -29.23
N ASN B 79 32.72 5.90 -30.39
CA ASN B 79 31.79 5.25 -31.31
C ASN B 79 30.42 5.07 -30.67
N GLY B 80 30.15 5.86 -29.65
CA GLY B 80 28.89 5.76 -28.93
C GLY B 80 27.75 6.52 -29.57
N VAL B 81 26.62 6.53 -28.87
CA VAL B 81 25.40 7.10 -29.38
C VAL B 81 25.57 8.55 -29.83
N LEU B 82 26.35 9.31 -29.06
CA LEU B 82 26.48 10.74 -29.31
C LEU B 82 27.24 11.05 -30.60
N GLU B 83 28.07 10.11 -31.04
CA GLU B 83 28.84 10.33 -32.26
C GLU B 83 27.99 10.10 -33.51
N GLY B 84 26.76 9.62 -33.32
CA GLY B 84 25.89 9.35 -34.45
C GLY B 84 24.52 10.02 -34.42
N ILE B 85 23.98 10.24 -33.23
CA ILE B 85 22.62 10.75 -33.09
C ILE B 85 22.55 12.20 -33.55
N GLY B 86 21.40 12.63 -34.03
CA GLY B 86 21.24 13.97 -34.54
C GLY B 86 20.03 14.06 -35.47
N GLY B 87 19.83 15.24 -36.03
CA GLY B 87 18.80 15.45 -37.05
C GLY B 87 17.40 15.07 -36.61
N GLY B 88 17.14 15.12 -35.31
CA GLY B 88 15.83 14.77 -34.79
C GLY B 88 15.63 13.28 -34.61
N ARG B 89 16.66 12.48 -34.91
CA ARG B 89 16.57 11.04 -34.69
C ARG B 89 16.45 10.77 -33.19
N GLY B 90 15.78 9.69 -32.84
CA GLY B 90 15.43 9.42 -31.45
C GLY B 90 16.25 8.32 -30.80
N TYR B 91 16.50 8.49 -29.51
CA TYR B 91 17.13 7.45 -28.71
C TYR B 91 16.19 7.13 -27.54
N ILE B 92 15.85 5.85 -27.43
CA ILE B 92 14.94 5.42 -26.37
C ILE B 92 15.70 4.43 -25.50
N ASP B 93 16.08 4.85 -24.30
CA ASP B 93 16.85 3.97 -23.44
C ASP B 93 15.92 3.25 -22.50
N MET B 94 15.78 1.93 -22.69
CA MET B 94 14.85 1.14 -21.90
C MET B 94 15.55 0.41 -20.74
N SER B 95 16.84 0.69 -20.56
CA SER B 95 17.62 0.09 -19.47
C SER B 95 17.08 0.53 -18.12
N THR B 96 17.25 -0.30 -17.09
CA THR B 96 16.92 0.16 -15.75
C THR B 96 18.12 0.87 -15.12
N VAL B 97 18.00 2.19 -15.01
CA VAL B 97 19.06 3.02 -14.47
C VAL B 97 18.47 4.04 -13.47
N ASP B 98 19.33 4.82 -12.82
CA ASP B 98 18.85 5.88 -11.94
C ASP B 98 18.45 7.10 -12.76
N ASP B 99 17.67 8.00 -12.16
CA ASP B 99 17.18 9.19 -12.86
C ASP B 99 18.30 10.19 -13.17
N GLU B 100 19.38 10.17 -12.42
CA GLU B 100 20.49 11.05 -12.75
C GLU B 100 21.16 10.62 -14.05
N THR B 101 21.27 9.32 -14.25
CA THR B 101 21.86 8.78 -15.47
C THR B 101 20.99 9.07 -16.67
N SER B 102 19.68 8.82 -16.57
CA SER B 102 18.84 9.03 -17.73
C SER B 102 18.74 10.52 -18.06
N THR B 103 18.74 11.37 -17.04
CA THR B 103 18.71 12.82 -17.26
C THR B 103 19.95 13.29 -18.01
N ALA B 104 21.10 12.78 -17.60
CA ALA B 104 22.38 13.17 -18.21
C ALA B 104 22.46 12.69 -19.65
N ILE B 105 22.01 11.46 -19.90
CA ILE B 105 21.98 10.92 -21.25
C ILE B 105 21.03 11.74 -22.12
N GLY B 106 19.84 12.00 -21.60
CA GLY B 106 18.87 12.84 -22.30
C GLY B 106 19.41 14.21 -22.65
N ALA B 107 20.05 14.86 -21.70
CA ALA B 107 20.59 16.19 -21.93
C ALA B 107 21.62 16.17 -23.06
N ALA B 108 22.50 15.16 -23.04
CA ALA B 108 23.55 15.06 -24.05
C ALA B 108 22.96 14.79 -25.44
N VAL B 109 21.97 13.90 -25.50
CA VAL B 109 21.35 13.55 -26.77
C VAL B 109 20.67 14.76 -27.38
N THR B 110 19.94 15.50 -26.56
CA THR B 110 19.22 16.69 -26.99
C THR B 110 20.17 17.79 -27.49
N ALA B 111 21.33 17.93 -26.84
CA ALA B 111 22.31 18.93 -27.25
C ALA B 111 22.92 18.57 -28.60
N ARG B 112 22.87 17.29 -28.96
CA ARG B 112 23.39 16.83 -30.24
C ARG B 112 22.35 16.92 -31.35
N GLY B 113 21.17 17.43 -31.01
CA GLY B 113 20.09 17.57 -31.98
C GLY B 113 19.20 16.35 -32.09
N GLY B 114 19.37 15.39 -31.18
CA GLY B 114 18.50 14.22 -31.15
C GLY B 114 17.33 14.39 -30.18
N ARG B 115 16.41 13.42 -30.20
CA ARG B 115 15.33 13.39 -29.21
C ARG B 115 15.52 12.20 -28.27
N PHE B 116 15.19 12.39 -26.99
CA PHE B 116 15.41 11.35 -26.00
C PHE B 116 14.16 10.99 -25.22
N LEU B 117 13.99 9.70 -25.00
CA LEU B 117 12.94 9.15 -24.16
C LEU B 117 13.53 8.03 -23.30
N GLU B 118 13.26 8.02 -22.01
CA GLU B 118 13.60 6.84 -21.20
C GLU B 118 12.34 5.99 -21.15
N ALA B 119 12.49 4.66 -21.14
CA ALA B 119 11.33 3.80 -21.12
C ALA B 119 11.62 2.44 -20.48
N PRO B 120 12.03 2.45 -19.20
CA PRO B 120 12.29 1.18 -18.52
C PRO B 120 11.00 0.38 -18.46
N VAL B 121 11.09 -0.92 -18.23
CA VAL B 121 9.92 -1.78 -18.31
C VAL B 121 9.71 -2.63 -17.05
N SER B 122 8.46 -2.97 -16.80
CA SER B 122 8.12 -3.91 -15.75
C SER B 122 7.67 -5.17 -16.45
N GLY B 123 8.22 -6.31 -16.05
CA GLY B 123 7.99 -7.59 -16.71
C GLY B 123 9.32 -8.24 -17.05
N THR B 124 9.37 -9.56 -16.94
CA THR B 124 10.64 -10.27 -17.01
C THR B 124 10.84 -10.94 -18.37
N LYS B 125 11.57 -12.06 -18.39
CA LYS B 125 11.94 -12.70 -19.65
C LYS B 125 10.73 -13.14 -20.49
N LYS B 126 9.78 -13.83 -19.88
CA LYS B 126 8.60 -14.30 -20.62
C LYS B 126 7.77 -13.14 -21.18
N PRO B 127 7.44 -12.14 -20.34
CA PRO B 127 6.75 -10.97 -20.87
C PRO B 127 7.52 -10.29 -22.02
N ALA B 128 8.84 -10.24 -21.94
CA ALA B 128 9.64 -9.69 -23.04
C ALA B 128 9.43 -10.52 -24.32
N GLU B 129 9.49 -11.85 -24.19
CA GLU B 129 9.25 -12.74 -25.32
C GLU B 129 7.86 -12.55 -25.91
N ASP B 130 6.86 -12.40 -25.02
CA ASP B 130 5.46 -12.36 -25.42
C ASP B 130 4.96 -10.99 -25.87
N GLY B 131 5.77 -9.96 -25.65
CA GLY B 131 5.35 -8.60 -25.97
C GLY B 131 4.30 -8.08 -25.01
N THR B 132 4.40 -8.49 -23.74
CA THR B 132 3.44 -8.05 -22.73
C THR B 132 4.10 -7.25 -21.60
N LEU B 133 5.20 -6.56 -21.94
CA LEU B 133 5.85 -5.67 -21.01
C LEU B 133 4.95 -4.50 -20.63
N ILE B 134 5.18 -3.93 -19.45
CA ILE B 134 4.59 -2.65 -19.06
C ILE B 134 5.66 -1.58 -19.27
N ILE B 135 5.40 -0.62 -20.14
CA ILE B 135 6.42 0.37 -20.51
C ILE B 135 6.21 1.70 -19.76
N LEU B 136 7.26 2.15 -19.07
CA LEU B 136 7.16 3.28 -18.16
C LEU B 136 7.98 4.44 -18.71
N ALA B 137 7.45 5.11 -19.71
CA ALA B 137 8.21 6.10 -20.48
C ALA B 137 8.16 7.50 -19.87
N ALA B 138 9.17 8.31 -20.18
CA ALA B 138 9.23 9.70 -19.74
C ALA B 138 10.19 10.43 -20.65
N GLY B 139 9.89 11.70 -20.95
CA GLY B 139 10.72 12.47 -21.85
C GLY B 139 9.97 13.02 -23.05
N ASP B 140 10.65 13.07 -24.20
CA ASP B 140 10.15 13.80 -25.37
C ASP B 140 8.81 13.24 -25.88
N GLN B 141 7.77 14.08 -25.87
CA GLN B 141 6.42 13.64 -26.24
C GLN B 141 6.29 13.22 -27.70
N SER B 142 6.95 13.94 -28.60
CA SER B 142 6.85 13.59 -30.02
C SER B 142 7.52 12.24 -30.27
N LEU B 143 8.55 11.93 -29.49
CA LEU B 143 9.20 10.62 -29.64
C LEU B 143 8.29 9.50 -29.10
N PHE B 144 7.66 9.76 -27.95
CA PHE B 144 6.69 8.80 -27.40
C PHE B 144 5.63 8.46 -28.43
N THR B 145 5.09 9.48 -29.10
CA THR B 145 4.09 9.25 -30.14
C THR B 145 4.68 8.47 -31.33
N ASP B 146 5.86 8.88 -31.79
CA ASP B 146 6.51 8.21 -32.92
C ASP B 146 6.80 6.74 -32.63
N ALA B 147 7.08 6.43 -31.35
CA ALA B 147 7.44 5.06 -30.98
C ALA B 147 6.22 4.17 -30.70
N GLY B 148 5.03 4.74 -30.78
CA GLY B 148 3.81 3.99 -30.54
C GLY B 148 3.72 2.62 -31.19
N PRO B 149 3.94 2.55 -32.51
CA PRO B 149 3.87 1.23 -33.15
C PRO B 149 4.90 0.23 -32.61
N ALA B 150 6.11 0.68 -32.30
CA ALA B 150 7.11 -0.23 -31.74
C ALA B 150 6.69 -0.65 -30.33
N PHE B 151 6.22 0.31 -29.52
CA PHE B 151 5.81 0.00 -28.16
C PHE B 151 4.66 -1.03 -28.17
N ALA B 152 3.83 -0.95 -29.20
CA ALA B 152 2.69 -1.87 -29.30
C ALA B 152 3.17 -3.31 -29.54
N ALA B 153 4.34 -3.47 -30.17
CA ALA B 153 4.89 -4.79 -30.43
C ALA B 153 5.72 -5.29 -29.24
N LEU B 154 6.12 -4.38 -28.36
CA LEU B 154 6.95 -4.77 -27.21
C LEU B 154 6.15 -4.98 -25.93
N GLY B 155 5.02 -4.28 -25.79
CA GLY B 155 4.34 -4.24 -24.51
C GLY B 155 2.83 -4.28 -24.61
N LYS B 156 2.17 -4.46 -23.47
CA LYS B 156 0.72 -4.50 -23.39
C LYS B 156 0.16 -3.20 -22.80
N LYS B 157 1.05 -2.40 -22.24
CA LYS B 157 0.64 -1.18 -21.56
C LYS B 157 1.81 -0.21 -21.60
N CYS B 158 1.54 1.04 -21.97
CA CYS B 158 2.60 2.03 -21.98
CA CYS B 158 2.59 2.04 -22.03
C CYS B 158 2.10 3.35 -21.43
N LEU B 159 2.84 3.89 -20.47
CA LEU B 159 2.49 5.15 -19.82
C LEU B 159 3.53 6.20 -20.17
N HIS B 160 3.11 7.44 -20.26
CA HIS B 160 4.05 8.55 -20.30
C HIS B 160 3.93 9.28 -18.97
N LEU B 161 5.02 9.30 -18.22
CA LEU B 161 4.99 9.73 -16.82
C LEU B 161 5.54 11.13 -16.60
N GLY B 162 5.87 11.82 -17.70
CA GLY B 162 6.30 13.21 -17.61
C GLY B 162 7.74 13.45 -18.01
N GLU B 163 8.43 14.28 -17.24
CA GLU B 163 9.82 14.65 -17.56
C GLU B 163 10.77 13.49 -17.33
N VAL B 164 11.89 13.47 -18.07
CA VAL B 164 12.91 12.45 -17.90
C VAL B 164 13.23 12.32 -16.41
N GLY B 165 13.39 11.08 -15.95
CA GLY B 165 13.60 10.81 -14.55
C GLY B 165 12.40 10.15 -13.89
N GLN B 166 11.20 10.56 -14.29
CA GLN B 166 9.98 10.00 -13.70
C GLN B 166 9.80 8.51 -14.03
N GLY B 167 10.20 8.08 -15.21
CA GLY B 167 10.09 6.68 -15.58
C GLY B 167 11.06 5.84 -14.75
N ALA B 168 12.30 6.32 -14.64
CA ALA B 168 13.30 5.62 -13.85
C ALA B 168 12.84 5.52 -12.40
N ARG B 169 12.28 6.61 -11.86
CA ARG B 169 11.80 6.57 -10.48
C ARG B 169 10.68 5.55 -10.28
N MET B 170 9.70 5.55 -11.18
CA MET B 170 8.62 4.58 -11.10
C MET B 170 9.16 3.14 -11.17
N LYS B 171 10.07 2.90 -12.10
CA LYS B 171 10.67 1.57 -12.22
C LYS B 171 11.41 1.16 -10.94
N LEU B 172 12.17 2.08 -10.35
CA LEU B 172 12.95 1.70 -9.17
C LEU B 172 12.02 1.46 -7.99
N VAL B 173 10.92 2.22 -7.92
CA VAL B 173 9.94 2.05 -6.85
C VAL B 173 9.29 0.67 -6.97
N VAL B 174 8.85 0.33 -8.18
CA VAL B 174 8.22 -0.97 -8.41
C VAL B 174 9.18 -2.13 -8.10
N ASN B 175 10.43 -2.04 -8.56
CA ASN B 175 11.35 -3.14 -8.30
C ASN B 175 11.82 -3.23 -6.86
N MET B 176 11.78 -2.11 -6.14
CA MET B 176 12.12 -2.13 -4.72
C MET B 176 11.09 -2.96 -3.96
N ILE B 177 9.83 -2.75 -4.31
CA ILE B 177 8.76 -3.57 -3.75
C ILE B 177 8.98 -5.04 -4.12
N MET B 178 9.32 -5.30 -5.38
CA MET B 178 9.53 -6.69 -5.82
C MET B 178 10.65 -7.40 -5.07
N GLY B 179 11.73 -6.67 -4.83
CA GLY B 179 12.89 -7.22 -4.15
C GLY B 179 12.55 -7.60 -2.73
N GLN B 180 11.80 -6.73 -2.05
CA GLN B 180 11.34 -7.01 -0.69
C GLN B 180 10.33 -8.16 -0.65
N MET B 181 9.48 -8.27 -1.68
CA MET B 181 8.56 -9.42 -1.72
C MET B 181 9.33 -10.73 -1.87
N MET B 182 10.43 -10.70 -2.60
CA MET B 182 11.22 -11.91 -2.81
CA MET B 182 11.19 -11.93 -2.82
C MET B 182 11.87 -12.38 -1.53
N THR B 183 12.49 -11.45 -0.80
CA THR B 183 13.09 -11.84 0.48
C THR B 183 12.02 -12.25 1.49
N ALA B 184 10.85 -11.60 1.43
CA ALA B 184 9.73 -11.99 2.29
C ALA B 184 9.32 -13.44 2.01
N LEU B 185 9.09 -13.75 0.75
CA LEU B 185 8.71 -15.12 0.37
C LEU B 185 9.80 -16.10 0.78
N GLY B 186 11.06 -15.74 0.52
CA GLY B 186 12.19 -16.59 0.81
C GLY B 186 12.37 -16.84 2.30
N GLU B 187 12.23 -15.80 3.12
CA GLU B 187 12.33 -15.98 4.55
C GLU B 187 11.19 -16.84 5.08
N GLY B 188 10.00 -16.64 4.52
CA GLY B 188 8.84 -17.42 4.92
C GLY B 188 9.01 -18.90 4.60
N MET B 189 9.45 -19.19 3.39
CA MET B 189 9.65 -20.59 2.99
C MET B 189 10.77 -21.22 3.80
N ALA B 190 11.81 -20.44 4.08
CA ALA B 190 12.91 -20.97 4.88
C ALA B 190 12.43 -21.31 6.29
N LEU B 191 11.68 -20.40 6.91
CA LEU B 191 11.18 -20.63 8.26
C LEU B 191 10.22 -21.82 8.26
N GLY B 192 9.35 -21.85 7.24
CA GLY B 192 8.33 -22.87 7.11
C GLY B 192 8.94 -24.26 6.99
N ARG B 193 9.98 -24.38 6.16
CA ARG B 193 10.66 -25.66 5.98
C ARG B 193 11.30 -26.10 7.29
N ASN B 194 11.89 -25.13 7.99
CA ASN B 194 12.48 -25.38 9.30
C ASN B 194 11.43 -25.81 10.33
N CYS B 195 10.20 -25.34 10.16
CA CYS B 195 9.09 -25.70 11.04
C CYS B 195 8.51 -27.08 10.75
N GLY B 196 9.02 -27.75 9.71
CA GLY B 196 8.46 -29.02 9.30
C GLY B 196 7.17 -28.92 8.49
N LEU B 197 6.87 -27.74 7.96
CA LEU B 197 5.67 -27.56 7.14
C LEU B 197 5.95 -27.98 5.70
N ASP B 198 4.89 -28.38 5.01
CA ASP B 198 4.99 -28.72 3.60
C ASP B 198 5.03 -27.42 2.80
N GLY B 199 6.12 -27.22 2.05
CA GLY B 199 6.28 -26.00 1.27
C GLY B 199 5.14 -25.80 0.26
N GLY B 200 4.67 -26.90 -0.33
CA GLY B 200 3.57 -26.83 -1.27
C GLY B 200 2.29 -26.33 -0.64
N GLN B 201 2.02 -26.76 0.58
CA GLN B 201 0.86 -26.28 1.33
C GLN B 201 0.98 -24.81 1.69
N LEU B 202 2.16 -24.39 2.11
CA LEU B 202 2.37 -22.97 2.36
C LEU B 202 1.97 -22.17 1.11
N LEU B 203 2.51 -22.55 -0.04
CA LEU B 203 2.20 -21.86 -1.29
C LEU B 203 0.69 -21.88 -1.59
N GLU B 204 0.06 -23.00 -1.26
CA GLU B 204 -1.38 -23.15 -1.44
C GLU B 204 -2.19 -22.21 -0.54
N VAL B 205 -1.75 -22.06 0.70
CA VAL B 205 -2.44 -21.17 1.63
C VAL B 205 -2.26 -19.75 1.14
N LEU B 206 -1.04 -19.40 0.73
CA LEU B 206 -0.79 -18.07 0.18
C LEU B 206 -1.67 -17.79 -1.03
N ASP B 207 -1.81 -18.77 -1.92
CA ASP B 207 -2.58 -18.57 -3.13
C ASP B 207 -4.09 -18.47 -2.90
N ALA B 208 -4.57 -18.90 -1.73
CA ALA B 208 -5.99 -18.85 -1.43
C ALA B 208 -6.42 -17.53 -0.78
N GLY B 209 -5.45 -16.72 -0.37
CA GLY B 209 -5.72 -15.54 0.43
C GLY B 209 -5.45 -14.21 -0.27
N ALA B 210 -5.44 -13.14 0.52
CA ALA B 210 -5.31 -11.78 0.01
C ALA B 210 -3.95 -11.47 -0.62
N MET B 211 -2.91 -12.22 -0.28
CA MET B 211 -1.58 -11.99 -0.85
C MET B 211 -1.35 -12.69 -2.19
N ALA B 212 -2.31 -13.52 -2.63
CA ALA B 212 -2.09 -14.35 -3.82
C ALA B 212 -1.61 -13.54 -5.04
N ASN B 213 -0.54 -13.98 -5.68
CA ASN B 213 -0.01 -13.31 -6.86
C ASN B 213 0.84 -14.23 -7.74
N PRO B 214 0.95 -13.91 -9.04
CA PRO B 214 1.73 -14.76 -9.97
C PRO B 214 3.19 -14.97 -9.56
N MET B 215 3.82 -13.93 -9.01
CA MET B 215 5.21 -14.05 -8.60
C MET B 215 5.41 -15.12 -7.52
N PHE B 216 4.59 -15.11 -6.47
CA PHE B 216 4.68 -16.16 -5.45
C PHE B 216 4.49 -17.55 -6.05
N LYS B 217 3.53 -17.66 -6.96
CA LYS B 217 3.26 -18.95 -7.57
C LYS B 217 4.47 -19.46 -8.37
N GLY B 218 5.04 -18.59 -9.20
CA GLY B 218 6.17 -18.94 -10.05
C GLY B 218 7.48 -19.14 -9.31
N LYS B 219 7.85 -18.16 -8.48
CA LYS B 219 9.10 -18.24 -7.74
C LYS B 219 9.00 -19.32 -6.65
N GLY B 220 7.80 -19.48 -6.11
CA GLY B 220 7.57 -20.52 -5.12
C GLY B 220 8.02 -21.88 -5.64
N GLN B 221 7.68 -22.20 -6.87
CA GLN B 221 8.12 -23.47 -7.45
C GLN B 221 9.64 -23.61 -7.55
N MET B 222 10.36 -22.50 -7.77
CA MET B 222 11.82 -22.54 -7.79
C MET B 222 12.34 -22.90 -6.41
N LEU B 223 11.72 -22.29 -5.40
CA LEU B 223 12.11 -22.55 -4.03
C LEU B 223 11.94 -24.03 -3.68
N LEU B 224 10.87 -24.64 -4.17
CA LEU B 224 10.66 -26.06 -3.89
C LEU B 224 11.67 -26.94 -4.62
N SER B 225 11.98 -26.60 -5.86
CA SER B 225 12.83 -27.45 -6.69
C SER B 225 14.32 -27.23 -6.41
N GLY B 226 14.67 -26.04 -5.95
CA GLY B 226 16.07 -25.69 -5.75
C GLY B 226 16.79 -25.35 -7.04
N GLU B 227 16.02 -25.10 -8.09
CA GLU B 227 16.57 -24.74 -9.40
C GLU B 227 16.16 -23.32 -9.70
N PHE B 228 17.12 -22.49 -10.10
CA PHE B 228 16.84 -21.08 -10.35
C PHE B 228 17.23 -20.60 -11.75
N PRO B 229 16.62 -21.21 -12.79
CA PRO B 229 16.90 -20.78 -14.16
C PRO B 229 16.59 -19.29 -14.30
N THR B 230 17.46 -18.57 -14.98
CA THR B 230 17.45 -17.10 -14.91
C THR B 230 16.40 -16.41 -15.77
N SER B 231 15.45 -15.74 -15.13
CA SER B 231 14.55 -14.82 -15.83
C SER B 231 15.00 -13.39 -15.58
N PHE B 232 15.27 -13.07 -14.32
CA PHE B 232 15.82 -11.76 -13.95
C PHE B 232 17.08 -12.02 -13.12
N PRO B 233 18.25 -11.72 -13.68
CA PRO B 233 19.50 -12.02 -12.97
C PRO B 233 19.55 -11.42 -11.57
N LEU B 234 20.03 -12.22 -10.62
CA LEU B 234 20.13 -11.76 -9.25
C LEU B 234 20.98 -10.48 -9.12
N LYS B 235 22.08 -10.40 -9.88
CA LYS B 235 22.91 -9.18 -9.86
C LYS B 235 22.15 -7.93 -10.28
N HIS B 236 21.18 -8.06 -11.21
CA HIS B 236 20.38 -6.89 -11.62
C HIS B 236 19.33 -6.50 -10.56
N MET B 237 18.78 -7.49 -9.86
CA MET B 237 17.91 -7.19 -8.72
C MET B 237 18.68 -6.41 -7.66
N GLN B 238 19.91 -6.86 -7.38
CA GLN B 238 20.72 -6.17 -6.37
C GLN B 238 21.03 -4.74 -6.79
N LYS B 239 21.42 -4.57 -8.06
CA LYS B 239 21.60 -3.25 -8.66
C LYS B 239 20.37 -2.36 -8.50
N ASP B 240 19.19 -2.92 -8.77
CA ASP B 240 17.96 -2.13 -8.63
C ASP B 240 17.71 -1.68 -7.19
N LEU B 241 17.95 -2.57 -6.23
CA LEU B 241 17.81 -2.18 -4.82
C LEU B 241 18.87 -1.14 -4.39
N ARG B 242 20.10 -1.33 -4.85
CA ARG B 242 21.15 -0.32 -4.69
C ARG B 242 20.66 1.05 -5.16
N LEU B 243 20.11 1.10 -6.37
CA LEU B 243 19.62 2.37 -6.94
C LEU B 243 18.43 2.93 -6.17
N ALA B 244 17.54 2.06 -5.70
CA ALA B 244 16.42 2.54 -4.88
C ALA B 244 16.90 3.17 -3.57
N VAL B 245 17.85 2.53 -2.93
CA VAL B 245 18.42 3.08 -1.70
C VAL B 245 19.10 4.43 -1.95
N GLU B 246 19.81 4.55 -3.07
CA GLU B 246 20.47 5.83 -3.39
C GLU B 246 19.45 6.91 -3.73
N LEU B 247 18.38 6.54 -4.43
CA LEU B 247 17.29 7.49 -4.71
C LEU B 247 16.64 7.94 -3.39
N GLY B 248 16.37 7.00 -2.49
CA GLY B 248 15.84 7.36 -1.19
C GLY B 248 16.76 8.34 -0.46
N ASP B 249 18.06 8.11 -0.60
CA ASP B 249 19.08 8.97 0.00
C ASP B 249 18.91 10.42 -0.53
N ARG B 250 18.83 10.57 -1.84
CA ARG B 250 18.69 11.91 -2.43
C ARG B 250 17.39 12.59 -2.01
N LEU B 251 16.32 11.83 -1.85
CA LEU B 251 15.02 12.41 -1.52
C LEU B 251 14.77 12.51 -0.02
N GLY B 252 15.73 12.09 0.79
CA GLY B 252 15.56 12.12 2.22
C GLY B 252 14.48 11.15 2.68
N GLN B 253 14.35 10.02 1.99
CA GLN B 253 13.37 8.99 2.34
C GLN B 253 14.05 7.77 2.92
N PRO B 254 13.87 7.53 4.23
CA PRO B 254 14.48 6.34 4.83
C PRO B 254 13.78 5.08 4.34
N LEU B 255 14.56 4.01 4.18
CA LEU B 255 14.04 2.75 3.64
C LEU B 255 14.68 1.56 4.34
N HIS B 256 14.32 1.35 5.61
CA HIS B 256 14.88 0.23 6.37
C HIS B 256 14.68 -1.12 5.70
N GLY B 257 13.48 -1.35 5.16
CA GLY B 257 13.18 -2.63 4.52
C GLY B 257 13.99 -2.88 3.25
N ALA B 258 14.04 -1.87 2.39
CA ALA B 258 14.80 -1.98 1.14
C ALA B 258 16.29 -2.16 1.43
N ALA B 259 16.80 -1.46 2.45
CA ALA B 259 18.21 -1.51 2.78
C ALA B 259 18.58 -2.90 3.28
N THR B 260 17.72 -3.47 4.13
CA THR B 260 17.94 -4.84 4.61
C THR B 260 17.90 -5.85 3.47
N ALA B 261 16.94 -5.71 2.56
CA ALA B 261 16.85 -6.61 1.40
C ALA B 261 18.06 -6.48 0.48
N ASN B 262 18.52 -5.25 0.30
CA ASN B 262 19.71 -4.98 -0.50
C ASN B 262 20.91 -5.77 0.04
N GLU B 263 21.12 -5.74 1.36
CA GLU B 263 22.26 -6.45 1.94
C GLU B 263 22.11 -7.97 1.82
N SER B 264 20.89 -8.48 1.94
CA SER B 264 20.67 -9.93 1.73
C SER B 264 21.00 -10.31 0.28
N PHE B 265 20.61 -9.47 -0.67
CA PHE B 265 20.98 -9.76 -2.08
C PHE B 265 22.51 -9.70 -2.28
N LYS B 266 23.19 -8.81 -1.55
CA LYS B 266 24.64 -8.76 -1.64
C LYS B 266 25.26 -10.05 -1.10
N ARG B 267 24.69 -10.58 -0.01
CA ARG B 267 25.16 -11.86 0.52
C ARG B 267 25.00 -12.96 -0.54
N ALA B 268 23.88 -12.94 -1.25
CA ALA B 268 23.64 -13.95 -2.30
C ALA B 268 24.63 -13.82 -3.44
N ARG B 269 24.98 -12.58 -3.81
CA ARG B 269 26.05 -12.39 -4.79
C ARG B 269 27.38 -12.96 -4.29
N ALA B 270 27.70 -12.66 -3.04
CA ALA B 270 28.97 -13.12 -2.46
C ALA B 270 29.03 -14.65 -2.41
N ALA B 271 27.87 -15.27 -2.29
CA ALA B 271 27.77 -16.72 -2.22
C ALA B 271 27.80 -17.38 -3.61
N GLY B 272 27.93 -16.59 -4.67
CA GLY B 272 28.10 -17.13 -6.01
C GLY B 272 26.87 -17.22 -6.89
N HIS B 273 25.80 -16.51 -6.50
CA HIS B 273 24.52 -16.65 -7.19
C HIS B 273 24.13 -15.46 -8.08
N ALA B 274 25.12 -14.64 -8.42
CA ALA B 274 24.86 -13.40 -9.19
C ALA B 274 24.14 -13.61 -10.52
N ASP B 275 24.41 -14.73 -11.18
CA ASP B 275 23.87 -14.96 -12.52
C ASP B 275 22.66 -15.89 -12.54
N GLU B 276 22.25 -16.36 -11.38
CA GLU B 276 21.03 -17.14 -11.25
C GLU B 276 19.84 -16.21 -11.20
N ASP B 277 18.63 -16.77 -11.24
CA ASP B 277 17.42 -15.94 -11.06
C ASP B 277 17.47 -15.25 -9.70
N PHE B 278 16.86 -14.06 -9.61
CA PHE B 278 16.90 -13.35 -8.35
C PHE B 278 16.22 -14.11 -7.21
N ALA B 279 15.39 -15.10 -7.52
CA ALA B 279 14.81 -15.94 -6.47
C ALA B 279 15.87 -16.74 -5.70
N ALA B 280 17.06 -16.89 -6.27
CA ALA B 280 18.15 -17.61 -5.62
C ALA B 280 18.68 -16.92 -4.35
N VAL B 281 18.19 -15.72 -4.07
CA VAL B 281 18.45 -15.12 -2.76
C VAL B 281 18.03 -16.11 -1.65
N PHE B 282 17.06 -16.98 -1.96
CA PHE B 282 16.66 -18.04 -1.04
C PHE B 282 17.85 -18.87 -0.52
N ARG B 283 18.84 -19.10 -1.37
CA ARG B 283 19.98 -19.96 -1.03
C ARG B 283 20.81 -19.41 0.14
N VAL B 284 20.64 -18.12 0.45
CA VAL B 284 21.37 -17.54 1.57
C VAL B 284 20.44 -17.25 2.77
N LEU B 285 19.14 -17.41 2.56
CA LEU B 285 18.15 -17.22 3.62
C LEU B 285 17.86 -18.54 4.34
N GLU B 286 17.77 -19.65 3.58
CA GLU B 286 17.63 -20.97 4.20
C GLU B 286 18.98 -21.41 4.77
N ALA B 287 18.96 -22.40 5.65
CA ALA B 287 20.17 -22.85 6.33
C ALA B 287 20.90 -23.92 5.50
N THR C 2 26.60 -14.85 57.07
CA THR C 2 27.67 -15.68 57.59
C THR C 2 27.98 -16.89 56.71
N THR C 3 26.97 -17.68 56.38
CA THR C 3 27.18 -18.81 55.46
C THR C 3 26.64 -18.49 54.07
N TYR C 4 27.36 -18.95 53.04
CA TYR C 4 27.01 -18.66 51.65
C TYR C 4 26.79 -19.93 50.85
N GLY C 5 25.92 -19.83 49.86
CA GLY C 5 25.70 -20.91 48.92
C GLY C 5 25.91 -20.39 47.51
N PHE C 6 26.24 -21.29 46.59
CA PHE C 6 26.51 -20.87 45.21
C PHE C 6 26.02 -21.92 44.21
N LEU C 7 25.10 -21.51 43.34
CA LEU C 7 24.51 -22.39 42.33
C LEU C 7 24.93 -21.96 40.93
N GLY C 8 25.50 -22.87 40.17
CA GLY C 8 25.90 -22.57 38.80
C GLY C 8 27.38 -22.30 38.71
N LEU C 9 28.14 -23.34 38.41
CA LEU C 9 29.58 -23.21 38.35
C LEU C 9 30.09 -23.20 36.92
N GLY C 10 29.65 -22.22 36.15
CA GLY C 10 30.05 -22.10 34.75
C GLY C 10 31.25 -21.20 34.56
N ILE C 11 31.37 -20.62 33.37
CA ILE C 11 32.49 -19.75 33.04
C ILE C 11 32.59 -18.60 34.04
N MET C 12 31.45 -18.04 34.40
CA MET C 12 31.41 -16.96 35.38
C MET C 12 31.35 -17.48 36.82
N GLY C 13 30.44 -18.43 37.07
CA GLY C 13 30.21 -18.90 38.42
C GLY C 13 31.39 -19.58 39.09
N GLY C 14 32.20 -20.31 38.32
CA GLY C 14 33.37 -20.97 38.86
C GLY C 14 34.33 -20.01 39.55
N PRO C 15 34.84 -19.03 38.81
CA PRO C 15 35.73 -18.00 39.36
C PRO C 15 35.08 -17.22 40.49
N MET C 16 33.79 -16.91 40.34
CA MET C 16 33.10 -16.13 41.37
C MET C 16 33.09 -16.89 42.69
N ALA C 17 32.64 -18.13 42.65
CA ALA C 17 32.63 -18.96 43.84
C ALA C 17 34.04 -19.08 44.41
N ALA C 18 35.04 -19.20 43.54
CA ALA C 18 36.42 -19.38 44.00
C ALA C 18 36.91 -18.15 44.75
N ASN C 19 36.48 -16.98 44.31
CA ASN C 19 36.83 -15.75 45.01
C ASN C 19 36.27 -15.70 46.43
N LEU C 20 35.04 -16.19 46.60
CA LEU C 20 34.41 -16.20 47.92
C LEU C 20 35.13 -17.17 48.85
N VAL C 21 35.52 -18.33 48.34
CA VAL C 21 36.27 -19.29 49.14
C VAL C 21 37.63 -18.73 49.55
N ARG C 22 38.36 -18.17 48.60
CA ARG C 22 39.69 -17.63 48.88
C ARG C 22 39.61 -16.48 49.86
N ALA C 23 38.52 -15.73 49.82
CA ALA C 23 38.32 -14.60 50.73
C ALA C 23 37.90 -15.07 52.12
N GLY C 24 37.76 -16.39 52.29
CA GLY C 24 37.51 -16.97 53.61
C GLY C 24 36.05 -17.13 53.98
N PHE C 25 35.14 -16.93 53.03
CA PHE C 25 33.74 -17.17 53.29
C PHE C 25 33.44 -18.66 53.35
N ASP C 26 32.48 -19.04 54.19
CA ASP C 26 32.01 -20.42 54.27
C ASP C 26 31.05 -20.69 53.11
N VAL C 27 31.53 -21.39 52.09
CA VAL C 27 30.77 -21.54 50.84
C VAL C 27 30.33 -22.98 50.55
N THR C 28 29.04 -23.15 50.26
CA THR C 28 28.48 -24.43 49.83
C THR C 28 28.04 -24.31 48.36
N VAL C 29 28.58 -25.16 47.49
CA VAL C 29 28.29 -25.06 46.06
C VAL C 29 27.42 -26.19 45.52
N TRP C 30 26.72 -25.90 44.43
CA TRP C 30 25.98 -26.91 43.67
C TRP C 30 26.00 -26.55 42.19
N ASN C 31 26.06 -27.58 41.36
CA ASN C 31 25.94 -27.41 39.91
C ASN C 31 25.19 -28.59 39.31
N ARG C 32 24.39 -28.32 38.29
CA ARG C 32 23.62 -29.39 37.62
C ARG C 32 24.54 -30.55 37.26
N ASN C 33 25.69 -30.25 36.67
CA ASN C 33 26.73 -31.25 36.45
C ASN C 33 27.71 -31.24 37.62
N PRO C 34 27.60 -32.24 38.50
CA PRO C 34 28.32 -32.30 39.78
C PRO C 34 29.84 -32.27 39.60
N ALA C 35 30.30 -32.69 38.44
CA ALA C 35 31.73 -32.72 38.17
C ALA C 35 32.34 -31.32 38.29
N LYS C 36 31.56 -30.30 37.99
CA LYS C 36 32.08 -28.93 38.04
C LYS C 36 32.36 -28.47 39.46
N CYS C 37 31.86 -29.20 40.46
CA CYS C 37 32.05 -28.81 41.86
C CYS C 37 33.43 -29.16 42.39
N ALA C 38 34.06 -30.16 41.77
CA ALA C 38 35.31 -30.71 42.30
C ALA C 38 36.38 -29.66 42.60
N PRO C 39 36.68 -28.80 41.62
CA PRO C 39 37.72 -27.79 41.82
C PRO C 39 37.45 -26.87 43.01
N LEU C 40 36.19 -26.52 43.23
CA LEU C 40 35.85 -25.64 44.34
C LEU C 40 35.86 -26.37 45.68
N VAL C 41 35.49 -27.65 45.67
CA VAL C 41 35.60 -28.47 46.86
C VAL C 41 37.07 -28.53 47.28
N ALA C 42 37.96 -28.66 46.30
CA ALA C 42 39.39 -28.72 46.57
C ALA C 42 39.92 -27.40 47.15
N LEU C 43 39.25 -26.29 46.83
CA LEU C 43 39.65 -24.99 47.38
C LEU C 43 39.17 -24.82 48.80
N GLY C 44 38.16 -25.59 49.21
CA GLY C 44 37.63 -25.50 50.55
C GLY C 44 36.13 -25.28 50.65
N ALA C 45 35.42 -25.37 49.53
CA ALA C 45 33.97 -25.29 49.55
C ALA C 45 33.34 -26.63 49.97
N ARG C 46 32.13 -26.57 50.50
CA ARG C 46 31.35 -27.78 50.71
C ARG C 46 30.51 -28.00 49.46
N GLN C 47 29.98 -29.21 49.30
CA GLN C 47 29.12 -29.52 48.16
C GLN C 47 27.75 -30.02 48.61
N ALA C 48 26.70 -29.59 47.92
CA ALA C 48 25.33 -30.02 48.25
C ALA C 48 24.68 -30.73 47.07
N SER C 49 23.56 -31.41 47.34
CA SER C 49 22.94 -32.27 46.34
C SER C 49 21.87 -31.58 45.51
N SER C 50 21.41 -30.42 45.98
CA SER C 50 20.36 -29.69 45.29
C SER C 50 20.31 -28.24 45.75
N PRO C 51 19.70 -27.37 44.91
CA PRO C 51 19.48 -25.97 45.29
C PRO C 51 18.67 -25.86 46.58
N ALA C 52 17.66 -26.69 46.74
CA ALA C 52 16.85 -26.68 47.95
C ALA C 52 17.71 -26.95 49.18
N GLU C 53 18.65 -27.87 49.05
CA GLU C 53 19.56 -28.22 50.13
C GLU C 53 20.46 -27.03 50.49
N VAL C 54 20.93 -26.31 49.47
CA VAL C 54 21.75 -25.13 49.69
C VAL C 54 20.96 -24.01 50.34
N CYS C 55 19.80 -23.71 49.78
CA CYS C 55 19.00 -22.59 50.26
C CYS C 55 18.40 -22.82 51.63
N ALA C 56 18.32 -24.09 52.04
CA ALA C 56 17.82 -24.43 53.35
C ALA C 56 18.86 -24.18 54.43
N ALA C 57 20.13 -24.20 54.03
CA ALA C 57 21.23 -24.22 55.00
C ALA C 57 22.11 -22.97 55.01
N CYS C 58 22.07 -22.20 53.94
CA CYS C 58 22.96 -21.05 53.82
C CYS C 58 22.22 -19.73 54.04
N ASP C 59 22.84 -18.80 54.75
CA ASP C 59 22.25 -17.51 55.02
C ASP C 59 21.99 -16.74 53.73
N ILE C 60 22.94 -16.82 52.80
CA ILE C 60 22.85 -16.11 51.53
C ILE C 60 23.31 -17.00 50.38
N THR C 61 22.43 -17.21 49.40
CA THR C 61 22.75 -18.04 48.24
C THR C 61 22.77 -17.22 46.95
N ILE C 62 23.87 -17.36 46.21
CA ILE C 62 24.05 -16.69 44.94
C ILE C 62 23.86 -17.70 43.82
N ALA C 63 23.22 -17.28 42.73
CA ALA C 63 23.10 -18.13 41.54
C ALA C 63 23.70 -17.46 40.31
N MET C 64 24.38 -18.23 39.47
CA MET C 64 24.98 -17.69 38.25
C MET C 64 24.68 -18.63 37.08
N LEU C 65 23.49 -18.50 36.51
CA LEU C 65 22.96 -19.47 35.56
C LEU C 65 22.82 -18.91 34.15
N ALA C 66 22.71 -19.82 33.18
CA ALA C 66 22.78 -19.47 31.76
C ALA C 66 21.75 -18.47 31.27
N ASP C 67 20.47 -18.72 31.55
CA ASP C 67 19.40 -17.95 30.92
C ASP C 67 18.10 -18.01 31.75
N PRO C 68 17.06 -17.30 31.30
CA PRO C 68 15.80 -17.32 32.06
C PRO C 68 15.24 -18.73 32.29
N ALA C 69 15.31 -19.60 31.28
CA ALA C 69 14.85 -20.98 31.48
C ALA C 69 15.59 -21.65 32.63
N ALA C 70 16.91 -21.56 32.63
CA ALA C 70 17.72 -22.15 33.69
C ALA C 70 17.37 -21.55 35.05
N ALA C 71 17.29 -20.22 35.11
CA ALA C 71 16.95 -19.53 36.35
C ALA C 71 15.62 -20.01 36.91
N ARG C 72 14.61 -20.09 36.04
CA ARG C 72 13.29 -20.52 36.45
C ARG C 72 13.26 -21.98 36.90
N GLU C 73 14.06 -22.82 36.24
CA GLU C 73 14.09 -24.24 36.59
C GLU C 73 14.74 -24.47 37.95
N VAL C 74 15.79 -23.72 38.26
CA VAL C 74 16.48 -23.86 39.53
C VAL C 74 15.62 -23.31 40.67
N CYS C 75 14.86 -22.26 40.38
CA CYS C 75 13.94 -21.69 41.37
C CYS C 75 12.68 -22.53 41.61
N PHE C 76 11.93 -22.78 40.53
CA PHE C 76 10.60 -23.39 40.64
C PHE C 76 10.58 -24.91 40.50
N GLY C 77 11.68 -25.50 40.04
CA GLY C 77 11.73 -26.92 39.79
C GLY C 77 11.72 -27.79 41.06
N ALA C 78 11.66 -29.10 40.87
CA ALA C 78 11.74 -30.02 41.99
C ALA C 78 13.10 -29.88 42.67
N ASN C 79 13.13 -29.93 44.00
CA ASN C 79 14.36 -29.72 44.76
C ASN C 79 15.02 -28.37 44.45
N GLY C 80 14.20 -27.39 44.09
CA GLY C 80 14.70 -26.08 43.72
C GLY C 80 14.72 -25.12 44.90
N VAL C 81 15.07 -23.87 44.60
CA VAL C 81 15.24 -22.84 45.63
C VAL C 81 14.04 -22.72 46.55
N LEU C 82 12.85 -22.74 45.97
CA LEU C 82 11.61 -22.49 46.71
C LEU C 82 11.32 -23.58 47.74
N GLU C 83 11.91 -24.75 47.57
CA GLU C 83 11.69 -25.84 48.50
C GLU C 83 12.61 -25.74 49.72
N GLY C 84 13.56 -24.80 49.67
CA GLY C 84 14.51 -24.66 50.76
C GLY C 84 14.58 -23.28 51.38
N ILE C 85 14.36 -22.24 50.56
CA ILE C 85 14.47 -20.87 51.03
C ILE C 85 13.37 -20.56 52.05
N GLY C 86 13.69 -19.69 53.01
CA GLY C 86 12.74 -19.31 54.04
C GLY C 86 13.47 -18.71 55.21
N GLY C 87 12.72 -18.28 56.23
CA GLY C 87 13.31 -17.79 57.46
C GLY C 87 14.20 -16.57 57.33
N GLY C 88 13.97 -15.76 56.29
CA GLY C 88 14.75 -14.57 56.08
C GLY C 88 16.05 -14.81 55.33
N ARG C 89 16.32 -16.07 55.00
CA ARG C 89 17.50 -16.40 54.21
C ARG C 89 17.39 -15.75 52.83
N GLY C 90 18.53 -15.37 52.27
CA GLY C 90 18.54 -14.60 51.04
C GLY C 90 18.92 -15.36 49.78
N TYR C 91 18.33 -14.95 48.67
CA TYR C 91 18.65 -15.51 47.36
C TYR C 91 19.03 -14.37 46.44
N ILE C 92 20.23 -14.44 45.88
CA ILE C 92 20.74 -13.38 45.03
C ILE C 92 21.02 -13.98 43.67
N ASP C 93 20.14 -13.72 42.71
CA ASP C 93 20.32 -14.28 41.38
C ASP C 93 21.12 -13.32 40.52
N MET C 94 22.32 -13.73 40.16
CA MET C 94 23.22 -12.88 39.39
C MET C 94 23.21 -13.25 37.90
N SER C 95 22.34 -14.19 37.51
CA SER C 95 22.18 -14.58 36.11
C SER C 95 21.63 -13.42 35.28
N THR C 96 21.99 -13.38 34.01
CA THR C 96 21.39 -12.39 33.12
C THR C 96 20.06 -12.92 32.57
N VAL C 97 18.98 -12.30 33.02
CA VAL C 97 17.63 -12.70 32.63
C VAL C 97 16.79 -11.46 32.35
N ASP C 98 15.56 -11.66 31.89
CA ASP C 98 14.62 -10.56 31.70
C ASP C 98 14.00 -10.13 33.03
N ASP C 99 13.49 -8.90 33.07
CA ASP C 99 12.88 -8.37 34.28
C ASP C 99 11.62 -9.13 34.72
N GLU C 100 10.93 -9.75 33.77
CA GLU C 100 9.74 -10.52 34.15
C GLU C 100 10.14 -11.77 34.94
N THR C 101 11.23 -12.39 34.53
CA THR C 101 11.74 -13.57 35.20
C THR C 101 12.24 -13.26 36.61
N SER C 102 13.06 -12.22 36.73
CA SER C 102 13.58 -11.86 38.05
C SER C 102 12.45 -11.41 38.97
N THR C 103 11.48 -10.68 38.43
CA THR C 103 10.35 -10.26 39.23
C THR C 103 9.58 -11.48 39.75
N ALA C 104 9.40 -12.47 38.89
CA ALA C 104 8.64 -13.67 39.26
C ALA C 104 9.37 -14.46 40.33
N ILE C 105 10.67 -14.66 40.12
CA ILE C 105 11.48 -15.37 41.10
C ILE C 105 11.47 -14.66 42.46
N GLY C 106 11.61 -13.33 42.44
CA GLY C 106 11.58 -12.58 43.68
C GLY C 106 10.27 -12.71 44.44
N ALA C 107 9.16 -12.64 43.72
CA ALA C 107 7.84 -12.74 44.36
C ALA C 107 7.68 -14.09 45.06
N ALA C 108 8.05 -15.16 44.39
CA ALA C 108 7.98 -16.51 44.95
C ALA C 108 8.90 -16.71 46.14
N VAL C 109 10.13 -16.21 46.03
CA VAL C 109 11.09 -16.30 47.14
C VAL C 109 10.54 -15.57 48.36
N THR C 110 10.08 -14.34 48.13
CA THR C 110 9.54 -13.52 49.21
C THR C 110 8.32 -14.17 49.88
N ALA C 111 7.42 -14.73 49.09
CA ALA C 111 6.24 -15.39 49.60
C ALA C 111 6.61 -16.56 50.51
N ARG C 112 7.77 -17.15 50.26
CA ARG C 112 8.25 -18.29 51.05
C ARG C 112 8.98 -17.84 52.31
N GLY C 113 9.05 -16.53 52.52
CA GLY C 113 9.71 -15.97 53.70
C GLY C 113 11.20 -15.70 53.50
N GLY C 114 11.66 -15.79 52.25
CA GLY C 114 13.03 -15.49 51.93
C GLY C 114 13.19 -14.03 51.50
N ARG C 115 14.43 -13.58 51.36
CA ARG C 115 14.68 -12.25 50.79
C ARG C 115 15.34 -12.40 49.43
N PHE C 116 14.92 -11.60 48.47
CA PHE C 116 15.45 -11.72 47.11
C PHE C 116 16.11 -10.45 46.61
N LEU C 117 17.21 -10.62 45.90
CA LEU C 117 17.91 -9.53 45.24
C LEU C 117 18.36 -10.05 43.87
N GLU C 118 18.16 -9.28 42.81
CA GLU C 118 18.80 -9.60 41.54
C GLU C 118 20.08 -8.79 41.47
N ALA C 119 21.12 -9.37 40.87
CA ALA C 119 22.39 -8.66 40.76
C ALA C 119 23.20 -9.17 39.58
N PRO C 120 22.69 -8.97 38.35
CA PRO C 120 23.47 -9.30 37.15
C PRO C 120 24.73 -8.44 37.11
N VAL C 121 25.73 -8.87 36.33
CA VAL C 121 27.02 -8.21 36.35
C VAL C 121 27.48 -7.77 34.97
N SER C 122 28.29 -6.72 34.92
CA SER C 122 28.95 -6.33 33.69
C SER C 122 30.44 -6.64 33.85
N GLY C 123 31.00 -7.37 32.89
CA GLY C 123 32.37 -7.84 32.98
C GLY C 123 32.41 -9.31 32.61
N THR C 124 33.48 -9.74 31.95
CA THR C 124 33.52 -11.10 31.40
C THR C 124 34.37 -12.07 32.25
N LYS C 125 34.91 -13.11 31.63
CA LYS C 125 35.64 -14.15 32.36
C LYS C 125 36.80 -13.62 33.20
N LYS C 126 37.64 -12.79 32.61
CA LYS C 126 38.80 -12.27 33.35
C LYS C 126 38.37 -11.42 34.57
N PRO C 127 37.48 -10.43 34.36
CA PRO C 127 36.98 -9.66 35.49
C PRO C 127 36.37 -10.54 36.58
N ALA C 128 35.71 -11.61 36.18
CA ALA C 128 35.13 -12.55 37.15
C ALA C 128 36.24 -13.22 37.94
N GLU C 129 37.29 -13.65 37.24
CA GLU C 129 38.46 -14.22 37.90
C GLU C 129 39.12 -13.21 38.84
N ASP C 130 39.25 -11.98 38.37
CA ASP C 130 39.96 -10.95 39.13
C ASP C 130 39.13 -10.32 40.25
N GLY C 131 37.81 -10.52 40.25
CA GLY C 131 36.95 -9.84 41.20
C GLY C 131 36.75 -8.36 40.87
N THR C 132 36.74 -8.05 39.57
CA THR C 132 36.56 -6.67 39.13
C THR C 132 35.26 -6.47 38.36
N LEU C 133 34.25 -7.29 38.67
CA LEU C 133 32.94 -7.17 38.07
C LEU C 133 32.26 -5.88 38.49
N ILE C 134 31.33 -5.41 37.66
CA ILE C 134 30.42 -4.32 38.04
C ILE C 134 29.08 -4.96 38.36
N ILE C 135 28.62 -4.79 39.58
CA ILE C 135 27.42 -5.48 40.05
C ILE C 135 26.20 -4.57 40.03
N LEU C 136 25.18 -4.98 39.29
CA LEU C 136 23.97 -4.16 39.06
C LEU C 136 22.79 -4.69 39.85
N ALA C 137 22.75 -4.38 41.15
CA ALA C 137 21.77 -4.97 42.05
C ALA C 137 20.44 -4.21 42.09
N ALA C 138 19.38 -4.95 42.39
CA ALA C 138 18.07 -4.35 42.62
C ALA C 138 17.25 -5.31 43.48
N GLY C 139 16.47 -4.77 44.40
CA GLY C 139 15.64 -5.58 45.26
C GLY C 139 15.86 -5.27 46.73
N ASP C 140 15.80 -6.30 47.57
CA ASP C 140 15.77 -6.11 49.01
C ASP C 140 16.99 -5.35 49.55
N GLN C 141 16.74 -4.21 50.16
CA GLN C 141 17.79 -3.34 50.70
C GLN C 141 18.64 -4.00 51.78
N SER C 142 18.00 -4.68 52.73
CA SER C 142 18.74 -5.29 53.83
C SER C 142 19.66 -6.39 53.30
N LEU C 143 19.17 -7.15 52.31
CA LEU C 143 19.99 -8.20 51.71
C LEU C 143 21.18 -7.60 50.95
N PHE C 144 20.96 -6.49 50.26
CA PHE C 144 22.05 -5.80 49.58
C PHE C 144 23.13 -5.40 50.59
N THR C 145 22.69 -4.89 51.74
CA THR C 145 23.61 -4.50 52.80
C THR C 145 24.37 -5.70 53.35
N ASP C 146 23.64 -6.77 53.66
CA ASP C 146 24.24 -8.00 54.15
C ASP C 146 25.25 -8.59 53.16
N ALA C 147 25.01 -8.36 51.87
CA ALA C 147 25.85 -8.93 50.81
C ALA C 147 27.12 -8.13 50.55
N GLY C 148 27.23 -6.99 51.21
CA GLY C 148 28.37 -6.09 51.00
C GLY C 148 29.72 -6.77 50.95
N PRO C 149 30.09 -7.48 52.04
CA PRO C 149 31.40 -8.14 52.05
C PRO C 149 31.60 -9.13 50.90
N ALA C 150 30.58 -9.93 50.58
CA ALA C 150 30.69 -10.84 49.45
C ALA C 150 30.85 -10.09 48.12
N PHE C 151 30.03 -9.06 47.92
CA PHE C 151 30.08 -8.26 46.71
C PHE C 151 31.46 -7.64 46.50
N ALA C 152 32.11 -7.24 47.60
CA ALA C 152 33.43 -6.62 47.54
C ALA C 152 34.48 -7.62 47.04
N ALA C 153 34.22 -8.90 47.27
CA ALA C 153 35.14 -9.96 46.84
C ALA C 153 34.90 -10.34 45.38
N LEU C 154 33.72 -10.00 44.87
CA LEU C 154 33.34 -10.37 43.50
C LEU C 154 33.53 -9.21 42.53
N GLY C 155 33.39 -7.99 43.01
CA GLY C 155 33.32 -6.84 42.12
C GLY C 155 34.13 -5.64 42.57
N LYS C 156 34.31 -4.70 41.65
CA LYS C 156 35.04 -3.48 41.92
C LYS C 156 34.07 -2.33 42.11
N LYS C 157 32.82 -2.57 41.73
CA LYS C 157 31.80 -1.54 41.75
C LYS C 157 30.44 -2.19 41.97
N CYS C 158 29.63 -1.59 42.85
CA CYS C 158 28.35 -2.15 43.22
C CYS C 158 27.30 -1.05 43.26
N LEU C 159 26.21 -1.25 42.54
CA LEU C 159 25.11 -0.29 42.54
C LEU C 159 23.81 -0.93 43.00
N HIS C 160 22.99 -0.17 43.74
CA HIS C 160 21.62 -0.60 44.00
C HIS C 160 20.68 0.29 43.20
N LEU C 161 19.96 -0.30 42.24
CA LEU C 161 19.24 0.47 41.23
C LEU C 161 17.75 0.59 41.51
N GLY C 162 17.32 0.11 42.68
CA GLY C 162 15.93 0.24 43.08
C GLY C 162 15.21 -1.09 43.18
N GLU C 163 13.97 -1.12 42.69
CA GLU C 163 13.11 -2.29 42.76
C GLU C 163 13.54 -3.38 41.79
N VAL C 164 13.24 -4.63 42.13
CA VAL C 164 13.54 -5.76 41.26
C VAL C 164 13.09 -5.45 39.85
N GLY C 165 13.92 -5.78 38.87
CA GLY C 165 13.64 -5.46 37.49
C GLY C 165 14.59 -4.40 36.95
N GLN C 166 14.96 -3.44 37.80
CA GLN C 166 15.83 -2.36 37.37
C GLN C 166 17.25 -2.86 37.05
N GLY C 167 17.71 -3.86 37.79
CA GLY C 167 19.02 -4.41 37.52
C GLY C 167 19.04 -5.18 36.21
N ALA C 168 17.99 -5.96 35.98
CA ALA C 168 17.88 -6.70 34.74
C ALA C 168 17.81 -5.75 33.53
N ARG C 169 17.07 -4.65 33.68
CA ARG C 169 16.96 -3.66 32.60
C ARG C 169 18.28 -2.98 32.29
N MET C 170 19.00 -2.56 33.34
CA MET C 170 20.32 -1.95 33.14
C MET C 170 21.26 -2.91 32.42
N LYS C 171 21.30 -4.16 32.87
CA LYS C 171 22.18 -5.15 32.25
C LYS C 171 21.85 -5.37 30.77
N LEU C 172 20.58 -5.53 30.45
CA LEU C 172 20.19 -5.77 29.07
C LEU C 172 20.49 -4.56 28.18
N VAL C 173 20.30 -3.36 28.73
CA VAL C 173 20.65 -2.15 27.99
C VAL C 173 22.17 -2.10 27.69
N VAL C 174 22.97 -2.37 28.71
CA VAL C 174 24.42 -2.36 28.56
C VAL C 174 24.86 -3.43 27.56
N ASN C 175 24.36 -4.66 27.68
CA ASN C 175 24.79 -5.69 26.74
C ASN C 175 24.26 -5.51 25.32
N MET C 176 23.16 -4.78 25.19
CA MET C 176 22.62 -4.47 23.87
C MET C 176 23.59 -3.56 23.13
N ILE C 177 24.11 -2.58 23.84
CA ILE C 177 25.15 -1.71 23.28
C ILE C 177 26.37 -2.56 22.93
N MET C 178 26.74 -3.47 23.82
CA MET C 178 27.95 -4.27 23.59
C MET C 178 27.79 -5.16 22.34
N GLY C 179 26.62 -5.76 22.18
CA GLY C 179 26.35 -6.61 21.02
C GLY C 179 26.46 -5.84 19.71
N GLN C 180 25.89 -4.64 19.68
CA GLN C 180 25.98 -3.78 18.49
C GLN C 180 27.41 -3.29 18.25
N MET C 181 28.16 -3.02 19.31
CA MET C 181 29.56 -2.64 19.14
C MET C 181 30.39 -3.76 18.52
N MET C 182 30.05 -5.00 18.87
CA MET C 182 30.79 -6.15 18.33
C MET C 182 30.52 -6.34 16.83
N THR C 183 29.25 -6.28 16.42
CA THR C 183 28.93 -6.38 14.99
C THR C 183 29.51 -5.20 14.20
N ALA C 184 29.57 -4.04 14.84
CA ALA C 184 30.14 -2.85 14.20
C ALA C 184 31.64 -3.04 13.97
N LEU C 185 32.34 -3.52 14.98
CA LEU C 185 33.78 -3.77 14.83
C LEU C 185 33.99 -4.89 13.80
N GLY C 186 33.14 -5.90 13.85
CA GLY C 186 33.23 -7.03 12.95
C GLY C 186 33.01 -6.63 11.50
N GLU C 187 31.96 -5.86 11.24
CA GLU C 187 31.69 -5.35 9.90
C GLU C 187 32.81 -4.44 9.39
N GLY C 188 33.33 -3.58 10.26
CA GLY C 188 34.44 -2.71 9.88
C GLY C 188 35.72 -3.49 9.52
N MET C 189 36.08 -4.46 10.35
CA MET C 189 37.28 -5.26 10.06
C MET C 189 37.10 -6.06 8.78
N ALA C 190 35.89 -6.58 8.56
CA ALA C 190 35.59 -7.34 7.35
C ALA C 190 35.74 -6.46 6.11
N LEU C 191 35.14 -5.29 6.14
CA LEU C 191 35.24 -4.34 5.03
C LEU C 191 36.69 -3.89 4.82
N GLY C 192 37.37 -3.61 5.94
CA GLY C 192 38.76 -3.18 5.88
C GLY C 192 39.67 -4.20 5.21
N ARG C 193 39.49 -5.46 5.58
CA ARG C 193 40.34 -6.50 4.99
C ARG C 193 40.03 -6.68 3.51
N ASN C 194 38.75 -6.60 3.16
CA ASN C 194 38.32 -6.61 1.78
C ASN C 194 38.91 -5.42 0.99
N CYS C 195 39.10 -4.30 1.67
CA CYS C 195 39.70 -3.09 1.09
C CYS C 195 41.21 -3.19 0.92
N GLY C 196 41.82 -4.27 1.41
CA GLY C 196 43.27 -4.41 1.37
C GLY C 196 43.99 -3.63 2.46
N LEU C 197 43.26 -3.16 3.46
CA LEU C 197 43.89 -2.47 4.58
C LEU C 197 44.52 -3.46 5.55
N ASP C 198 45.53 -3.00 6.28
CA ASP C 198 46.11 -3.80 7.36
C ASP C 198 45.21 -3.74 8.59
N GLY C 199 44.74 -4.89 9.08
CA GLY C 199 43.83 -4.91 10.22
C GLY C 199 44.46 -4.31 11.45
N GLY C 200 45.75 -4.56 11.65
CA GLY C 200 46.47 -3.98 12.77
C GLY C 200 46.47 -2.45 12.73
N GLN C 201 46.64 -1.89 11.54
CA GLN C 201 46.61 -0.43 11.42
C GLN C 201 45.22 0.12 11.70
N LEU C 202 44.19 -0.57 11.23
CA LEU C 202 42.83 -0.18 11.57
C LEU C 202 42.64 -0.11 13.10
N LEU C 203 43.10 -1.14 13.80
CA LEU C 203 42.96 -1.17 15.26
C LEU C 203 43.75 -0.02 15.89
N GLU C 204 44.91 0.26 15.33
CA GLU C 204 45.76 1.36 15.80
C GLU C 204 45.10 2.73 15.65
N VAL C 205 44.47 2.98 14.49
CA VAL C 205 43.72 4.21 14.28
C VAL C 205 42.55 4.32 15.28
N LEU C 206 41.81 3.24 15.45
CA LEU C 206 40.71 3.21 16.42
C LEU C 206 41.20 3.50 17.83
N ASP C 207 42.32 2.91 18.22
CA ASP C 207 42.85 3.11 19.56
C ASP C 207 43.43 4.50 19.81
N ALA C 208 43.66 5.25 18.73
CA ALA C 208 44.21 6.59 18.86
C ALA C 208 43.14 7.69 18.94
N GLY C 209 41.88 7.32 18.67
CA GLY C 209 40.80 8.29 18.55
C GLY C 209 39.74 8.19 19.63
N ALA C 210 38.60 8.83 19.36
CA ALA C 210 37.56 8.99 20.36
C ALA C 210 36.81 7.70 20.70
N MET C 211 36.90 6.71 19.82
CA MET C 211 36.19 5.44 20.03
C MET C 211 37.03 4.44 20.80
N ALA C 212 38.29 4.79 21.09
CA ALA C 212 39.22 3.84 21.72
C ALA C 212 38.64 3.20 22.98
N ASN C 213 38.69 1.87 23.06
CA ASN C 213 38.21 1.16 24.24
C ASN C 213 38.85 -0.22 24.40
N PRO C 214 38.85 -0.76 25.63
CA PRO C 214 39.45 -2.09 25.87
C PRO C 214 38.83 -3.21 25.05
N MET C 215 37.53 -3.15 24.80
CA MET C 215 36.88 -4.21 24.03
C MET C 215 37.41 -4.32 22.59
N PHE C 216 37.51 -3.19 21.89
CA PHE C 216 38.08 -3.18 20.54
C PHE C 216 39.51 -3.71 20.54
N LYS C 217 40.29 -3.30 21.54
CA LYS C 217 41.67 -3.74 21.64
C LYS C 217 41.74 -5.26 21.79
N GLY C 218 40.95 -5.80 22.72
CA GLY C 218 40.96 -7.23 23.01
C GLY C 218 40.32 -8.10 21.95
N LYS C 219 39.10 -7.76 21.53
CA LYS C 219 38.42 -8.55 20.53
C LYS C 219 39.07 -8.36 19.16
N GLY C 220 39.60 -7.17 18.90
CA GLY C 220 40.33 -6.91 17.66
C GLY C 220 41.42 -7.94 17.37
N GLN C 221 42.16 -8.34 18.41
CA GLN C 221 43.22 -9.34 18.23
C GLN C 221 42.67 -10.73 17.89
N MET C 222 41.47 -11.05 18.36
CA MET C 222 40.83 -12.30 17.97
C MET C 222 40.50 -12.26 16.49
N LEU C 223 40.02 -11.11 16.03
CA LEU C 223 39.66 -10.95 14.63
C LEU C 223 40.87 -11.16 13.73
N LEU C 224 42.04 -10.70 14.19
CA LEU C 224 43.27 -10.85 13.40
C LEU C 224 43.77 -12.29 13.42
N SER C 225 43.65 -12.95 14.57
CA SER C 225 44.21 -14.29 14.70
C SER C 225 43.26 -15.35 14.15
N GLY C 226 41.97 -15.03 14.12
CA GLY C 226 40.96 -15.98 13.69
C GLY C 226 40.68 -17.04 14.73
N GLU C 227 41.15 -16.80 15.95
CA GLU C 227 40.92 -17.72 17.08
C GLU C 227 39.98 -17.04 18.08
N PHE C 228 38.95 -17.74 18.53
CA PHE C 228 37.96 -17.13 19.40
C PHE C 228 37.75 -17.88 20.72
N PRO C 229 38.80 -17.98 21.54
CA PRO C 229 38.67 -18.68 22.82
C PRO C 229 37.59 -17.98 23.65
N THR C 230 36.75 -18.77 24.31
CA THR C 230 35.51 -18.26 24.89
C THR C 230 35.68 -17.50 26.21
N SER C 231 35.36 -16.21 26.21
CA SER C 231 35.18 -15.48 27.46
C SER C 231 33.69 -15.29 27.76
N PHE C 232 32.96 -14.80 26.77
CA PHE C 232 31.50 -14.66 26.84
C PHE C 232 30.93 -15.44 25.67
N PRO C 233 30.31 -16.60 25.95
CA PRO C 233 29.80 -17.45 24.85
C PRO C 233 28.90 -16.70 23.87
N LEU C 234 29.10 -16.94 22.58
CA LEU C 234 28.27 -16.32 21.54
C LEU C 234 26.77 -16.57 21.77
N LYS C 235 26.39 -17.78 22.15
CA LYS C 235 24.98 -18.09 22.42
C LYS C 235 24.38 -17.22 23.52
N HIS C 236 25.18 -16.88 24.51
CA HIS C 236 24.68 -16.05 25.61
C HIS C 236 24.52 -14.60 25.17
N MET C 237 25.40 -14.13 24.29
CA MET C 237 25.24 -12.80 23.71
C MET C 237 23.96 -12.75 22.89
N GLN C 238 23.71 -13.76 22.09
CA GLN C 238 22.51 -13.80 21.29
C GLN C 238 21.27 -13.80 22.17
N LYS C 239 21.33 -14.57 23.22
CA LYS C 239 20.27 -14.55 24.24
C LYS C 239 20.04 -13.14 24.79
N ASP C 240 21.11 -12.42 25.10
CA ASP C 240 20.96 -11.06 25.64
C ASP C 240 20.31 -10.11 24.64
N LEU C 241 20.68 -10.20 23.37
CA LEU C 241 20.06 -9.37 22.32
C LEU C 241 18.59 -9.74 22.14
N ARG C 242 18.31 -11.03 22.18
CA ARG C 242 16.93 -11.50 22.15
C ARG C 242 16.10 -10.88 23.28
N LEU C 243 16.64 -10.89 24.49
CA LEU C 243 15.94 -10.33 25.63
C LEU C 243 15.78 -8.81 25.50
N ALA C 244 16.80 -8.14 24.95
CA ALA C 244 16.70 -6.70 24.79
C ALA C 244 15.58 -6.34 23.82
N VAL C 245 15.52 -7.06 22.70
CA VAL C 245 14.46 -6.84 21.71
C VAL C 245 13.09 -7.11 22.32
N GLU C 246 12.98 -8.17 23.12
CA GLU C 246 11.71 -8.43 23.81
C GLU C 246 11.33 -7.36 24.83
N LEU C 247 12.32 -6.83 25.52
CA LEU C 247 12.10 -5.73 26.45
C LEU C 247 11.62 -4.48 25.70
N GLY C 248 12.29 -4.17 24.59
CA GLY C 248 11.88 -3.06 23.75
C GLY C 248 10.44 -3.23 23.30
N ASP C 249 10.10 -4.47 22.95
CA ASP C 249 8.72 -4.79 22.54
C ASP C 249 7.74 -4.42 23.66
N ARG C 250 8.00 -4.88 24.87
CA ARG C 250 7.10 -4.60 25.99
C ARG C 250 6.99 -3.11 26.30
N LEU C 251 8.10 -2.40 26.13
CA LEU C 251 8.12 -0.98 26.51
C LEU C 251 7.81 -0.04 25.35
N GLY C 252 7.51 -0.61 24.19
CA GLY C 252 7.21 0.19 23.02
C GLY C 252 8.40 0.99 22.53
N GLN C 253 9.58 0.38 22.56
CA GLN C 253 10.79 1.03 22.05
C GLN C 253 11.29 0.29 20.83
N PRO C 254 11.21 0.92 19.66
CA PRO C 254 11.78 0.32 18.43
C PRO C 254 13.29 0.22 18.54
N LEU C 255 13.87 -0.88 18.08
CA LEU C 255 15.32 -1.06 18.11
C LEU C 255 15.86 -1.66 16.82
N HIS C 256 15.87 -0.89 15.73
CA HIS C 256 16.35 -1.43 14.44
C HIS C 256 17.77 -1.99 14.53
N GLY C 257 18.65 -1.26 15.20
CA GLY C 257 20.03 -1.71 15.33
C GLY C 257 20.21 -3.00 16.11
N ALA C 258 19.59 -3.05 17.29
CA ALA C 258 19.62 -4.26 18.11
C ALA C 258 19.03 -5.43 17.35
N ALA C 259 17.92 -5.21 16.65
CA ALA C 259 17.23 -6.31 15.95
C ALA C 259 18.12 -6.88 14.85
N THR C 260 18.72 -5.99 14.07
CA THR C 260 19.66 -6.41 13.03
C THR C 260 20.85 -7.18 13.62
N ALA C 261 21.41 -6.70 14.74
CA ALA C 261 22.53 -7.40 15.37
C ALA C 261 22.12 -8.79 15.88
N ASN C 262 20.93 -8.85 16.47
CA ASN C 262 20.37 -10.12 16.94
C ASN C 262 20.33 -11.15 15.81
N GLU C 263 19.85 -10.75 14.64
CA GLU C 263 19.77 -11.71 13.52
C GLU C 263 21.15 -12.12 13.03
N SER C 264 22.12 -11.20 13.03
CA SER C 264 23.50 -11.58 12.67
C SER C 264 24.09 -12.61 13.65
N PHE C 265 23.83 -12.44 14.94
CA PHE C 265 24.25 -13.42 15.93
C PHE C 265 23.53 -14.76 15.76
N LYS C 266 22.25 -14.74 15.37
CA LYS C 266 21.58 -15.99 14.99
C LYS C 266 22.25 -16.65 13.79
N ARG C 267 22.68 -15.87 12.80
CA ARG C 267 23.41 -16.45 11.68
C ARG C 267 24.68 -17.14 12.18
N ALA C 268 25.34 -16.52 13.17
CA ALA C 268 26.60 -17.09 13.68
C ALA C 268 26.34 -18.38 14.48
N ARG C 269 25.22 -18.42 15.21
CA ARG C 269 24.81 -19.65 15.88
C ARG C 269 24.53 -20.75 14.87
N ALA C 270 23.81 -20.43 13.80
CA ALA C 270 23.46 -21.42 12.79
C ALA C 270 24.70 -21.95 12.07
N ALA C 271 25.74 -21.14 12.03
CA ALA C 271 26.99 -21.51 11.37
C ALA C 271 27.92 -22.29 12.30
N GLY C 272 27.44 -22.63 13.50
CA GLY C 272 28.19 -23.50 14.40
C GLY C 272 29.11 -22.82 15.41
N HIS C 273 28.95 -21.51 15.62
CA HIS C 273 29.86 -20.78 16.50
C HIS C 273 29.28 -20.47 17.88
N ALA C 274 28.21 -21.18 18.26
CA ALA C 274 27.48 -20.87 19.50
C ALA C 274 28.33 -20.89 20.76
N ASP C 275 29.32 -21.79 20.79
CA ASP C 275 30.13 -21.98 21.99
C ASP C 275 31.48 -21.26 21.95
N GLU C 276 31.73 -20.50 20.89
CA GLU C 276 32.95 -19.70 20.81
C GLU C 276 32.73 -18.36 21.48
N ASP C 277 33.77 -17.54 21.57
CA ASP C 277 33.58 -16.19 22.09
C ASP C 277 32.59 -15.45 21.21
N PHE C 278 31.86 -14.51 21.79
CA PHE C 278 30.87 -13.79 20.98
C PHE C 278 31.50 -12.99 19.84
N ALA C 279 32.80 -12.74 19.91
CA ALA C 279 33.47 -12.03 18.81
C ALA C 279 33.49 -12.86 17.51
N ALA C 280 33.18 -14.15 17.63
CA ALA C 280 33.17 -15.05 16.47
C ALA C 280 31.99 -14.75 15.52
N VAL C 281 31.14 -13.79 15.87
CA VAL C 281 30.14 -13.30 14.92
C VAL C 281 30.87 -12.80 13.67
N PHE C 282 32.12 -12.37 13.83
CA PHE C 282 32.97 -12.01 12.69
C PHE C 282 32.97 -13.07 11.59
N ARG C 283 32.89 -14.34 11.98
CA ARG C 283 32.97 -15.44 11.02
C ARG C 283 31.80 -15.46 10.02
N VAL C 284 30.67 -14.87 10.37
CA VAL C 284 29.58 -14.76 9.40
C VAL C 284 29.49 -13.35 8.76
N LEU C 285 30.32 -12.44 9.23
CA LEU C 285 30.34 -11.10 8.67
C LEU C 285 31.39 -10.96 7.57
N GLU C 286 32.54 -11.60 7.76
CA GLU C 286 33.55 -11.58 6.72
C GLU C 286 33.30 -12.72 5.73
N ALA C 287 33.64 -12.49 4.47
CA ALA C 287 33.37 -13.44 3.39
C ALA C 287 33.96 -14.83 3.69
N MET D 1 -26.77 -33.79 19.90
CA MET D 1 -27.06 -32.43 19.47
C MET D 1 -25.99 -31.46 19.97
N THR D 2 -24.98 -31.21 19.13
CA THR D 2 -23.83 -30.38 19.52
C THR D 2 -24.23 -28.94 19.86
N THR D 3 -23.89 -28.49 21.07
CA THR D 3 -24.04 -27.08 21.43
C THR D 3 -22.69 -26.37 21.34
N TYR D 4 -22.71 -25.06 21.10
CA TYR D 4 -21.47 -24.31 20.89
C TYR D 4 -21.24 -23.18 21.90
N GLY D 5 -19.98 -22.97 22.28
CA GLY D 5 -19.55 -21.82 23.05
C GLY D 5 -18.62 -20.93 22.23
N PHE D 6 -18.54 -19.67 22.59
CA PHE D 6 -17.62 -18.77 21.90
C PHE D 6 -17.04 -17.74 22.87
N LEU D 7 -15.72 -17.72 23.00
CA LEU D 7 -15.03 -16.79 23.89
C LEU D 7 -14.26 -15.77 23.09
N GLY D 8 -14.48 -14.48 23.37
CA GLY D 8 -13.75 -13.44 22.66
C GLY D 8 -14.55 -12.91 21.49
N LEU D 9 -15.24 -11.80 21.72
CA LEU D 9 -16.10 -11.20 20.72
C LEU D 9 -15.50 -9.90 20.19
N GLY D 10 -14.26 -9.99 19.71
CA GLY D 10 -13.55 -8.82 19.19
C GLY D 10 -13.85 -8.57 17.72
N ILE D 11 -12.91 -7.93 17.04
CA ILE D 11 -13.06 -7.61 15.62
C ILE D 11 -13.34 -8.88 14.80
N MET D 12 -12.61 -9.96 15.10
CA MET D 12 -12.85 -11.22 14.41
C MET D 12 -13.95 -12.06 15.08
N GLY D 13 -13.88 -12.16 16.40
CA GLY D 13 -14.80 -13.04 17.13
C GLY D 13 -16.27 -12.66 17.02
N GLY D 14 -16.56 -11.37 17.04
CA GLY D 14 -17.95 -10.93 16.94
C GLY D 14 -18.62 -11.48 15.69
N PRO D 15 -18.07 -11.18 14.51
CA PRO D 15 -18.66 -11.67 13.27
C PRO D 15 -18.63 -13.19 13.17
N MET D 16 -17.60 -13.82 13.73
CA MET D 16 -17.53 -15.28 13.65
C MET D 16 -18.65 -15.91 14.47
N ALA D 17 -18.81 -15.46 15.72
CA ALA D 17 -19.90 -15.96 16.57
C ALA D 17 -21.25 -15.67 15.94
N ALA D 18 -21.37 -14.52 15.29
CA ALA D 18 -22.60 -14.14 14.64
C ALA D 18 -22.93 -15.10 13.48
N ASN D 19 -21.90 -15.54 12.74
CA ASN D 19 -22.14 -16.51 11.67
C ASN D 19 -22.68 -17.82 12.25
N LEU D 20 -22.17 -18.23 13.40
CA LEU D 20 -22.67 -19.46 14.03
C LEU D 20 -24.14 -19.30 14.44
N VAL D 21 -24.47 -18.17 15.05
CA VAL D 21 -25.87 -17.92 15.42
C VAL D 21 -26.77 -17.89 14.18
N ARG D 22 -26.33 -17.21 13.13
CA ARG D 22 -27.18 -17.11 11.94
C ARG D 22 -27.35 -18.45 11.26
N ALA D 23 -26.33 -19.31 11.31
CA ALA D 23 -26.43 -20.64 10.71
C ALA D 23 -27.39 -21.54 11.47
N GLY D 24 -27.77 -21.14 12.68
CA GLY D 24 -28.78 -21.89 13.42
C GLY D 24 -28.24 -22.73 14.58
N PHE D 25 -26.98 -22.56 14.91
CA PHE D 25 -26.40 -23.25 16.06
C PHE D 25 -26.84 -22.63 17.39
N ASP D 26 -26.89 -23.45 18.44
CA ASP D 26 -27.14 -22.99 19.81
C ASP D 26 -25.81 -22.48 20.35
N VAL D 27 -25.69 -21.16 20.47
CA VAL D 27 -24.40 -20.56 20.82
C VAL D 27 -24.46 -19.82 22.16
N THR D 28 -23.48 -20.06 23.02
CA THR D 28 -23.33 -19.33 24.28
C THR D 28 -22.05 -18.51 24.19
N VAL D 29 -22.15 -17.20 24.42
CA VAL D 29 -21.00 -16.34 24.26
C VAL D 29 -20.48 -15.77 25.58
N TRP D 30 -19.20 -15.44 25.60
CA TRP D 30 -18.60 -14.70 26.71
C TRP D 30 -17.54 -13.75 26.16
N ASN D 31 -17.41 -12.59 26.77
CA ASN D 31 -16.31 -11.68 26.46
C ASN D 31 -15.89 -10.97 27.75
N ARG D 32 -14.59 -10.77 27.93
CA ARG D 32 -14.06 -10.08 29.11
C ARG D 32 -14.84 -8.78 29.40
N ASN D 33 -15.00 -7.94 28.40
CA ASN D 33 -15.91 -6.80 28.50
C ASN D 33 -17.29 -7.27 28.05
N PRO D 34 -18.22 -7.43 29.01
CA PRO D 34 -19.52 -8.02 28.71
C PRO D 34 -20.39 -7.19 27.76
N ALA D 35 -20.07 -5.90 27.61
CA ALA D 35 -20.86 -5.06 26.69
C ALA D 35 -20.84 -5.58 25.26
N LYS D 36 -19.74 -6.22 24.86
CA LYS D 36 -19.63 -6.70 23.48
C LYS D 36 -20.53 -7.91 23.19
N CYS D 37 -21.11 -8.48 24.24
CA CYS D 37 -22.06 -9.58 24.06
C CYS D 37 -23.44 -9.13 23.57
N ALA D 38 -23.82 -7.88 23.83
CA ALA D 38 -25.17 -7.41 23.52
C ALA D 38 -25.64 -7.72 22.10
N PRO D 39 -24.85 -7.35 21.09
CA PRO D 39 -25.27 -7.57 19.71
C PRO D 39 -25.48 -9.05 19.42
N LEU D 40 -24.66 -9.92 20.01
CA LEU D 40 -24.80 -11.35 19.77
C LEU D 40 -26.04 -11.95 20.44
N VAL D 41 -26.31 -11.52 21.67
CA VAL D 41 -27.53 -11.93 22.35
C VAL D 41 -28.76 -11.45 21.55
N ALA D 42 -28.66 -10.26 20.98
CA ALA D 42 -29.76 -9.71 20.20
C ALA D 42 -30.04 -10.57 18.95
N LEU D 43 -29.03 -11.29 18.49
CA LEU D 43 -29.18 -12.17 17.33
C LEU D 43 -29.70 -13.56 17.71
N GLY D 44 -29.66 -13.88 19.00
CA GLY D 44 -30.15 -15.17 19.46
C GLY D 44 -29.20 -16.00 20.31
N ALA D 45 -27.98 -15.51 20.52
CA ALA D 45 -27.06 -16.18 21.42
C ALA D 45 -27.49 -16.05 22.87
N ARG D 46 -27.08 -17.01 23.70
CA ARG D 46 -27.17 -16.81 25.14
C ARG D 46 -25.84 -16.31 25.67
N GLN D 47 -25.83 -15.78 26.88
CA GLN D 47 -24.64 -15.19 27.45
C GLN D 47 -24.24 -15.91 28.74
N ALA D 48 -22.94 -16.12 28.91
CA ALA D 48 -22.42 -16.74 30.13
C ALA D 48 -21.50 -15.79 30.89
N SER D 49 -21.28 -16.09 32.16
CA SER D 49 -20.49 -15.23 33.07
C SER D 49 -18.99 -15.49 33.05
N SER D 50 -18.57 -16.63 32.53
CA SER D 50 -17.15 -16.99 32.55
C SER D 50 -16.83 -18.09 31.55
N PRO D 51 -15.54 -18.20 31.17
CA PRO D 51 -15.11 -19.31 30.30
C PRO D 51 -15.42 -20.67 30.90
N ALA D 52 -15.26 -20.81 32.21
CA ALA D 52 -15.56 -22.07 32.89
C ALA D 52 -17.03 -22.47 32.67
N GLU D 53 -17.92 -21.50 32.82
CA GLU D 53 -19.34 -21.70 32.64
C GLU D 53 -19.66 -22.15 31.23
N VAL D 54 -18.99 -21.56 30.24
CA VAL D 54 -19.22 -21.93 28.85
C VAL D 54 -18.74 -23.36 28.58
N CYS D 55 -17.52 -23.67 28.99
CA CYS D 55 -16.89 -24.96 28.70
C CYS D 55 -17.48 -26.14 29.47
N ALA D 56 -18.21 -25.85 30.55
CA ALA D 56 -18.89 -26.91 31.30
C ALA D 56 -20.20 -27.29 30.61
N ALA D 57 -20.77 -26.35 29.86
CA ALA D 57 -22.13 -26.51 29.35
C ALA D 57 -22.21 -26.74 27.84
N CYS D 58 -21.12 -26.46 27.12
CA CYS D 58 -21.13 -26.57 25.66
C CYS D 58 -20.27 -27.71 25.15
N ASP D 59 -20.74 -28.39 24.10
CA ASP D 59 -20.00 -29.50 23.48
C ASP D 59 -18.72 -29.05 22.79
N ILE D 60 -18.77 -27.91 22.12
CA ILE D 60 -17.60 -27.33 21.48
C ILE D 60 -17.51 -25.85 21.76
N THR D 61 -16.38 -25.41 22.30
CA THR D 61 -16.17 -24.00 22.56
C THR D 61 -15.02 -23.48 21.71
N ILE D 62 -15.26 -22.36 21.02
CA ILE D 62 -14.25 -21.69 20.22
C ILE D 62 -13.79 -20.41 20.90
N ALA D 63 -12.48 -20.14 20.85
CA ALA D 63 -11.95 -18.88 21.40
C ALA D 63 -11.27 -18.09 20.28
N MET D 64 -11.44 -16.77 20.30
CA MET D 64 -10.79 -15.91 19.31
C MET D 64 -10.23 -14.73 20.10
N LEU D 65 -9.05 -14.92 20.66
CA LEU D 65 -8.50 -13.96 21.63
C LEU D 65 -7.26 -13.24 21.07
N ALA D 66 -6.88 -12.14 21.71
CA ALA D 66 -5.86 -11.26 21.18
C ALA D 66 -4.51 -11.91 20.95
N ASP D 67 -3.98 -12.59 21.95
CA ASP D 67 -2.57 -12.97 21.93
C ASP D 67 -2.27 -14.09 22.92
N PRO D 68 -1.00 -14.55 22.98
CA PRO D 68 -0.68 -15.64 23.90
C PRO D 68 -1.07 -15.35 25.36
N ALA D 69 -0.84 -14.12 25.81
CA ALA D 69 -1.20 -13.78 27.20
C ALA D 69 -2.71 -13.94 27.44
N ALA D 70 -3.51 -13.47 26.49
CA ALA D 70 -4.97 -13.59 26.60
C ALA D 70 -5.39 -15.06 26.57
N ALA D 71 -4.81 -15.82 25.65
CA ALA D 71 -5.16 -17.23 25.51
C ALA D 71 -4.82 -18.00 26.79
N ARG D 72 -3.65 -17.74 27.34
CA ARG D 72 -3.24 -18.40 28.56
C ARG D 72 -4.09 -17.98 29.73
N GLU D 73 -4.43 -16.69 29.80
CA GLU D 73 -5.25 -16.22 30.92
C GLU D 73 -6.65 -16.84 30.90
N VAL D 74 -7.25 -16.90 29.72
CA VAL D 74 -8.59 -17.48 29.59
C VAL D 74 -8.57 -18.99 29.86
N CYS D 75 -7.48 -19.64 29.46
CA CYS D 75 -7.34 -21.07 29.72
C CYS D 75 -7.00 -21.38 31.18
N PHE D 76 -5.91 -20.78 31.68
CA PHE D 76 -5.35 -21.15 32.98
C PHE D 76 -5.82 -20.31 34.17
N GLY D 77 -6.44 -19.16 33.91
CA GLY D 77 -6.82 -18.24 34.97
C GLY D 77 -8.03 -18.70 35.77
N ALA D 78 -8.37 -17.94 36.81
CA ALA D 78 -9.54 -18.25 37.63
C ALA D 78 -10.80 -18.22 36.79
N ASN D 79 -11.69 -19.19 37.03
CA ASN D 79 -12.91 -19.37 36.25
C ASN D 79 -12.65 -19.51 34.75
N GLY D 80 -11.48 -20.02 34.42
CA GLY D 80 -11.10 -20.21 33.02
C GLY D 80 -11.52 -21.55 32.45
N VAL D 81 -11.08 -21.82 31.22
CA VAL D 81 -11.46 -23.02 30.49
C VAL D 81 -11.26 -24.32 31.31
N LEU D 82 -10.10 -24.46 31.93
CA LEU D 82 -9.76 -25.71 32.64
C LEU D 82 -10.71 -26.02 33.80
N GLU D 83 -11.39 -24.99 34.32
CA GLU D 83 -12.33 -25.17 35.43
C GLU D 83 -13.65 -25.77 34.97
N GLY D 84 -13.89 -25.79 33.65
CA GLY D 84 -15.16 -26.25 33.13
C GLY D 84 -15.06 -27.37 32.11
N ILE D 85 -13.95 -27.40 31.36
CA ILE D 85 -13.78 -28.39 30.29
C ILE D 85 -13.63 -29.79 30.88
N GLY D 86 -14.07 -30.80 30.14
CA GLY D 86 -14.02 -32.18 30.58
C GLY D 86 -15.02 -33.02 29.81
N GLY D 87 -15.10 -34.30 30.14
CA GLY D 87 -16.11 -35.17 29.54
C GLY D 87 -16.05 -35.28 28.03
N GLY D 88 -14.86 -35.03 27.47
CA GLY D 88 -14.70 -35.13 26.03
C GLY D 88 -15.20 -33.90 25.29
N ARG D 89 -15.62 -32.88 26.03
CA ARG D 89 -16.03 -31.62 25.41
C ARG D 89 -14.82 -30.98 24.73
N GLY D 90 -15.08 -30.22 23.67
CA GLY D 90 -14.00 -29.72 22.83
C GLY D 90 -13.66 -28.25 23.06
N TYR D 91 -12.38 -27.93 22.92
CA TYR D 91 -11.94 -26.55 22.95
C TYR D 91 -11.13 -26.26 21.70
N ILE D 92 -11.59 -25.29 20.92
CA ILE D 92 -10.94 -24.94 19.66
C ILE D 92 -10.40 -23.52 19.74
N ASP D 93 -9.10 -23.37 19.90
CA ASP D 93 -8.55 -22.04 20.06
C ASP D 93 -8.12 -21.53 18.69
N MET D 94 -8.81 -20.50 18.21
CA MET D 94 -8.56 -19.96 16.88
C MET D 94 -7.71 -18.69 16.95
N SER D 95 -7.25 -18.35 18.15
CA SER D 95 -6.38 -17.19 18.35
C SER D 95 -5.03 -17.40 17.68
N THR D 96 -4.40 -16.33 17.22
CA THR D 96 -3.04 -16.44 16.71
C THR D 96 -2.06 -16.33 17.87
N VAL D 97 -1.44 -17.46 18.19
CA VAL D 97 -0.47 -17.56 19.27
C VAL D 97 0.74 -18.34 18.79
N ASP D 98 1.77 -18.42 19.63
CA ASP D 98 2.95 -19.22 19.31
C ASP D 98 2.68 -20.70 19.54
N ASP D 99 3.51 -21.57 18.96
CA ASP D 99 3.31 -23.00 19.09
C ASP D 99 3.50 -23.51 20.52
N GLU D 100 4.28 -22.82 21.33
CA GLU D 100 4.48 -23.33 22.69
C GLU D 100 3.24 -23.07 23.55
N THR D 101 2.59 -21.96 23.28
CA THR D 101 1.32 -21.66 23.96
C THR D 101 0.20 -22.64 23.59
N SER D 102 0.02 -22.91 22.29
CA SER D 102 -1.08 -23.79 21.91
C SER D 102 -0.79 -25.20 22.41
N THR D 103 0.48 -25.61 22.35
CA THR D 103 0.87 -26.91 22.88
C THR D 103 0.56 -27.04 24.38
N ALA D 104 0.85 -25.98 25.13
CA ALA D 104 0.62 -26.01 26.58
C ALA D 104 -0.87 -26.04 26.93
N ILE D 105 -1.66 -25.25 26.21
CA ILE D 105 -3.10 -25.21 26.42
C ILE D 105 -3.71 -26.57 26.05
N GLY D 106 -3.27 -27.12 24.93
CA GLY D 106 -3.77 -28.41 24.48
C GLY D 106 -3.50 -29.50 25.50
N ALA D 107 -2.26 -29.56 26.00
CA ALA D 107 -1.89 -30.55 27.01
C ALA D 107 -2.75 -30.43 28.26
N ALA D 108 -2.98 -29.21 28.73
CA ALA D 108 -3.77 -28.97 29.93
C ALA D 108 -5.25 -29.32 29.71
N VAL D 109 -5.77 -28.99 28.53
CA VAL D 109 -7.15 -29.33 28.22
C VAL D 109 -7.33 -30.85 28.19
N THR D 110 -6.40 -31.52 27.53
CA THR D 110 -6.45 -32.97 27.41
C THR D 110 -6.33 -33.64 28.77
N ALA D 111 -5.55 -33.04 29.67
CA ALA D 111 -5.37 -33.61 30.99
C ALA D 111 -6.65 -33.53 31.82
N ARG D 112 -7.51 -32.56 31.50
CA ARG D 112 -8.81 -32.40 32.16
C ARG D 112 -9.90 -33.24 31.50
N GLY D 113 -9.54 -34.03 30.49
CA GLY D 113 -10.50 -34.89 29.83
C GLY D 113 -11.19 -34.23 28.65
N GLY D 114 -10.69 -33.05 28.25
CA GLY D 114 -11.21 -32.34 27.10
C GLY D 114 -10.51 -32.77 25.82
N ARG D 115 -11.05 -32.36 24.67
CA ARG D 115 -10.35 -32.49 23.41
C ARG D 115 -9.92 -31.11 22.94
N PHE D 116 -8.71 -31.02 22.39
CA PHE D 116 -8.20 -29.73 21.92
C PHE D 116 -7.85 -29.69 20.44
N LEU D 117 -8.19 -28.58 19.81
CA LEU D 117 -7.80 -28.30 18.44
C LEU D 117 -7.36 -26.85 18.37
N GLU D 118 -6.19 -26.58 17.80
CA GLU D 118 -5.83 -25.20 17.47
C GLU D 118 -6.30 -24.94 16.04
N ALA D 119 -6.79 -23.73 15.76
CA ALA D 119 -7.31 -23.45 14.43
C ALA D 119 -7.21 -21.97 14.05
N PRO D 120 -5.98 -21.42 14.06
CA PRO D 120 -5.84 -20.02 13.67
C PRO D 120 -6.31 -19.85 12.21
N VAL D 121 -6.61 -18.62 11.81
CA VAL D 121 -7.17 -18.38 10.49
C VAL D 121 -6.38 -17.37 9.67
N SER D 122 -6.45 -17.51 8.36
CA SER D 122 -5.91 -16.49 7.47
C SER D 122 -7.11 -15.80 6.83
N GLY D 123 -7.18 -14.47 6.96
CA GLY D 123 -8.31 -13.71 6.47
C GLY D 123 -8.65 -12.68 7.53
N THR D 124 -9.05 -11.47 7.13
CA THR D 124 -9.23 -10.36 8.06
C THR D 124 -10.72 -10.12 8.36
N LYS D 125 -11.07 -8.87 8.70
CA LYS D 125 -12.43 -8.57 9.15
C LYS D 125 -13.53 -8.94 8.14
N LYS D 126 -13.37 -8.55 6.88
CA LYS D 126 -14.42 -8.85 5.89
C LYS D 126 -14.61 -10.36 5.69
N PRO D 127 -13.52 -11.11 5.52
CA PRO D 127 -13.69 -12.58 5.45
C PRO D 127 -14.33 -13.18 6.71
N ALA D 128 -14.01 -12.65 7.88
CA ALA D 128 -14.69 -13.11 9.10
C ALA D 128 -16.19 -12.86 9.00
N GLU D 129 -16.57 -11.66 8.54
CA GLU D 129 -17.99 -11.34 8.35
C GLU D 129 -18.65 -12.26 7.33
N ASP D 130 -17.95 -12.52 6.22
CA ASP D 130 -18.54 -13.24 5.08
C ASP D 130 -18.47 -14.75 5.23
N GLY D 131 -17.67 -15.23 6.17
CA GLY D 131 -17.53 -16.66 6.38
C GLY D 131 -16.57 -17.25 5.36
N THR D 132 -15.60 -16.45 4.92
CA THR D 132 -14.64 -16.91 3.92
C THR D 132 -13.21 -17.04 4.46
N LEU D 133 -13.08 -17.36 5.74
CA LEU D 133 -11.76 -17.50 6.34
C LEU D 133 -11.07 -18.75 5.80
N ILE D 134 -9.75 -18.78 5.88
CA ILE D 134 -8.99 -20.00 5.66
C ILE D 134 -8.59 -20.55 7.04
N ILE D 135 -9.03 -21.76 7.36
CA ILE D 135 -8.84 -22.29 8.70
C ILE D 135 -7.67 -23.28 8.73
N LEU D 136 -6.68 -22.99 9.57
CA LEU D 136 -5.42 -23.75 9.62
C LEU D 136 -5.36 -24.59 10.89
N ALA D 137 -6.07 -25.70 10.92
CA ALA D 137 -6.26 -26.46 12.14
C ALA D 137 -5.18 -27.51 12.38
N ALA D 138 -4.95 -27.82 13.65
CA ALA D 138 -4.02 -28.89 14.03
C ALA D 138 -4.42 -29.41 15.41
N GLY D 139 -4.29 -30.72 15.63
CA GLY D 139 -4.72 -31.30 16.89
C GLY D 139 -5.70 -32.45 16.73
N ASP D 140 -6.61 -32.59 17.70
CA ASP D 140 -7.51 -33.73 17.75
C ASP D 140 -8.36 -33.91 16.49
N GLN D 141 -8.19 -35.02 15.79
CA GLN D 141 -8.91 -35.23 14.54
C GLN D 141 -10.42 -35.44 14.69
N SER D 142 -10.86 -36.08 15.78
CA SER D 142 -12.29 -36.24 16.01
C SER D 142 -12.95 -34.89 16.22
N LEU D 143 -12.25 -33.99 16.90
CA LEU D 143 -12.80 -32.65 17.13
C LEU D 143 -12.84 -31.84 15.82
N PHE D 144 -11.81 -31.97 15.00
CA PHE D 144 -11.80 -31.34 13.67
C PHE D 144 -13.02 -31.80 12.87
N THR D 145 -13.31 -33.11 12.92
CA THR D 145 -14.47 -33.66 12.20
C THR D 145 -15.80 -33.17 12.79
N ASP D 146 -15.90 -33.22 14.10
CA ASP D 146 -17.11 -32.76 14.79
C ASP D 146 -17.42 -31.30 14.51
N ALA D 147 -16.39 -30.50 14.29
CA ALA D 147 -16.58 -29.06 14.10
C ALA D 147 -16.89 -28.68 12.65
N GLY D 148 -16.96 -29.69 11.79
CA GLY D 148 -17.12 -29.48 10.36
C GLY D 148 -18.20 -28.47 9.98
N PRO D 149 -19.42 -28.68 10.48
CA PRO D 149 -20.52 -27.78 10.11
C PRO D 149 -20.30 -26.35 10.61
N ALA D 150 -19.72 -26.19 11.79
CA ALA D 150 -19.39 -24.86 12.29
C ALA D 150 -18.31 -24.21 11.43
N PHE D 151 -17.31 -24.99 11.04
CA PHE D 151 -16.22 -24.47 10.22
C PHE D 151 -16.74 -24.03 8.85
N ALA D 152 -17.78 -24.71 8.37
CA ALA D 152 -18.39 -24.34 7.09
C ALA D 152 -19.09 -22.99 7.16
N ALA D 153 -19.59 -22.64 8.33
CA ALA D 153 -20.19 -21.32 8.55
C ALA D 153 -19.13 -20.24 8.73
N LEU D 154 -17.93 -20.63 9.13
CA LEU D 154 -16.85 -19.69 9.41
C LEU D 154 -15.88 -19.47 8.26
N GLY D 155 -15.67 -20.49 7.43
CA GLY D 155 -14.59 -20.42 6.45
C GLY D 155 -14.92 -21.02 5.10
N LYS D 156 -14.08 -20.72 4.12
CA LYS D 156 -14.22 -21.26 2.76
C LYS D 156 -13.26 -22.42 2.54
N LYS D 157 -12.25 -22.52 3.39
CA LYS D 157 -11.18 -23.51 3.21
C LYS D 157 -10.70 -23.94 4.58
N CYS D 158 -10.57 -25.23 4.77
CA CYS D 158 -10.16 -25.79 6.06
CA CYS D 158 -10.15 -25.78 6.06
C CYS D 158 -9.10 -26.86 5.85
N LEU D 159 -7.97 -26.72 6.52
CA LEU D 159 -6.89 -27.70 6.43
C LEU D 159 -6.60 -28.28 7.80
N HIS D 160 -6.26 -29.56 7.84
CA HIS D 160 -5.70 -30.15 9.06
C HIS D 160 -4.21 -30.40 8.84
N LEU D 161 -3.38 -29.71 9.62
CA LEU D 161 -1.94 -29.68 9.38
C LEU D 161 -1.14 -30.62 10.27
N GLY D 162 -1.82 -31.45 11.07
CA GLY D 162 -1.14 -32.46 11.87
C GLY D 162 -1.19 -32.21 13.36
N GLU D 163 -0.06 -32.36 14.03
CA GLU D 163 0.03 -32.20 15.48
C GLU D 163 -0.08 -30.74 15.89
N VAL D 164 -0.60 -30.51 17.09
CA VAL D 164 -0.69 -29.18 17.65
C VAL D 164 0.66 -28.47 17.55
N GLY D 165 0.63 -27.21 17.13
CA GLY D 165 1.85 -26.47 16.91
C GLY D 165 2.02 -26.19 15.43
N GLN D 166 1.64 -27.16 14.59
CA GLN D 166 1.77 -27.01 13.15
C GLN D 166 0.86 -25.92 12.58
N GLY D 167 -0.33 -25.75 13.16
CA GLY D 167 -1.22 -24.69 12.70
C GLY D 167 -0.68 -23.31 13.08
N ALA D 168 -0.23 -23.19 14.32
CA ALA D 168 0.39 -21.96 14.79
C ALA D 168 1.59 -21.57 13.90
N ARG D 169 2.43 -22.54 13.60
CA ARG D 169 3.60 -22.27 12.78
C ARG D 169 3.22 -21.83 11.37
N MET D 170 2.23 -22.50 10.76
CA MET D 170 1.78 -22.09 9.43
C MET D 170 1.25 -20.67 9.48
N LYS D 171 0.45 -20.36 10.51
CA LYS D 171 -0.15 -19.03 10.60
C LYS D 171 0.95 -17.97 10.76
N LEU D 172 1.95 -18.24 11.58
CA LEU D 172 3.00 -17.27 11.83
C LEU D 172 3.85 -17.05 10.58
N VAL D 173 4.09 -18.12 9.83
CA VAL D 173 4.86 -18.03 8.60
C VAL D 173 4.08 -17.19 7.58
N VAL D 174 2.80 -17.51 7.42
CA VAL D 174 1.97 -16.73 6.50
C VAL D 174 1.94 -15.24 6.88
N ASN D 175 1.75 -14.95 8.16
CA ASN D 175 1.68 -13.53 8.55
C ASN D 175 3.00 -12.80 8.55
N MET D 176 4.11 -13.53 8.69
CA MET D 176 5.41 -12.91 8.60
C MET D 176 5.62 -12.38 7.19
N ILE D 177 5.22 -13.17 6.20
CA ILE D 177 5.25 -12.72 4.81
C ILE D 177 4.34 -11.49 4.63
N MET D 178 3.13 -11.56 5.17
CA MET D 178 2.19 -10.45 5.03
C MET D 178 2.72 -9.15 5.63
N GLY D 179 3.33 -9.24 6.81
CA GLY D 179 3.88 -8.06 7.47
C GLY D 179 4.96 -7.41 6.62
N GLN D 180 5.84 -8.23 6.06
CA GLN D 180 6.90 -7.72 5.21
C GLN D 180 6.36 -7.15 3.90
N MET D 181 5.28 -7.74 3.38
CA MET D 181 4.66 -7.19 2.17
C MET D 181 4.06 -5.82 2.45
N MET D 182 3.55 -5.63 3.65
CA MET D 182 2.94 -4.34 3.99
C MET D 182 3.99 -3.23 4.12
N THR D 183 5.13 -3.51 4.75
CA THR D 183 6.20 -2.52 4.79
C THR D 183 6.79 -2.27 3.40
N ALA D 184 6.85 -3.30 2.56
CA ALA D 184 7.35 -3.11 1.21
C ALA D 184 6.42 -2.17 0.45
N LEU D 185 5.12 -2.44 0.50
CA LEU D 185 4.18 -1.53 -0.16
C LEU D 185 4.24 -0.13 0.42
N GLY D 186 4.33 -0.06 1.74
CA GLY D 186 4.38 1.23 2.40
C GLY D 186 5.60 2.04 2.01
N GLU D 187 6.77 1.40 2.03
CA GLU D 187 8.00 2.05 1.64
C GLU D 187 7.96 2.47 0.17
N GLY D 188 7.42 1.61 -0.69
CA GLY D 188 7.30 1.96 -2.10
C GLY D 188 6.43 3.17 -2.34
N MET D 189 5.29 3.22 -1.68
CA MET D 189 4.36 4.33 -1.84
C MET D 189 4.97 5.61 -1.27
N ALA D 190 5.70 5.48 -0.16
CA ALA D 190 6.33 6.65 0.45
C ALA D 190 7.41 7.21 -0.48
N LEU D 191 8.26 6.34 -1.01
CA LEU D 191 9.29 6.77 -1.95
C LEU D 191 8.64 7.37 -3.20
N GLY D 192 7.62 6.68 -3.71
CA GLY D 192 6.91 7.14 -4.89
C GLY D 192 6.34 8.54 -4.76
N ARG D 193 5.69 8.82 -3.63
CA ARG D 193 5.10 10.15 -3.44
C ARG D 193 6.19 11.20 -3.30
N ASN D 194 7.29 10.82 -2.67
CA ASN D 194 8.45 11.69 -2.57
C ASN D 194 9.07 11.99 -3.95
N CYS D 195 8.97 11.02 -4.86
CA CYS D 195 9.44 11.17 -6.25
C CYS D 195 8.53 12.03 -7.13
N GLY D 196 7.40 12.46 -6.60
CA GLY D 196 6.43 13.17 -7.40
C GLY D 196 5.58 12.27 -8.26
N LEU D 197 5.60 10.97 -8.01
CA LEU D 197 4.77 10.04 -8.79
C LEU D 197 3.35 10.06 -8.28
N ASP D 198 2.40 9.77 -9.16
CA ASP D 198 1.01 9.62 -8.77
C ASP D 198 0.80 8.25 -8.12
N GLY D 199 0.35 8.23 -6.86
CA GLY D 199 0.14 6.98 -6.16
C GLY D 199 -0.85 6.02 -6.82
N GLY D 200 -1.91 6.58 -7.40
CA GLY D 200 -2.88 5.77 -8.13
C GLY D 200 -2.23 5.03 -9.30
N GLN D 201 -1.33 5.70 -10.00
CA GLN D 201 -0.64 5.09 -11.14
C GLN D 201 0.32 4.01 -10.68
N LEU D 202 1.00 4.25 -9.56
CA LEU D 202 1.87 3.23 -9.01
C LEU D 202 1.05 1.96 -8.76
N LEU D 203 -0.10 2.10 -8.11
CA LEU D 203 -0.97 0.96 -7.84
C LEU D 203 -1.45 0.26 -9.11
N GLU D 204 -1.73 1.04 -10.14
CA GLU D 204 -2.15 0.52 -11.44
C GLU D 204 -1.03 -0.31 -12.09
N VAL D 205 0.21 0.17 -12.00
CA VAL D 205 1.36 -0.58 -12.52
C VAL D 205 1.56 -1.92 -11.77
N LEU D 206 1.44 -1.87 -10.45
CA LEU D 206 1.56 -3.09 -9.64
C LEU D 206 0.44 -4.09 -9.98
N ASP D 207 -0.76 -3.58 -10.21
CA ASP D 207 -1.90 -4.45 -10.48
C ASP D 207 -1.87 -5.06 -11.89
N ALA D 208 -1.01 -4.53 -12.76
CA ALA D 208 -0.93 -5.05 -14.12
C ALA D 208 0.20 -6.07 -14.30
N GLY D 209 1.02 -6.23 -13.26
CA GLY D 209 2.19 -7.08 -13.36
C GLY D 209 2.15 -8.29 -12.44
N ALA D 210 3.30 -8.92 -12.26
CA ALA D 210 3.39 -10.21 -11.57
C ALA D 210 3.15 -10.15 -10.06
N MET D 211 3.25 -8.96 -9.47
CA MET D 211 3.03 -8.83 -8.03
C MET D 211 1.56 -8.60 -7.66
N ALA D 212 0.71 -8.40 -8.67
CA ALA D 212 -0.68 -7.99 -8.44
C ALA D 212 -1.38 -8.90 -7.43
N ASN D 213 -1.98 -8.30 -6.41
CA ASN D 213 -2.72 -9.06 -5.40
C ASN D 213 -3.77 -8.18 -4.73
N PRO D 214 -4.81 -8.81 -4.17
CA PRO D 214 -5.91 -8.10 -3.49
C PRO D 214 -5.45 -7.23 -2.32
N MET D 215 -4.44 -7.67 -1.56
CA MET D 215 -3.97 -6.86 -0.43
C MET D 215 -3.43 -5.51 -0.90
N PHE D 216 -2.58 -5.51 -1.92
CA PHE D 216 -2.05 -4.26 -2.48
C PHE D 216 -3.18 -3.36 -2.98
N LYS D 217 -4.16 -3.95 -3.65
CA LYS D 217 -5.30 -3.16 -4.11
C LYS D 217 -6.07 -2.51 -2.97
N GLY D 218 -6.40 -3.29 -1.94
CA GLY D 218 -7.17 -2.78 -0.82
C GLY D 218 -6.39 -1.84 0.09
N LYS D 219 -5.19 -2.24 0.50
CA LYS D 219 -4.38 -1.40 1.38
C LYS D 219 -3.89 -0.16 0.65
N GLY D 220 -3.65 -0.31 -0.65
CA GLY D 220 -3.22 0.82 -1.48
C GLY D 220 -4.19 1.97 -1.42
N GLN D 221 -5.48 1.68 -1.43
CA GLN D 221 -6.49 2.74 -1.31
C GLN D 221 -6.47 3.45 0.04
N MET D 222 -6.17 2.72 1.10
CA MET D 222 -5.96 3.34 2.41
C MET D 222 -4.81 4.32 2.37
N LEU D 223 -3.69 3.90 1.79
CA LEU D 223 -2.51 4.76 1.71
C LEU D 223 -2.87 6.05 1.00
N LEU D 224 -3.67 5.94 -0.05
CA LEU D 224 -4.06 7.14 -0.81
C LEU D 224 -5.02 8.02 -0.02
N SER D 225 -5.92 7.41 0.74
CA SER D 225 -6.96 8.18 1.45
C SER D 225 -6.47 8.77 2.77
N GLY D 226 -5.41 8.18 3.32
CA GLY D 226 -4.91 8.60 4.63
C GLY D 226 -5.81 8.19 5.79
N GLU D 227 -6.78 7.32 5.53
CA GLU D 227 -7.62 6.77 6.61
C GLU D 227 -7.40 5.26 6.73
N PHE D 228 -7.30 4.76 7.96
CA PHE D 228 -6.94 3.35 8.20
C PHE D 228 -7.93 2.64 9.14
N PRO D 229 -9.21 2.57 8.72
CA PRO D 229 -10.22 1.88 9.53
C PRO D 229 -9.77 0.44 9.72
N THR D 230 -9.97 -0.09 10.92
CA THR D 230 -9.27 -1.32 11.32
C THR D 230 -9.90 -2.59 10.79
N SER D 231 -9.16 -3.32 9.95
CA SER D 231 -9.53 -4.70 9.62
C SER D 231 -8.67 -5.68 10.43
N PHE D 232 -7.38 -5.39 10.51
CA PHE D 232 -6.45 -6.18 11.31
C PHE D 232 -5.64 -5.18 12.15
N PRO D 233 -5.82 -5.17 13.48
CA PRO D 233 -5.16 -4.15 14.28
C PRO D 233 -3.64 -4.18 14.13
N LEU D 234 -3.05 -3.01 13.98
CA LEU D 234 -1.62 -2.88 13.83
C LEU D 234 -0.87 -3.59 14.99
N LYS D 235 -1.38 -3.45 16.20
CA LYS D 235 -0.77 -4.12 17.34
C LYS D 235 -0.72 -5.63 17.17
N HIS D 236 -1.71 -6.22 16.50
CA HIS D 236 -1.71 -7.66 16.31
C HIS D 236 -0.76 -8.12 15.22
N MET D 237 -0.61 -7.31 14.17
CA MET D 237 0.42 -7.58 13.16
C MET D 237 1.79 -7.53 13.82
N GLN D 238 2.02 -6.54 14.67
CA GLN D 238 3.33 -6.43 15.34
C GLN D 238 3.55 -7.65 16.22
N LYS D 239 2.51 -8.06 16.93
CA LYS D 239 2.56 -9.28 17.74
C LYS D 239 2.92 -10.51 16.88
N ASP D 240 2.32 -10.61 15.70
CA ASP D 240 2.61 -11.76 14.83
C ASP D 240 4.07 -11.76 14.37
N LEU D 241 4.62 -10.60 14.06
CA LEU D 241 6.03 -10.52 13.66
C LEU D 241 6.96 -10.88 14.81
N ARG D 242 6.60 -10.40 16.01
CA ARG D 242 7.33 -10.73 17.23
C ARG D 242 7.38 -12.25 17.44
N LEU D 243 6.25 -12.92 17.26
CA LEU D 243 6.22 -14.37 17.46
C LEU D 243 7.01 -15.11 16.39
N ALA D 244 6.98 -14.60 15.16
CA ALA D 244 7.75 -15.21 14.07
C ALA D 244 9.24 -15.10 14.35
N VAL D 245 9.67 -13.94 14.83
CA VAL D 245 11.09 -13.77 15.16
C VAL D 245 11.50 -14.67 16.33
N GLU D 246 10.62 -14.81 17.32
CA GLU D 246 10.91 -15.72 18.46
C GLU D 246 10.92 -17.19 18.01
N LEU D 247 10.03 -17.54 17.09
CA LEU D 247 10.03 -18.89 16.50
C LEU D 247 11.35 -19.14 15.76
N GLY D 248 11.76 -18.18 14.94
CA GLY D 248 13.04 -18.27 14.25
C GLY D 248 14.21 -18.43 15.22
N ASP D 249 14.15 -17.71 16.34
CA ASP D 249 15.18 -17.83 17.37
C ASP D 249 15.27 -19.28 17.81
N ARG D 250 14.13 -19.87 18.15
CA ARG D 250 14.09 -21.25 18.65
C ARG D 250 14.57 -22.26 17.61
N LEU D 251 14.29 -22.01 16.34
CA LEU D 251 14.67 -22.94 15.29
C LEU D 251 16.03 -22.64 14.66
N GLY D 252 16.73 -21.66 15.20
CA GLY D 252 18.02 -21.27 14.64
C GLY D 252 17.91 -20.73 13.22
N GLN D 253 16.81 -20.04 12.94
CA GLN D 253 16.56 -19.49 11.62
C GLN D 253 16.65 -17.98 11.65
N PRO D 254 17.70 -17.41 11.06
CA PRO D 254 17.84 -15.96 11.00
C PRO D 254 16.78 -15.35 10.06
N LEU D 255 16.30 -14.16 10.41
CA LEU D 255 15.23 -13.52 9.68
C LEU D 255 15.47 -12.01 9.65
N HIS D 256 16.49 -11.56 8.95
CA HIS D 256 16.77 -10.11 8.87
C HIS D 256 15.56 -9.30 8.43
N GLY D 257 14.88 -9.74 7.39
CA GLY D 257 13.73 -9.01 6.86
C GLY D 257 12.58 -8.89 7.85
N ALA D 258 12.21 -10.02 8.46
CA ALA D 258 11.13 -9.99 9.45
C ALA D 258 11.53 -9.11 10.63
N ALA D 259 12.77 -9.19 11.05
CA ALA D 259 13.23 -8.43 12.21
C ALA D 259 13.10 -6.94 11.96
N THR D 260 13.52 -6.51 10.77
CA THR D 260 13.39 -5.11 10.37
C THR D 260 11.92 -4.66 10.33
N ALA D 261 11.06 -5.47 9.74
CA ALA D 261 9.62 -5.14 9.69
C ALA D 261 9.02 -5.03 11.09
N ASN D 262 9.40 -5.97 11.96
CA ASN D 262 8.96 -5.97 13.34
C ASN D 262 9.25 -4.62 13.99
N GLU D 263 10.47 -4.13 13.84
CA GLU D 263 10.85 -2.86 14.44
C GLU D 263 10.07 -1.68 13.84
N SER D 264 9.80 -1.73 12.53
CA SER D 264 8.99 -0.65 11.91
C SER D 264 7.56 -0.63 12.48
N PHE D 265 6.98 -1.82 12.66
CA PHE D 265 5.67 -1.91 13.28
C PHE D 265 5.71 -1.43 14.73
N LYS D 266 6.81 -1.66 15.43
CA LYS D 266 6.92 -1.12 16.80
C LYS D 266 6.95 0.40 16.78
N ARG D 267 7.64 0.99 15.80
CA ARG D 267 7.64 2.45 15.66
C ARG D 267 6.22 2.97 15.50
N ALA D 268 5.45 2.27 14.68
CA ALA D 268 4.07 2.71 14.39
C ALA D 268 3.20 2.61 15.64
N ARG D 269 3.40 1.55 16.42
CA ARG D 269 2.75 1.47 17.73
C ARG D 269 3.11 2.62 18.64
N ALA D 270 4.41 2.93 18.72
CA ALA D 270 4.88 3.96 19.64
C ALA D 270 4.33 5.32 19.25
N ALA D 271 4.03 5.48 17.96
CA ALA D 271 3.52 6.73 17.41
C ALA D 271 2.01 6.83 17.51
N GLY D 272 1.38 5.85 18.18
CA GLY D 272 -0.02 5.94 18.53
C GLY D 272 -0.99 5.27 17.57
N HIS D 273 -0.48 4.38 16.72
CA HIS D 273 -1.32 3.76 15.69
C HIS D 273 -1.67 2.31 15.98
N ALA D 274 -1.54 1.91 17.25
CA ALA D 274 -1.72 0.50 17.64
C ALA D 274 -3.09 -0.07 17.28
N ASP D 275 -4.12 0.76 17.37
CA ASP D 275 -5.49 0.30 17.13
C ASP D 275 -6.06 0.70 15.77
N GLU D 276 -5.19 1.17 14.87
CA GLU D 276 -5.61 1.42 13.49
C GLU D 276 -5.34 0.16 12.68
N ASP D 277 -5.72 0.16 11.41
CA ASP D 277 -5.38 -0.99 10.58
C ASP D 277 -3.87 -1.13 10.46
N PHE D 278 -3.38 -2.36 10.30
CA PHE D 278 -1.94 -2.53 10.17
C PHE D 278 -1.31 -1.78 9.00
N ALA D 279 -2.12 -1.40 8.02
CA ALA D 279 -1.58 -0.59 6.91
C ALA D 279 -1.11 0.77 7.40
N ALA D 280 -1.51 1.14 8.61
CA ALA D 280 -1.10 2.43 9.19
C ALA D 280 0.41 2.50 9.51
N VAL D 281 1.13 1.40 9.35
CA VAL D 281 2.59 1.45 9.48
C VAL D 281 3.10 2.48 8.47
N PHE D 282 2.33 2.71 7.40
CA PHE D 282 2.66 3.76 6.43
C PHE D 282 2.89 5.13 7.08
N ARG D 283 2.18 5.40 8.17
CA ARG D 283 2.32 6.70 8.85
C ARG D 283 3.71 6.97 9.38
N VAL D 284 4.50 5.93 9.64
CA VAL D 284 5.87 6.16 10.11
C VAL D 284 6.92 5.90 9.03
N LEU D 285 6.48 5.35 7.90
CA LEU D 285 7.38 5.14 6.75
C LEU D 285 7.44 6.39 5.91
N GLU D 286 6.31 7.07 5.78
CA GLU D 286 6.27 8.31 5.01
C GLU D 286 6.67 9.50 5.89
N ALA D 287 7.21 10.54 5.27
CA ALA D 287 7.59 11.75 5.98
C ALA D 287 6.42 12.71 6.11
N MET E 1 -31.06 -16.59 12.69
CA MET E 1 -30.89 -17.90 13.32
C MET E 1 -31.72 -18.96 12.59
N THR E 2 -31.12 -19.55 11.57
CA THR E 2 -31.80 -20.51 10.71
C THR E 2 -32.38 -21.72 11.48
N THR E 3 -33.66 -22.00 11.24
CA THR E 3 -34.27 -23.22 11.74
C THR E 3 -34.56 -24.13 10.54
N TYR E 4 -34.59 -25.45 10.76
CA TYR E 4 -34.64 -26.41 9.66
C TYR E 4 -35.81 -27.37 9.70
N GLY E 5 -36.33 -27.69 8.51
CA GLY E 5 -37.41 -28.66 8.37
C GLY E 5 -36.92 -29.85 7.57
N PHE E 6 -37.50 -31.03 7.80
CA PHE E 6 -37.14 -32.21 7.00
C PHE E 6 -38.36 -33.06 6.69
N LEU E 7 -38.63 -33.24 5.41
CA LEU E 7 -39.76 -34.03 4.95
C LEU E 7 -39.28 -35.32 4.30
N GLY E 8 -39.76 -36.46 4.77
CA GLY E 8 -39.44 -37.72 4.14
C GLY E 8 -38.28 -38.41 4.83
N LEU E 9 -38.61 -39.32 5.73
CA LEU E 9 -37.62 -39.99 6.55
C LEU E 9 -37.52 -41.46 6.15
N GLY E 10 -37.03 -41.71 4.94
CA GLY E 10 -36.85 -43.07 4.46
C GLY E 10 -35.43 -43.53 4.69
N ILE E 11 -34.96 -44.46 3.85
CA ILE E 11 -33.61 -44.99 3.94
C ILE E 11 -32.55 -43.89 3.93
N MET E 12 -32.73 -42.89 3.07
CA MET E 12 -31.81 -41.75 3.01
C MET E 12 -32.20 -40.62 3.97
N GLY E 13 -33.48 -40.27 3.99
CA GLY E 13 -33.97 -39.14 4.79
C GLY E 13 -33.73 -39.28 6.29
N GLY E 14 -33.91 -40.50 6.80
CA GLY E 14 -33.68 -40.77 8.22
C GLY E 14 -32.28 -40.38 8.69
N PRO E 15 -31.26 -41.02 8.13
CA PRO E 15 -29.86 -40.72 8.46
C PRO E 15 -29.48 -39.26 8.19
N MET E 16 -30.00 -38.65 7.13
CA MET E 16 -29.69 -37.25 6.81
C MET E 16 -30.26 -36.30 7.87
N ALA E 17 -31.54 -36.47 8.19
CA ALA E 17 -32.17 -35.68 9.26
C ALA E 17 -31.41 -35.86 10.57
N ALA E 18 -31.03 -37.09 10.87
CA ALA E 18 -30.26 -37.38 12.09
C ALA E 18 -28.93 -36.65 12.13
N ASN E 19 -28.26 -36.55 10.99
CA ASN E 19 -27.02 -35.80 10.94
C ASN E 19 -27.22 -34.33 11.25
N LEU E 20 -28.34 -33.79 10.79
CA LEU E 20 -28.64 -32.39 11.07
C LEU E 20 -28.88 -32.18 12.57
N VAL E 21 -29.64 -33.08 13.18
CA VAL E 21 -29.89 -32.96 14.62
C VAL E 21 -28.59 -33.07 15.40
N ARG E 22 -27.81 -34.12 15.13
CA ARG E 22 -26.53 -34.30 15.81
C ARG E 22 -25.59 -33.10 15.67
N ALA E 23 -25.61 -32.46 14.49
CA ALA E 23 -24.74 -31.31 14.25
C ALA E 23 -25.18 -30.11 15.09
N GLY E 24 -26.39 -30.18 15.63
CA GLY E 24 -26.86 -29.15 16.55
C GLY E 24 -27.91 -28.20 15.98
N PHE E 25 -28.44 -28.52 14.80
CA PHE E 25 -29.46 -27.68 14.20
C PHE E 25 -30.83 -27.94 14.86
N ASP E 26 -31.67 -26.90 14.87
CA ASP E 26 -33.06 -27.02 15.31
C ASP E 26 -33.88 -27.59 14.16
N VAL E 27 -34.25 -28.86 14.26
CA VAL E 27 -34.88 -29.59 13.16
C VAL E 27 -36.30 -30.04 13.48
N THR E 28 -37.22 -29.78 12.55
CA THR E 28 -38.60 -30.26 12.67
C THR E 28 -38.86 -31.25 11.56
N VAL E 29 -39.27 -32.47 11.90
CA VAL E 29 -39.44 -33.51 10.89
C VAL E 29 -40.90 -33.88 10.65
N TRP E 30 -41.16 -34.41 9.46
CA TRP E 30 -42.45 -34.96 9.10
C TRP E 30 -42.22 -36.12 8.16
N ASN E 31 -43.08 -37.13 8.27
CA ASN E 31 -43.09 -38.26 7.34
C ASN E 31 -44.53 -38.71 7.17
N ARG E 32 -44.88 -39.14 5.96
CA ARG E 32 -46.24 -39.59 5.68
C ARG E 32 -46.66 -40.65 6.70
N ASN E 33 -45.79 -41.64 6.90
CA ASN E 33 -45.93 -42.58 8.00
C ASN E 33 -45.30 -42.01 9.28
N PRO E 34 -46.14 -41.60 10.25
CA PRO E 34 -45.64 -40.84 11.41
C PRO E 34 -44.71 -41.65 12.31
N ALA E 35 -44.81 -42.97 12.25
CA ALA E 35 -43.97 -43.84 13.07
C ALA E 35 -42.48 -43.59 12.85
N LYS E 36 -42.12 -43.16 11.65
CA LYS E 36 -40.70 -42.99 11.29
C LYS E 36 -40.06 -41.78 11.96
N CYS E 37 -40.88 -40.94 12.59
CA CYS E 37 -40.39 -39.74 13.25
C CYS E 37 -39.78 -40.02 14.63
N ALA E 38 -40.26 -41.08 15.26
CA ALA E 38 -39.92 -41.37 16.66
C ALA E 38 -38.41 -41.31 16.94
N PRO E 39 -37.60 -42.03 16.14
CA PRO E 39 -36.16 -42.02 16.42
C PRO E 39 -35.51 -40.64 16.24
N LEU E 40 -36.03 -39.81 15.34
CA LEU E 40 -35.49 -38.47 15.13
C LEU E 40 -35.87 -37.58 16.30
N VAL E 41 -37.13 -37.68 16.74
CA VAL E 41 -37.58 -36.94 17.91
C VAL E 41 -36.76 -37.31 19.15
N ALA E 42 -36.42 -38.59 19.26
CA ALA E 42 -35.62 -39.04 20.40
C ALA E 42 -34.22 -38.41 20.40
N LEU E 43 -33.72 -38.11 19.20
CA LEU E 43 -32.42 -37.48 19.06
C LEU E 43 -32.48 -35.99 19.38
N GLY E 44 -33.67 -35.42 19.31
CA GLY E 44 -33.82 -34.00 19.60
C GLY E 44 -34.66 -33.24 18.60
N ALA E 45 -35.10 -33.91 17.53
CA ALA E 45 -35.98 -33.26 16.56
C ALA E 45 -37.35 -32.97 17.15
N ARG E 46 -38.02 -31.96 16.58
CA ARG E 46 -39.44 -31.74 16.82
C ARG E 46 -40.20 -32.44 15.71
N GLN E 47 -41.48 -32.72 15.94
CA GLN E 47 -42.31 -33.35 14.92
C GLN E 47 -43.47 -32.45 14.50
N ALA E 48 -43.80 -32.45 13.21
CA ALA E 48 -44.92 -31.67 12.69
C ALA E 48 -45.96 -32.59 12.05
N SER E 49 -47.18 -32.07 11.88
CA SER E 49 -48.30 -32.88 11.38
CA SER E 49 -48.30 -32.88 11.38
C SER E 49 -48.47 -32.81 9.86
N SER E 50 -47.82 -31.84 9.23
CA SER E 50 -47.97 -31.68 7.78
C SER E 50 -46.78 -30.94 7.17
N PRO E 51 -46.58 -31.11 5.86
CA PRO E 51 -45.52 -30.33 5.20
C PRO E 51 -45.78 -28.83 5.27
N ALA E 52 -47.04 -28.42 5.20
CA ALA E 52 -47.41 -27.01 5.27
C ALA E 52 -46.94 -26.41 6.59
N GLU E 53 -47.09 -27.19 7.65
CA GLU E 53 -46.74 -26.76 9.00
C GLU E 53 -45.23 -26.55 9.13
N VAL E 54 -44.46 -27.45 8.53
CA VAL E 54 -42.99 -27.34 8.54
C VAL E 54 -42.51 -26.10 7.76
N CYS E 55 -43.04 -25.92 6.56
CA CYS E 55 -42.61 -24.84 5.69
C CYS E 55 -43.08 -23.47 6.13
N ALA E 56 -44.10 -23.44 6.98
CA ALA E 56 -44.56 -22.19 7.57
C ALA E 56 -43.67 -21.75 8.72
N ALA E 57 -42.99 -22.69 9.37
CA ALA E 57 -42.24 -22.37 10.59
C ALA E 57 -40.72 -22.48 10.47
N CYS E 58 -40.24 -23.10 9.40
CA CYS E 58 -38.81 -23.34 9.24
C CYS E 58 -38.19 -22.49 8.13
N ASP E 59 -37.02 -21.90 8.41
CA ASP E 59 -36.31 -21.07 7.43
C ASP E 59 -35.87 -21.85 6.21
N ILE E 60 -35.43 -23.08 6.43
CA ILE E 60 -35.02 -23.95 5.33
C ILE E 60 -35.58 -25.35 5.54
N THR E 61 -36.30 -25.85 4.54
CA THR E 61 -36.91 -27.17 4.63
C THR E 61 -36.34 -28.08 3.55
N ILE E 62 -35.86 -29.25 3.94
CA ILE E 62 -35.31 -30.22 3.02
C ILE E 62 -36.30 -31.35 2.82
N ALA E 63 -36.44 -31.82 1.58
CA ALA E 63 -37.27 -32.99 1.30
C ALA E 63 -36.43 -34.13 0.68
N MET E 64 -36.69 -35.37 1.11
CA MET E 64 -35.99 -36.52 0.54
C MET E 64 -37.01 -37.60 0.23
N LEU E 65 -37.66 -37.48 -0.93
CA LEU E 65 -38.84 -38.30 -1.24
C LEU E 65 -38.57 -39.31 -2.34
N ALA E 66 -39.45 -40.29 -2.47
CA ALA E 66 -39.22 -41.43 -3.34
C ALA E 66 -39.04 -41.10 -4.82
N ASP E 67 -39.95 -40.30 -5.38
CA ASP E 67 -40.00 -40.13 -6.83
C ASP E 67 -40.76 -38.86 -7.22
N PRO E 68 -40.83 -38.55 -8.52
CA PRO E 68 -41.55 -37.33 -8.93
C PRO E 68 -43.01 -37.27 -8.42
N ALA E 69 -43.72 -38.40 -8.45
CA ALA E 69 -45.10 -38.37 -7.95
C ALA E 69 -45.17 -37.96 -6.48
N ALA E 70 -44.26 -38.51 -5.68
CA ALA E 70 -44.20 -38.19 -4.26
C ALA E 70 -43.80 -36.73 -4.07
N ALA E 71 -42.77 -36.29 -4.80
CA ALA E 71 -42.35 -34.90 -4.70
C ALA E 71 -43.47 -33.93 -5.05
N ARG E 72 -44.22 -34.24 -6.11
CA ARG E 72 -45.29 -33.36 -6.56
C ARG E 72 -46.46 -33.36 -5.58
N GLU E 73 -46.74 -34.52 -5.01
CA GLU E 73 -47.82 -34.66 -4.03
C GLU E 73 -47.50 -33.84 -2.78
N VAL E 74 -46.27 -33.97 -2.28
CA VAL E 74 -45.88 -33.26 -1.06
C VAL E 74 -45.85 -31.74 -1.29
N CYS E 75 -45.57 -31.35 -2.53
CA CYS E 75 -45.54 -29.92 -2.90
C CYS E 75 -46.92 -29.34 -3.16
N PHE E 76 -47.67 -30.00 -4.03
CA PHE E 76 -48.91 -29.45 -4.56
C PHE E 76 -50.16 -29.94 -3.84
N GLY E 77 -50.04 -30.99 -3.02
CA GLY E 77 -51.21 -31.62 -2.42
C GLY E 77 -51.78 -30.87 -1.23
N ALA E 78 -52.88 -31.38 -0.67
CA ALA E 78 -53.52 -30.77 0.49
C ALA E 78 -52.54 -30.72 1.65
N ASN E 79 -52.53 -29.59 2.35
CA ASN E 79 -51.58 -29.36 3.43
C ASN E 79 -50.13 -29.53 2.98
N GLY E 80 -49.87 -29.26 1.70
CA GLY E 80 -48.53 -29.43 1.14
C GLY E 80 -47.63 -28.23 1.32
N VAL E 81 -46.44 -28.34 0.76
CA VAL E 81 -45.43 -27.28 0.87
C VAL E 81 -45.98 -25.90 0.52
N LEU E 82 -46.71 -25.81 -0.60
CA LEU E 82 -47.18 -24.55 -1.11
C LEU E 82 -48.15 -23.84 -0.18
N GLU E 83 -48.77 -24.58 0.73
CA GLU E 83 -49.69 -23.98 1.70
C GLU E 83 -48.94 -23.35 2.87
N GLY E 84 -47.65 -23.66 2.99
CA GLY E 84 -46.84 -23.16 4.09
C GLY E 84 -45.74 -22.19 3.71
N ILE E 85 -45.05 -22.48 2.60
CA ILE E 85 -43.87 -21.71 2.19
C ILE E 85 -44.21 -20.25 1.87
N GLY E 86 -43.25 -19.36 2.09
CA GLY E 86 -43.44 -17.94 1.84
C GLY E 86 -42.40 -17.09 2.55
N GLY E 87 -42.47 -15.77 2.36
CA GLY E 87 -41.60 -14.86 3.09
C GLY E 87 -40.12 -15.12 2.93
N GLY E 88 -39.72 -15.70 1.81
CA GLY E 88 -38.30 -15.93 1.54
C GLY E 88 -37.76 -17.21 2.15
N ARG E 89 -38.62 -17.96 2.82
CA ARG E 89 -38.19 -19.24 3.38
C ARG E 89 -37.82 -20.17 2.23
N GLY E 90 -36.91 -21.11 2.49
CA GLY E 90 -36.37 -21.95 1.43
C GLY E 90 -36.88 -23.38 1.45
N TYR E 91 -36.99 -23.96 0.25
CA TYR E 91 -37.33 -25.36 0.09
C TYR E 91 -36.23 -25.99 -0.75
N ILE E 92 -35.58 -27.01 -0.20
CA ILE E 92 -34.51 -27.69 -0.91
C ILE E 92 -34.95 -29.13 -1.16
N ASP E 93 -35.33 -29.44 -2.40
CA ASP E 93 -35.79 -30.80 -2.70
C ASP E 93 -34.59 -31.66 -3.07
N MET E 94 -34.28 -32.64 -2.24
CA MET E 94 -33.11 -33.48 -2.51
C MET E 94 -33.51 -34.83 -3.12
N SER E 95 -34.79 -34.98 -3.44
CA SER E 95 -35.28 -36.20 -4.10
C SER E 95 -34.69 -36.33 -5.50
N THR E 96 -34.49 -37.56 -5.98
CA THR E 96 -34.11 -37.76 -7.37
C THR E 96 -35.36 -37.78 -8.25
N VAL E 97 -35.52 -36.71 -9.02
CA VAL E 97 -36.69 -36.52 -9.87
C VAL E 97 -36.21 -36.03 -11.23
N ASP E 98 -37.12 -35.92 -12.19
CA ASP E 98 -36.77 -35.38 -13.50
C ASP E 98 -36.71 -33.84 -13.46
N ASP E 99 -36.06 -33.23 -14.45
CA ASP E 99 -35.92 -31.78 -14.50
C ASP E 99 -37.24 -31.03 -14.71
N GLU E 100 -38.20 -31.67 -15.36
CA GLU E 100 -39.51 -31.04 -15.53
C GLU E 100 -40.23 -30.91 -14.18
N THR E 101 -40.11 -31.96 -13.36
CA THR E 101 -40.69 -31.94 -12.02
C THR E 101 -40.05 -30.89 -11.11
N SER E 102 -38.72 -30.86 -11.06
CA SER E 102 -38.07 -29.88 -10.19
C SER E 102 -38.31 -28.44 -10.66
N THR E 103 -38.35 -28.23 -11.98
CA THR E 103 -38.63 -26.89 -12.51
C THR E 103 -40.03 -26.40 -12.12
N ALA E 104 -40.99 -27.32 -12.15
CA ALA E 104 -42.38 -26.99 -11.84
C ALA E 104 -42.54 -26.69 -10.35
N ILE E 105 -41.91 -27.52 -9.52
CA ILE E 105 -41.93 -27.29 -8.08
C ILE E 105 -41.28 -25.95 -7.75
N GLY E 106 -40.15 -25.69 -8.39
CA GLY E 106 -39.43 -24.44 -8.18
C GLY E 106 -40.26 -23.23 -8.53
N ALA E 107 -40.92 -23.29 -9.68
CA ALA E 107 -41.75 -22.17 -10.13
C ALA E 107 -42.89 -21.92 -9.15
N ALA E 108 -43.52 -22.99 -8.68
CA ALA E 108 -44.64 -22.86 -7.75
C ALA E 108 -44.18 -22.30 -6.39
N VAL E 109 -43.09 -22.84 -5.86
CA VAL E 109 -42.51 -22.30 -4.63
C VAL E 109 -42.15 -20.81 -4.77
N THR E 110 -41.48 -20.46 -5.86
CA THR E 110 -41.08 -19.08 -6.08
C THR E 110 -42.31 -18.16 -6.14
N ALA E 111 -43.37 -18.62 -6.78
CA ALA E 111 -44.59 -17.81 -6.89
C ALA E 111 -45.28 -17.58 -5.54
N ARG E 112 -45.03 -18.46 -4.58
CA ARG E 112 -45.59 -18.30 -3.23
C ARG E 112 -44.72 -17.41 -2.33
N GLY E 113 -43.62 -16.89 -2.87
CA GLY E 113 -42.73 -16.04 -2.09
C GLY E 113 -41.54 -16.78 -1.51
N GLY E 114 -41.43 -18.08 -1.80
CA GLY E 114 -40.33 -18.87 -1.29
C GLY E 114 -39.12 -18.88 -2.21
N ARG E 115 -38.02 -19.46 -1.73
CA ARG E 115 -36.82 -19.68 -2.54
C ARG E 115 -36.67 -21.18 -2.77
N PHE E 116 -36.27 -21.58 -3.98
CA PHE E 116 -36.15 -23.01 -4.30
C PHE E 116 -34.77 -23.43 -4.76
N LEU E 117 -34.33 -24.58 -4.29
CA LEU E 117 -33.08 -25.20 -4.72
C LEU E 117 -33.34 -26.69 -4.83
N GLU E 118 -32.93 -27.30 -5.93
CA GLU E 118 -32.92 -28.77 -6.01
C GLU E 118 -31.51 -29.21 -5.62
N ALA E 119 -31.39 -30.34 -4.94
CA ALA E 119 -30.07 -30.81 -4.53
C ALA E 119 -30.03 -32.31 -4.39
N PRO E 120 -30.28 -33.03 -5.50
CA PRO E 120 -30.18 -34.49 -5.49
C PRO E 120 -28.76 -34.92 -5.13
N VAL E 121 -28.60 -36.14 -4.64
CA VAL E 121 -27.30 -36.55 -4.15
C VAL E 121 -26.80 -37.83 -4.79
N SER E 122 -25.48 -37.95 -4.84
CA SER E 122 -24.85 -39.21 -5.22
C SER E 122 -24.21 -39.83 -3.98
N GLY E 123 -24.52 -41.10 -3.73
CA GLY E 123 -24.08 -41.76 -2.52
C GLY E 123 -25.30 -42.44 -1.91
N THR E 124 -25.09 -43.61 -1.32
CA THR E 124 -26.19 -44.47 -0.90
C THR E 124 -26.38 -44.44 0.62
N LYS E 125 -26.93 -45.50 1.21
CA LYS E 125 -27.27 -45.50 2.63
C LYS E 125 -26.11 -45.17 3.57
N LYS E 126 -24.98 -45.85 3.38
CA LYS E 126 -23.85 -45.64 4.28
C LYS E 126 -23.30 -44.20 4.17
N PRO E 127 -23.06 -43.71 2.94
CA PRO E 127 -22.71 -42.30 2.82
C PRO E 127 -23.72 -41.35 3.47
N ALA E 128 -25.02 -41.65 3.37
CA ALA E 128 -26.03 -40.83 4.05
C ALA E 128 -25.82 -40.84 5.57
N GLU E 129 -25.55 -42.02 6.10
CA GLU E 129 -25.31 -42.16 7.55
C GLU E 129 -24.05 -41.40 7.98
N ASP E 130 -22.99 -41.55 7.19
CA ASP E 130 -21.67 -40.98 7.50
C ASP E 130 -21.56 -39.50 7.18
N GLY E 131 -22.45 -38.98 6.35
CA GLY E 131 -22.38 -37.58 5.97
C GLY E 131 -21.38 -37.34 4.86
N THR E 132 -21.23 -38.31 3.97
CA THR E 132 -20.25 -38.22 2.90
C THR E 132 -20.93 -38.24 1.53
N LEU E 133 -22.15 -37.76 1.50
CA LEU E 133 -22.86 -37.60 0.23
C LEU E 133 -22.17 -36.56 -0.67
N ILE E 134 -22.43 -36.67 -1.96
CA ILE E 134 -22.04 -35.65 -2.94
C ILE E 134 -23.30 -34.93 -3.34
N ILE E 135 -23.34 -33.62 -3.11
CA ILE E 135 -24.59 -32.87 -3.30
C ILE E 135 -24.57 -32.10 -4.62
N LEU E 136 -25.56 -32.36 -5.47
CA LEU E 136 -25.60 -31.80 -6.83
C LEU E 136 -26.68 -30.73 -6.94
N ALA E 137 -26.38 -29.54 -6.45
CA ALA E 137 -27.39 -28.49 -6.29
C ALA E 137 -27.57 -27.64 -7.55
N ALA E 138 -28.77 -27.11 -7.73
CA ALA E 138 -29.03 -26.12 -8.78
C ALA E 138 -30.23 -25.27 -8.39
N GLY E 139 -30.20 -24.00 -8.76
CA GLY E 139 -31.28 -23.09 -8.43
C GLY E 139 -30.79 -21.88 -7.65
N ASP E 140 -31.59 -21.43 -6.69
CA ASP E 140 -31.33 -20.16 -6.01
C ASP E 140 -29.99 -20.14 -5.29
N GLN E 141 -29.13 -19.20 -5.66
CA GLN E 141 -27.77 -19.13 -5.12
C GLN E 141 -27.75 -18.70 -3.67
N SER E 142 -28.60 -17.75 -3.29
CA SER E 142 -28.60 -17.30 -1.92
C SER E 142 -29.03 -18.45 -0.99
N LEU E 143 -29.91 -19.32 -1.48
CA LEU E 143 -30.33 -20.45 -0.67
C LEU E 143 -29.19 -21.46 -0.60
N PHE E 144 -28.48 -21.65 -1.71
CA PHE E 144 -27.33 -22.57 -1.69
C PHE E 144 -26.30 -22.13 -0.66
N THR E 145 -26.01 -20.83 -0.64
CA THR E 145 -25.11 -20.26 0.35
C THR E 145 -25.63 -20.46 1.79
N ASP E 146 -26.90 -20.14 2.01
CA ASP E 146 -27.50 -20.26 3.35
C ASP E 146 -27.48 -21.70 3.85
N ALA E 147 -27.48 -22.66 2.93
CA ALA E 147 -27.55 -24.07 3.29
C ALA E 147 -26.18 -24.71 3.49
N GLY E 148 -25.12 -23.94 3.30
CA GLY E 148 -23.76 -24.46 3.43
C GLY E 148 -23.49 -25.25 4.70
N PRO E 149 -23.78 -24.67 5.86
CA PRO E 149 -23.51 -25.41 7.10
C PRO E 149 -24.30 -26.73 7.18
N ALA E 150 -25.57 -26.72 6.79
CA ALA E 150 -26.34 -27.97 6.76
C ALA E 150 -25.74 -28.97 5.77
N PHE E 151 -25.35 -28.48 4.59
CA PHE E 151 -24.77 -29.35 3.56
C PHE E 151 -23.45 -29.97 4.02
N ALA E 152 -22.71 -29.25 4.87
CA ALA E 152 -21.49 -29.78 5.42
C ALA E 152 -21.75 -30.94 6.38
N ALA E 153 -22.90 -30.93 7.05
CA ALA E 153 -23.30 -32.06 7.88
C ALA E 153 -23.80 -33.27 7.06
N LEU E 154 -24.27 -33.00 5.85
CA LEU E 154 -24.86 -34.06 5.02
C LEU E 154 -23.88 -34.71 4.06
N GLY E 155 -22.89 -33.94 3.60
CA GLY E 155 -22.06 -34.37 2.49
C GLY E 155 -20.59 -33.98 2.61
N LYS E 156 -19.77 -34.56 1.75
CA LYS E 156 -18.34 -34.28 1.71
C LYS E 156 -18.01 -33.37 0.54
N LYS E 157 -18.97 -33.15 -0.34
CA LYS E 157 -18.70 -32.40 -1.56
C LYS E 157 -20.02 -31.81 -2.06
N CYS E 158 -20.01 -30.54 -2.44
CA CYS E 158 -21.23 -29.88 -2.87
CA CYS E 158 -21.23 -29.87 -2.88
C CYS E 158 -20.95 -29.01 -4.10
N LEU E 159 -21.74 -29.19 -5.16
CA LEU E 159 -21.59 -28.37 -6.35
C LEU E 159 -22.86 -27.55 -6.57
N HIS E 160 -22.69 -26.35 -7.12
CA HIS E 160 -23.82 -25.62 -7.66
C HIS E 160 -23.71 -25.63 -9.19
N LEU E 161 -24.73 -26.17 -9.84
CA LEU E 161 -24.63 -26.52 -11.27
C LEU E 161 -25.43 -25.59 -12.16
N GLY E 162 -25.93 -24.49 -11.59
CA GLY E 162 -26.58 -23.47 -12.39
C GLY E 162 -28.08 -23.41 -12.16
N GLU E 163 -28.82 -23.30 -13.25
CA GLU E 163 -30.28 -23.13 -13.17
CA GLU E 163 -30.28 -23.14 -13.21
C GLU E 163 -30.97 -24.43 -12.78
N VAL E 164 -32.15 -24.31 -12.18
CA VAL E 164 -32.94 -25.48 -11.81
C VAL E 164 -33.09 -26.41 -13.00
N GLY E 165 -32.93 -27.71 -12.74
CA GLY E 165 -32.93 -28.69 -13.80
C GLY E 165 -31.55 -29.28 -14.02
N GLN E 166 -30.50 -28.48 -13.83
CA GLN E 166 -29.14 -28.97 -14.10
C GLN E 166 -28.71 -30.01 -13.08
N GLY E 167 -29.17 -29.85 -11.85
CA GLY E 167 -28.88 -30.82 -10.80
C GLY E 167 -29.58 -32.15 -11.07
N ALA E 168 -30.87 -32.08 -11.38
CA ALA E 168 -31.61 -33.28 -11.74
C ALA E 168 -30.93 -34.02 -12.88
N ARG E 169 -30.51 -33.27 -13.91
CA ARG E 169 -29.89 -33.86 -15.08
C ARG E 169 -28.55 -34.52 -14.78
N MET E 170 -27.72 -33.86 -13.97
CA MET E 170 -26.44 -34.46 -13.60
C MET E 170 -26.69 -35.75 -12.84
N LYS E 171 -27.64 -35.74 -11.91
CA LYS E 171 -27.92 -36.91 -11.10
C LYS E 171 -28.42 -38.08 -11.97
N LEU E 172 -29.27 -37.78 -12.94
CA LEU E 172 -29.78 -38.80 -13.86
C LEU E 172 -28.69 -39.38 -14.76
N VAL E 173 -27.76 -38.54 -15.22
CA VAL E 173 -26.64 -39.03 -16.02
C VAL E 173 -25.76 -39.97 -15.19
N VAL E 174 -25.46 -39.54 -13.96
CA VAL E 174 -24.64 -40.33 -13.06
C VAL E 174 -25.26 -41.68 -12.74
N ASN E 175 -26.56 -41.66 -12.41
CA ASN E 175 -27.23 -42.91 -12.09
C ASN E 175 -27.49 -43.82 -13.29
N MET E 176 -27.58 -43.23 -14.48
CA MET E 176 -27.74 -44.03 -15.69
C MET E 176 -26.50 -44.90 -15.90
N ILE E 177 -25.33 -44.29 -15.72
CA ILE E 177 -24.07 -45.03 -15.76
C ILE E 177 -24.04 -46.10 -14.67
N MET E 178 -24.46 -45.73 -13.46
CA MET E 178 -24.44 -46.69 -12.35
C MET E 178 -25.32 -47.89 -12.63
N GLY E 179 -26.51 -47.64 -13.20
CA GLY E 179 -27.42 -48.72 -13.51
C GLY E 179 -26.83 -49.67 -14.53
N GLN E 180 -26.17 -49.12 -15.55
CA GLN E 180 -25.57 -49.96 -16.58
C GLN E 180 -24.36 -50.72 -16.04
N MET E 181 -23.61 -50.11 -15.13
CA MET E 181 -22.48 -50.79 -14.50
C MET E 181 -22.97 -51.97 -13.67
N MET E 182 -24.13 -51.81 -13.06
CA MET E 182 -24.67 -52.90 -12.24
C MET E 182 -25.09 -54.08 -13.12
N THR E 183 -25.77 -53.80 -14.24
CA THR E 183 -26.14 -54.89 -15.14
C THR E 183 -24.90 -55.51 -15.77
N ALA E 184 -23.88 -54.71 -16.06
CA ALA E 184 -22.66 -55.26 -16.60
C ALA E 184 -22.03 -56.24 -15.62
N LEU E 185 -21.85 -55.79 -14.38
CA LEU E 185 -21.28 -56.66 -13.35
C LEU E 185 -22.13 -57.89 -13.20
N GLY E 186 -23.45 -57.70 -13.19
CA GLY E 186 -24.37 -58.81 -13.00
C GLY E 186 -24.26 -59.85 -14.11
N GLU E 187 -24.30 -59.38 -15.36
CA GLU E 187 -24.17 -60.31 -16.50
C GLU E 187 -22.79 -61.00 -16.50
N GLY E 188 -21.76 -60.27 -16.11
CA GLY E 188 -20.42 -60.83 -16.02
C GLY E 188 -20.34 -61.96 -14.99
N MET E 189 -20.87 -61.70 -13.80
CA MET E 189 -20.84 -62.73 -12.76
C MET E 189 -21.71 -63.93 -13.18
N ALA E 190 -22.86 -63.67 -13.78
CA ALA E 190 -23.73 -64.75 -14.25
C ALA E 190 -23.01 -65.65 -15.25
N LEU E 191 -22.38 -65.03 -16.26
CA LEU E 191 -21.67 -65.77 -17.29
C LEU E 191 -20.49 -66.51 -16.68
N GLY E 192 -19.78 -65.81 -15.79
CA GLY E 192 -18.64 -66.38 -15.09
C GLY E 192 -18.96 -67.66 -14.35
N ARG E 193 -20.03 -67.62 -13.55
CA ARG E 193 -20.42 -68.80 -12.78
C ARG E 193 -20.86 -69.95 -13.69
N ASN E 194 -21.56 -69.60 -14.76
CA ASN E 194 -21.91 -70.56 -15.81
C ASN E 194 -20.67 -71.20 -16.46
N CYS E 195 -19.58 -70.45 -16.52
CA CYS E 195 -18.31 -70.94 -17.06
C CYS E 195 -17.56 -71.81 -16.06
N GLY E 196 -18.11 -71.94 -14.85
CA GLY E 196 -17.43 -72.66 -13.78
C GLY E 196 -16.24 -71.89 -13.21
N LEU E 197 -16.23 -70.58 -13.42
CA LEU E 197 -15.20 -69.73 -12.81
C LEU E 197 -15.55 -69.44 -11.36
N ASP E 198 -14.55 -69.19 -10.53
CA ASP E 198 -14.75 -68.78 -9.14
C ASP E 198 -15.09 -67.28 -9.04
N GLY E 199 -16.26 -66.96 -8.50
CA GLY E 199 -16.75 -65.59 -8.46
C GLY E 199 -15.79 -64.65 -7.73
N GLY E 200 -15.22 -65.16 -6.64
CA GLY E 200 -14.21 -64.42 -5.89
C GLY E 200 -13.00 -64.04 -6.74
N GLN E 201 -12.54 -64.97 -7.57
CA GLN E 201 -11.39 -64.71 -8.44
C GLN E 201 -11.74 -63.65 -9.50
N LEU E 202 -12.95 -63.73 -10.03
CA LEU E 202 -13.41 -62.70 -10.95
C LEU E 202 -13.30 -61.33 -10.30
N LEU E 203 -13.81 -61.19 -9.07
CA LEU E 203 -13.80 -59.89 -8.41
C LEU E 203 -12.35 -59.44 -8.15
N GLU E 204 -11.50 -60.40 -7.82
CA GLU E 204 -10.10 -60.13 -7.55
C GLU E 204 -9.42 -59.60 -8.80
N VAL E 205 -9.72 -60.21 -9.94
CA VAL E 205 -9.14 -59.74 -11.20
C VAL E 205 -9.65 -58.33 -11.51
N LEU E 206 -10.93 -58.11 -11.32
CA LEU E 206 -11.51 -56.79 -11.54
C LEU E 206 -10.88 -55.73 -10.65
N ASP E 207 -10.70 -56.05 -9.37
CA ASP E 207 -10.15 -55.09 -8.41
C ASP E 207 -8.66 -54.80 -8.63
N ALA E 208 -8.00 -55.60 -9.46
CA ALA E 208 -6.56 -55.42 -9.71
C ALA E 208 -6.29 -54.60 -10.97
N GLY E 209 -7.34 -54.33 -11.75
CA GLY E 209 -7.17 -53.70 -13.04
C GLY E 209 -7.81 -52.32 -13.11
N ALA E 210 -7.95 -51.82 -14.33
CA ALA E 210 -8.38 -50.44 -14.58
C ALA E 210 -9.85 -50.16 -14.24
N MET E 211 -10.67 -51.20 -14.14
CA MET E 211 -12.09 -50.99 -13.83
C MET E 211 -12.35 -50.97 -12.32
N ALA E 212 -11.32 -51.21 -11.52
CA ALA E 212 -11.49 -51.36 -10.07
C ALA E 212 -12.26 -50.20 -9.45
N ASN E 213 -13.30 -50.51 -8.68
CA ASN E 213 -14.06 -49.48 -7.99
C ASN E 213 -14.78 -50.03 -6.75
N PRO E 214 -15.14 -49.13 -5.81
CA PRO E 214 -15.81 -49.57 -4.58
C PRO E 214 -17.16 -50.25 -4.85
N MET E 215 -17.89 -49.83 -5.88
CA MET E 215 -19.19 -50.43 -6.15
C MET E 215 -19.07 -51.92 -6.49
N PHE E 216 -18.16 -52.27 -7.39
CA PHE E 216 -17.93 -53.67 -7.72
C PHE E 216 -17.55 -54.48 -6.48
N LYS E 217 -16.69 -53.92 -5.65
CA LYS E 217 -16.23 -54.62 -4.46
C LYS E 217 -17.41 -54.93 -3.52
N GLY E 218 -18.23 -53.94 -3.24
CA GLY E 218 -19.36 -54.08 -2.33
C GLY E 218 -20.51 -54.89 -2.89
N LYS E 219 -20.92 -54.55 -4.10
CA LYS E 219 -22.02 -55.28 -4.73
C LYS E 219 -21.56 -56.69 -5.10
N GLY E 220 -20.27 -56.82 -5.43
CA GLY E 220 -19.72 -58.14 -5.71
C GLY E 220 -20.01 -59.15 -4.61
N GLN E 221 -19.89 -58.75 -3.35
CA GLN E 221 -20.10 -59.66 -2.24
C GLN E 221 -21.56 -60.08 -2.11
N MET E 222 -22.49 -59.18 -2.44
CA MET E 222 -23.90 -59.55 -2.48
C MET E 222 -24.15 -60.62 -3.53
N LEU E 223 -23.51 -60.48 -4.68
CA LEU E 223 -23.64 -61.47 -5.75
C LEU E 223 -23.15 -62.84 -5.27
N LEU E 224 -22.04 -62.87 -4.54
CA LEU E 224 -21.52 -64.12 -4.00
C LEU E 224 -22.44 -64.75 -2.93
N SER E 225 -22.96 -63.91 -2.04
CA SER E 225 -23.74 -64.41 -0.92
C SER E 225 -25.20 -64.67 -1.29
N GLY E 226 -25.68 -64.00 -2.32
CA GLY E 226 -27.07 -64.12 -2.72
C GLY E 226 -27.99 -63.35 -1.80
N GLU E 227 -27.44 -62.45 -1.00
CA GLU E 227 -28.22 -61.62 -0.09
C GLU E 227 -28.11 -60.18 -0.51
N PHE E 228 -29.24 -59.48 -0.54
CA PHE E 228 -29.29 -58.14 -1.09
C PHE E 228 -29.92 -57.12 -0.14
N PRO E 229 -29.36 -57.01 1.07
CA PRO E 229 -29.88 -56.05 2.05
C PRO E 229 -29.85 -54.67 1.40
N THR E 230 -30.88 -53.87 1.64
CA THR E 230 -31.17 -52.71 0.81
C THR E 230 -30.42 -51.44 1.20
N SER E 231 -29.57 -50.97 0.30
CA SER E 231 -28.96 -49.66 0.43
C SER E 231 -29.64 -48.69 -0.53
N PHE E 232 -29.84 -49.13 -1.76
CA PHE E 232 -30.56 -48.34 -2.76
C PHE E 232 -31.63 -49.24 -3.35
N PRO E 233 -32.90 -48.98 -3.03
CA PRO E 233 -33.95 -49.90 -3.47
C PRO E 233 -33.97 -50.08 -4.99
N LEU E 234 -34.15 -51.32 -5.43
CA LEU E 234 -34.13 -51.63 -6.85
C LEU E 234 -35.20 -50.83 -7.60
N LYS E 235 -36.37 -50.64 -6.99
CA LYS E 235 -37.43 -49.84 -7.61
C LYS E 235 -36.98 -48.40 -7.89
N HIS E 236 -36.16 -47.84 -7.02
CA HIS E 236 -35.65 -46.47 -7.23
C HIS E 236 -34.59 -46.42 -8.35
N MET E 237 -33.77 -47.47 -8.43
CA MET E 237 -32.86 -47.58 -9.56
C MET E 237 -33.66 -47.65 -10.85
N GLN E 238 -34.71 -48.47 -10.88
CA GLN E 238 -35.48 -48.57 -12.11
C GLN E 238 -36.10 -47.23 -12.47
N LYS E 239 -36.65 -46.54 -11.47
CA LYS E 239 -37.17 -45.20 -11.66
C LYS E 239 -36.13 -44.24 -12.24
N ASP E 240 -34.89 -44.29 -11.77
CA ASP E 240 -33.87 -43.40 -12.33
C ASP E 240 -33.56 -43.70 -13.80
N LEU E 241 -33.52 -44.98 -14.17
CA LEU E 241 -33.29 -45.35 -15.57
C LEU E 241 -34.47 -44.92 -16.43
N ARG E 242 -35.68 -45.14 -15.93
CA ARG E 242 -36.86 -44.63 -16.61
C ARG E 242 -36.72 -43.14 -16.91
N LEU E 243 -36.29 -42.37 -15.91
CA LEU E 243 -36.19 -40.93 -16.08
C LEU E 243 -35.03 -40.54 -17.02
N ALA E 244 -33.92 -41.28 -16.97
CA ALA E 244 -32.83 -41.02 -17.91
C ALA E 244 -33.27 -41.22 -19.36
N VAL E 245 -34.02 -42.29 -19.60
CA VAL E 245 -34.51 -42.59 -20.94
C VAL E 245 -35.51 -41.52 -21.43
N GLU E 246 -36.37 -41.05 -20.53
CA GLU E 246 -37.32 -39.99 -20.87
C GLU E 246 -36.61 -38.68 -21.13
N LEU E 247 -35.53 -38.42 -20.38
CA LEU E 247 -34.70 -37.25 -20.60
C LEU E 247 -34.04 -37.34 -21.99
N GLY E 248 -33.46 -38.50 -22.30
CA GLY E 248 -32.90 -38.72 -23.62
C GLY E 248 -33.89 -38.49 -24.74
N ASP E 249 -35.14 -38.93 -24.51
CA ASP E 249 -36.21 -38.74 -25.47
C ASP E 249 -36.42 -37.24 -25.73
N ARG E 250 -36.52 -36.47 -24.66
CA ARG E 250 -36.71 -35.03 -24.78
C ARG E 250 -35.55 -34.34 -25.51
N LEU E 251 -34.33 -34.80 -25.27
CA LEU E 251 -33.15 -34.15 -25.86
C LEU E 251 -32.71 -34.76 -27.20
N GLY E 252 -33.49 -35.72 -27.71
CA GLY E 252 -33.15 -36.38 -28.97
C GLY E 252 -31.87 -37.17 -28.87
N GLN E 253 -31.62 -37.77 -27.70
CA GLN E 253 -30.42 -38.57 -27.47
C GLN E 253 -30.76 -40.05 -27.34
N PRO E 254 -30.36 -40.86 -28.35
CA PRO E 254 -30.55 -42.31 -28.29
C PRO E 254 -29.72 -42.91 -27.17
N LEU E 255 -30.29 -43.88 -26.47
CA LEU E 255 -29.61 -44.51 -25.33
C LEU E 255 -29.88 -46.01 -25.33
N HIS E 256 -29.33 -46.74 -26.31
CA HIS E 256 -29.59 -48.19 -26.39
C HIS E 256 -29.22 -48.94 -25.10
N GLY E 257 -28.06 -48.61 -24.54
CA GLY E 257 -27.57 -49.28 -23.33
C GLY E 257 -28.45 -49.03 -22.12
N ALA E 258 -28.83 -47.77 -21.92
CA ALA E 258 -29.68 -47.42 -20.79
C ALA E 258 -31.05 -48.09 -20.93
N ALA E 259 -31.56 -48.12 -22.16
CA ALA E 259 -32.89 -48.67 -22.42
C ALA E 259 -32.90 -50.16 -22.12
N THR E 260 -31.83 -50.85 -22.53
CA THR E 260 -31.74 -52.27 -22.24
C THR E 260 -31.66 -52.52 -20.74
N ALA E 261 -30.86 -51.71 -20.05
CA ALA E 261 -30.71 -51.88 -18.60
C ALA E 261 -32.04 -51.60 -17.88
N ASN E 262 -32.76 -50.59 -18.34
CA ASN E 262 -34.07 -50.24 -17.80
C ASN E 262 -35.03 -51.44 -17.85
N GLU E 263 -35.09 -52.09 -19.01
CA GLU E 263 -35.95 -53.27 -19.16
C GLU E 263 -35.51 -54.43 -18.25
N SER E 264 -34.21 -54.62 -18.07
CA SER E 264 -33.74 -55.67 -17.15
C SER E 264 -34.16 -55.39 -15.70
N PHE E 265 -34.02 -54.14 -15.27
CA PHE E 265 -34.52 -53.73 -13.96
C PHE E 265 -36.04 -53.88 -13.84
N LYS E 266 -36.77 -53.67 -14.93
CA LYS E 266 -38.21 -53.94 -14.89
C LYS E 266 -38.49 -55.43 -14.68
N ARG E 267 -37.70 -56.30 -15.32
CA ARG E 267 -37.85 -57.74 -15.13
C ARG E 267 -37.61 -58.11 -13.66
N ALA E 268 -36.63 -57.44 -13.05
CA ALA E 268 -36.30 -57.69 -11.64
C ALA E 268 -37.41 -57.23 -10.69
N ARG E 269 -38.01 -56.07 -10.98
CA ARG E 269 -39.22 -55.64 -10.26
C ARG E 269 -40.33 -56.68 -10.38
N ALA E 270 -40.61 -57.08 -11.61
CA ALA E 270 -41.69 -58.03 -11.87
C ALA E 270 -41.47 -59.34 -11.11
N ALA E 271 -40.22 -59.73 -10.93
CA ALA E 271 -39.92 -61.01 -10.28
C ALA E 271 -39.92 -60.90 -8.76
N GLY E 272 -40.30 -59.72 -8.24
CA GLY E 272 -40.47 -59.53 -6.80
C GLY E 272 -39.31 -58.92 -6.03
N HIS E 273 -38.37 -58.28 -6.73
CA HIS E 273 -37.18 -57.77 -6.06
C HIS E 273 -37.15 -56.25 -5.91
N ALA E 274 -38.29 -55.59 -6.09
CA ALA E 274 -38.34 -54.11 -6.06
C ALA E 274 -37.82 -53.50 -4.75
N ASP E 275 -38.01 -54.19 -3.63
CA ASP E 275 -37.64 -53.61 -2.33
C ASP E 275 -36.26 -54.07 -1.85
N GLU E 276 -35.58 -54.89 -2.65
CA GLU E 276 -34.21 -55.31 -2.35
C GLU E 276 -33.19 -54.30 -2.88
N ASP E 277 -31.93 -54.46 -2.51
CA ASP E 277 -30.92 -53.59 -3.09
C ASP E 277 -30.94 -53.70 -4.60
N PHE E 278 -30.56 -52.63 -5.30
CA PHE E 278 -30.57 -52.66 -6.75
C PHE E 278 -29.66 -53.75 -7.34
N ALA E 279 -28.65 -54.17 -6.58
CA ALA E 279 -27.80 -55.29 -7.03
C ALA E 279 -28.61 -56.58 -7.28
N ALA E 280 -29.80 -56.67 -6.70
CA ALA E 280 -30.66 -57.84 -6.90
C ALA E 280 -31.12 -58.06 -8.35
N VAL E 281 -30.87 -57.08 -9.23
CA VAL E 281 -31.10 -57.29 -10.65
C VAL E 281 -30.39 -58.59 -11.08
N PHE E 282 -29.31 -58.93 -10.38
CA PHE E 282 -28.60 -60.18 -10.64
C PHE E 282 -29.52 -61.42 -10.61
N ARG E 283 -30.57 -61.38 -9.79
CA ARG E 283 -31.48 -62.52 -9.66
C ARG E 283 -32.22 -62.86 -10.97
N VAL E 284 -32.37 -61.89 -11.87
CA VAL E 284 -33.01 -62.18 -13.16
C VAL E 284 -32.00 -62.26 -14.30
N LEU E 285 -30.73 -61.96 -14.00
CA LEU E 285 -29.67 -62.09 -15.00
C LEU E 285 -29.07 -63.50 -14.98
N GLU E 286 -28.87 -64.04 -13.79
CA GLU E 286 -28.43 -65.43 -13.68
C GLU E 286 -29.65 -66.30 -13.95
N ALA E 287 -29.43 -67.56 -14.29
CA ALA E 287 -30.53 -68.45 -14.64
C ALA E 287 -31.10 -69.18 -13.43
N THR F 2 -1.37 9.56 28.51
CA THR F 2 -2.77 9.97 28.48
C THR F 2 -2.99 11.20 27.61
N THR F 3 -3.87 11.07 26.63
CA THR F 3 -4.00 12.09 25.60
C THR F 3 -5.47 12.39 25.35
N TYR F 4 -5.74 13.61 24.92
CA TYR F 4 -7.10 14.08 24.73
C TYR F 4 -7.37 14.42 23.27
N GLY F 5 -8.59 14.17 22.83
CA GLY F 5 -9.03 14.56 21.50
C GLY F 5 -10.15 15.59 21.62
N PHE F 6 -10.33 16.40 20.59
CA PHE F 6 -11.41 17.38 20.59
C PHE F 6 -11.96 17.55 19.19
N LEU F 7 -13.27 17.32 19.04
CA LEU F 7 -13.94 17.44 17.75
C LEU F 7 -14.92 18.60 17.79
N GLY F 8 -14.80 19.54 16.86
CA GLY F 8 -15.77 20.62 16.76
C GLY F 8 -15.19 21.87 17.38
N LEU F 9 -14.59 22.71 16.54
CA LEU F 9 -13.94 23.90 17.04
C LEU F 9 -14.75 25.12 16.64
N GLY F 10 -15.96 25.21 17.17
CA GLY F 10 -16.83 26.35 16.91
C GLY F 10 -16.69 27.43 17.99
N ILE F 11 -17.73 28.23 18.15
CA ILE F 11 -17.77 29.27 19.16
C ILE F 11 -17.42 28.75 20.56
N MET F 12 -17.95 27.59 20.92
CA MET F 12 -17.66 26.99 22.22
C MET F 12 -16.41 26.11 22.16
N GLY F 13 -16.35 25.23 21.16
CA GLY F 13 -15.28 24.24 21.10
C GLY F 13 -13.88 24.84 21.01
N GLY F 14 -13.75 25.93 20.27
CA GLY F 14 -12.45 26.60 20.14
C GLY F 14 -11.83 26.97 21.49
N PRO F 15 -12.52 27.83 22.26
CA PRO F 15 -12.00 28.21 23.57
C PRO F 15 -11.89 27.04 24.56
N MET F 16 -12.79 26.06 24.46
CA MET F 16 -12.70 24.87 25.33
C MET F 16 -11.44 24.08 25.05
N ALA F 17 -11.20 23.78 23.78
CA ALA F 17 -9.97 23.07 23.40
C ALA F 17 -8.72 23.87 23.79
N ALA F 18 -8.75 25.19 23.60
CA ALA F 18 -7.60 26.02 23.96
C ALA F 18 -7.34 25.96 25.48
N ASN F 19 -8.40 25.96 26.28
CA ASN F 19 -8.26 25.75 27.73
C ASN F 19 -7.56 24.44 28.10
N LEU F 20 -7.86 23.37 27.38
CA LEU F 20 -7.19 22.09 27.64
C LEU F 20 -5.71 22.20 27.29
N VAL F 21 -5.41 22.80 26.14
CA VAL F 21 -4.01 22.98 25.74
C VAL F 21 -3.27 23.83 26.77
N ARG F 22 -3.86 24.95 27.16
CA ARG F 22 -3.19 25.85 28.11
C ARG F 22 -2.96 25.19 29.49
N ALA F 23 -3.88 24.31 29.89
CA ALA F 23 -3.76 23.59 31.16
C ALA F 23 -2.66 22.54 31.13
N GLY F 24 -2.12 22.26 29.94
CA GLY F 24 -1.00 21.35 29.83
C GLY F 24 -1.30 19.96 29.30
N PHE F 25 -2.52 19.74 28.82
CA PHE F 25 -2.86 18.45 28.22
C PHE F 25 -2.35 18.31 26.78
N ASP F 26 -2.12 17.06 26.38
CA ASP F 26 -1.77 16.74 24.99
C ASP F 26 -3.05 16.60 24.18
N VAL F 27 -3.33 17.57 23.31
CA VAL F 27 -4.65 17.63 22.66
C VAL F 27 -4.53 17.46 21.15
N THR F 28 -5.37 16.59 20.60
CA THR F 28 -5.46 16.41 19.16
C THR F 28 -6.84 16.89 18.70
N VAL F 29 -6.85 17.84 17.76
CA VAL F 29 -8.10 18.46 17.32
C VAL F 29 -8.53 18.04 15.91
N TRP F 30 -9.83 18.13 15.65
CA TRP F 30 -10.39 17.95 14.32
C TRP F 30 -11.60 18.85 14.18
N ASN F 31 -11.78 19.41 13.00
CA ASN F 31 -12.98 20.17 12.69
C ASN F 31 -13.36 19.93 11.24
N ARG F 32 -14.66 19.81 10.97
CA ARG F 32 -15.12 19.55 9.61
C ARG F 32 -14.47 20.53 8.63
N ASN F 33 -14.54 21.82 8.95
CA ASN F 33 -13.75 22.83 8.24
C ASN F 33 -12.36 22.91 8.87
N PRO F 34 -11.34 22.40 8.15
CA PRO F 34 -10.03 22.23 8.78
C PRO F 34 -9.31 23.54 9.14
N ALA F 35 -9.71 24.65 8.54
CA ALA F 35 -9.06 25.94 8.85
C ALA F 35 -9.20 26.35 10.32
N LYS F 36 -10.26 25.89 10.99
CA LYS F 36 -10.48 26.27 12.38
C LYS F 36 -9.48 25.63 13.33
N CYS F 37 -8.75 24.64 12.84
CA CYS F 37 -7.75 23.97 13.67
C CYS F 37 -6.48 24.80 13.85
N ALA F 38 -6.24 25.75 12.95
CA ALA F 38 -4.94 26.44 12.91
C ALA F 38 -4.58 27.14 14.23
N PRO F 39 -5.50 27.93 14.79
CA PRO F 39 -5.19 28.60 16.06
C PRO F 39 -4.88 27.62 17.19
N LEU F 40 -5.53 26.46 17.20
CA LEU F 40 -5.25 25.44 18.22
C LEU F 40 -3.89 24.80 18.02
N VAL F 41 -3.53 24.53 16.76
CA VAL F 41 -2.22 23.97 16.46
C VAL F 41 -1.13 24.96 16.86
N ALA F 42 -1.38 26.25 16.67
CA ALA F 42 -0.39 27.26 17.04
C ALA F 42 -0.15 27.33 18.56
N LEU F 43 -1.13 26.85 19.33
CA LEU F 43 -1.01 26.81 20.79
C LEU F 43 -0.33 25.55 21.28
N GLY F 44 -0.21 24.55 20.41
CA GLY F 44 0.41 23.29 20.79
C GLY F 44 -0.38 22.02 20.49
N ALA F 45 -1.64 22.16 20.06
CA ALA F 45 -2.42 20.97 19.69
C ALA F 45 -1.85 20.32 18.43
N ARG F 46 -2.16 19.05 18.22
CA ARG F 46 -1.90 18.47 16.92
C ARG F 46 -3.23 18.29 16.20
N GLN F 47 -3.19 18.15 14.89
CA GLN F 47 -4.38 18.08 14.08
C GLN F 47 -4.54 16.67 13.50
N ALA F 48 -5.77 16.17 13.49
CA ALA F 48 -6.08 14.87 12.91
C ALA F 48 -6.94 15.04 11.66
N SER F 49 -7.00 14.00 10.84
CA SER F 49 -7.74 14.06 9.59
C SER F 49 -9.23 13.71 9.72
N SER F 50 -9.60 12.99 10.78
CA SER F 50 -10.98 12.51 10.93
C SER F 50 -11.30 12.21 12.39
N PRO F 51 -12.60 12.16 12.72
CA PRO F 51 -12.97 11.71 14.08
C PRO F 51 -12.46 10.31 14.35
N ALA F 52 -12.39 9.45 13.33
CA ALA F 52 -11.89 8.09 13.56
C ALA F 52 -10.43 8.10 14.04
N GLU F 53 -9.59 8.89 13.37
CA GLU F 53 -8.19 8.95 13.75
C GLU F 53 -8.06 9.42 15.21
N VAL F 54 -8.83 10.44 15.58
CA VAL F 54 -8.76 10.96 16.94
C VAL F 54 -9.12 9.89 17.95
N CYS F 55 -10.26 9.24 17.74
CA CYS F 55 -10.79 8.27 18.69
C CYS F 55 -10.02 6.96 18.74
N ALA F 56 -9.21 6.70 17.71
CA ALA F 56 -8.35 5.52 17.69
C ALA F 56 -7.11 5.75 18.54
N ALA F 57 -6.76 7.01 18.75
CA ALA F 57 -5.47 7.34 19.32
C ALA F 57 -5.56 7.98 20.70
N CYS F 58 -6.67 8.65 20.98
CA CYS F 58 -6.78 9.43 22.22
C CYS F 58 -7.55 8.69 23.29
N ASP F 59 -7.10 8.81 24.54
CA ASP F 59 -7.74 8.14 25.65
C ASP F 59 -9.12 8.69 25.96
N ILE F 60 -9.26 10.02 25.85
CA ILE F 60 -10.55 10.68 26.04
C ILE F 60 -10.75 11.71 24.94
N THR F 61 -11.86 11.59 24.23
CA THR F 61 -12.19 12.54 23.17
C THR F 61 -13.47 13.30 23.51
N ILE F 62 -13.42 14.63 23.40
CA ILE F 62 -14.57 15.48 23.67
C ILE F 62 -15.10 16.00 22.34
N ALA F 63 -16.43 16.07 22.20
CA ALA F 63 -17.06 16.65 21.03
C ALA F 63 -17.93 17.85 21.43
N MET F 64 -17.90 18.92 20.63
CA MET F 64 -18.73 20.09 20.92
C MET F 64 -19.39 20.53 19.62
N LEU F 65 -20.47 19.84 19.25
CA LEU F 65 -21.01 19.98 17.90
C LEU F 65 -22.36 20.70 17.86
N ALA F 66 -22.77 21.14 16.67
CA ALA F 66 -23.95 22.01 16.54
C ALA F 66 -25.25 21.41 17.06
N ASP F 67 -25.60 20.20 16.62
CA ASP F 67 -26.96 19.72 16.84
C ASP F 67 -27.03 18.22 16.67
N PRO F 68 -28.23 17.63 16.88
CA PRO F 68 -28.25 16.16 16.79
C PRO F 68 -27.79 15.64 15.42
N ALA F 69 -28.10 16.34 14.33
CA ALA F 69 -27.64 15.87 13.01
C ALA F 69 -26.12 15.78 12.96
N ALA F 70 -25.46 16.84 13.43
CA ALA F 70 -24.01 16.89 13.43
C ALA F 70 -23.43 15.81 14.33
N ALA F 71 -24.01 15.66 15.52
CA ALA F 71 -23.52 14.68 16.49
C ALA F 71 -23.67 13.26 15.96
N ARG F 72 -24.77 12.99 15.27
CA ARG F 72 -24.98 11.66 14.70
C ARG F 72 -24.05 11.42 13.50
N GLU F 73 -23.83 12.44 12.68
CA GLU F 73 -22.95 12.27 11.54
C GLU F 73 -21.51 12.00 11.97
N VAL F 74 -21.05 12.72 12.99
CA VAL F 74 -19.70 12.54 13.49
C VAL F 74 -19.51 11.19 14.13
N CYS F 75 -20.55 10.70 14.81
CA CYS F 75 -20.49 9.39 15.44
C CYS F 75 -20.57 8.25 14.43
N PHE F 76 -21.63 8.29 13.62
CA PHE F 76 -22.02 7.16 12.76
C PHE F 76 -21.55 7.24 11.31
N GLY F 77 -21.00 8.38 10.91
CA GLY F 77 -20.67 8.58 9.51
C GLY F 77 -19.34 7.97 9.08
N ALA F 78 -18.96 8.18 7.83
CA ALA F 78 -17.70 7.65 7.30
C ALA F 78 -16.52 8.24 8.08
N ASN F 79 -15.57 7.37 8.44
CA ASN F 79 -14.44 7.76 9.26
C ASN F 79 -14.87 8.50 10.55
N GLY F 80 -16.00 8.09 11.11
CA GLY F 80 -16.52 8.69 12.32
C GLY F 80 -16.01 8.06 13.60
N VAL F 81 -16.55 8.54 14.73
CA VAL F 81 -16.12 8.10 16.05
C VAL F 81 -16.13 6.58 16.17
N LEU F 82 -17.20 5.96 15.68
CA LEU F 82 -17.37 4.52 15.84
C LEU F 82 -16.30 3.72 15.12
N GLU F 83 -15.76 4.28 14.05
CA GLU F 83 -14.71 3.58 13.31
C GLU F 83 -13.42 3.53 14.12
N GLY F 84 -13.24 4.46 15.05
CA GLY F 84 -11.99 4.56 15.81
C GLY F 84 -12.05 4.13 17.26
N ILE F 85 -13.21 4.31 17.90
CA ILE F 85 -13.33 4.07 19.34
C ILE F 85 -13.28 2.60 19.72
N GLY F 86 -12.79 2.31 20.92
CA GLY F 86 -12.68 0.96 21.43
C GLY F 86 -11.68 0.90 22.58
N GLY F 87 -11.40 -0.31 23.06
CA GLY F 87 -10.36 -0.52 24.04
C GLY F 87 -10.50 0.31 25.31
N GLY F 88 -11.73 0.66 25.68
CA GLY F 88 -11.94 1.46 26.88
C GLY F 88 -11.73 2.95 26.72
N ARG F 89 -11.29 3.39 25.54
CA ARG F 89 -11.17 4.83 25.26
C ARG F 89 -12.52 5.52 25.38
N GLY F 90 -12.50 6.78 25.80
CA GLY F 90 -13.71 7.47 26.19
C GLY F 90 -14.15 8.48 25.17
N TYR F 91 -15.47 8.64 25.04
CA TYR F 91 -16.06 9.67 24.20
C TYR F 91 -17.02 10.46 25.07
N ILE F 92 -16.80 11.77 25.12
CA ILE F 92 -17.60 12.67 25.95
C ILE F 92 -18.24 13.67 25.01
N ASP F 93 -19.52 13.48 24.72
CA ASP F 93 -20.20 14.37 23.80
C ASP F 93 -20.78 15.53 24.59
N MET F 94 -20.22 16.72 24.40
CA MET F 94 -20.70 17.90 25.13
C MET F 94 -21.70 18.74 24.33
N SER F 95 -22.01 18.30 23.11
CA SER F 95 -23.02 18.97 22.28
C SER F 95 -24.37 19.00 22.98
N THR F 96 -25.19 20.01 22.70
CA THR F 96 -26.58 20.01 23.14
C THR F 96 -27.46 19.26 22.14
N VAL F 97 -27.88 18.07 22.53
CA VAL F 97 -28.72 17.22 21.70
C VAL F 97 -29.88 16.66 22.53
N ASP F 98 -30.76 15.90 21.90
CA ASP F 98 -31.90 15.30 22.61
C ASP F 98 -31.41 14.02 23.28
N ASP F 99 -32.19 13.49 24.22
CA ASP F 99 -31.79 12.29 24.95
C ASP F 99 -31.81 11.02 24.07
N GLU F 100 -32.66 10.98 23.04
CA GLU F 100 -32.64 9.83 22.14
C GLU F 100 -31.33 9.74 21.35
N THR F 101 -30.82 10.90 20.94
CA THR F 101 -29.54 10.97 20.23
C THR F 101 -28.38 10.54 21.14
N SER F 102 -28.31 11.09 22.35
CA SER F 102 -27.19 10.75 23.22
C SER F 102 -27.25 9.29 23.65
N THR F 103 -28.46 8.76 23.89
CA THR F 103 -28.61 7.36 24.25
CA THR F 103 -28.54 7.37 24.27
C THR F 103 -28.16 6.45 23.10
N ALA F 104 -28.53 6.82 21.88
CA ALA F 104 -28.13 6.02 20.72
C ALA F 104 -26.63 6.04 20.49
N ILE F 105 -26.04 7.23 20.59
CA ILE F 105 -24.60 7.36 20.49
C ILE F 105 -23.91 6.55 21.60
N GLY F 106 -24.38 6.71 22.82
CA GLY F 106 -23.82 5.98 23.95
C GLY F 106 -23.87 4.48 23.74
N ALA F 107 -25.01 3.99 23.27
CA ALA F 107 -25.19 2.55 23.10
C ALA F 107 -24.22 2.03 22.04
N ALA F 108 -24.05 2.79 20.97
CA ALA F 108 -23.15 2.37 19.88
C ALA F 108 -21.68 2.35 20.33
N VAL F 109 -21.26 3.41 21.02
CA VAL F 109 -19.90 3.51 21.54
C VAL F 109 -19.61 2.37 22.52
N THR F 110 -20.56 2.10 23.39
CA THR F 110 -20.37 1.08 24.41
C THR F 110 -20.28 -0.30 23.77
N ALA F 111 -21.10 -0.55 22.77
CA ALA F 111 -21.04 -1.85 22.08
C ALA F 111 -19.72 -2.04 21.34
N ARG F 112 -19.04 -0.94 21.00
CA ARG F 112 -17.74 -1.02 20.33
C ARG F 112 -16.58 -1.20 21.31
N GLY F 113 -16.87 -1.16 22.60
CA GLY F 113 -15.83 -1.32 23.60
C GLY F 113 -15.31 -0.01 24.14
N GLY F 114 -15.95 1.10 23.74
CA GLY F 114 -15.63 2.41 24.29
C GLY F 114 -16.43 2.71 25.55
N ARG F 115 -16.10 3.81 26.21
CA ARG F 115 -16.91 4.34 27.30
C ARG F 115 -17.54 5.66 26.85
N PHE F 116 -18.79 5.90 27.24
CA PHE F 116 -19.48 7.10 26.80
C PHE F 116 -20.01 7.94 27.95
N LEU F 117 -19.86 9.25 27.82
CA LEU F 117 -20.43 10.18 28.79
C LEU F 117 -21.03 11.34 27.98
N GLU F 118 -22.26 11.74 28.28
CA GLU F 118 -22.76 12.97 27.71
C GLU F 118 -22.45 14.05 28.74
N ALA F 119 -22.09 15.24 28.27
CA ALA F 119 -21.83 16.33 29.21
C ALA F 119 -22.10 17.70 28.62
N PRO F 120 -23.37 17.99 28.28
CA PRO F 120 -23.72 19.32 27.78
C PRO F 120 -23.45 20.37 28.86
N VAL F 121 -23.34 21.64 28.48
CA VAL F 121 -22.96 22.67 29.44
C VAL F 121 -23.92 23.84 29.50
N SER F 122 -23.94 24.51 30.64
CA SER F 122 -24.67 25.76 30.76
C SER F 122 -23.62 26.86 30.89
N GLY F 123 -23.71 27.87 30.03
CA GLY F 123 -22.70 28.91 30.00
C GLY F 123 -22.31 29.17 28.56
N THR F 124 -22.14 30.44 28.22
CA THR F 124 -21.97 30.85 26.82
C THR F 124 -20.51 31.05 26.44
N LYS F 125 -20.25 31.88 25.44
CA LYS F 125 -18.89 32.07 24.92
C LYS F 125 -17.90 32.55 25.98
N LYS F 126 -18.25 33.60 26.71
CA LYS F 126 -17.30 34.09 27.72
C LYS F 126 -16.96 33.02 28.77
N PRO F 127 -17.98 32.37 29.36
CA PRO F 127 -17.68 31.26 30.29
C PRO F 127 -16.84 30.14 29.66
N ALA F 128 -17.02 29.87 28.38
CA ALA F 128 -16.20 28.85 27.73
C ALA F 128 -14.74 29.30 27.67
N GLU F 129 -14.53 30.57 27.30
CA GLU F 129 -13.18 31.14 27.32
C GLU F 129 -12.58 31.14 28.72
N ASP F 130 -13.36 31.51 29.73
CA ASP F 130 -12.84 31.67 31.09
C ASP F 130 -12.71 30.36 31.87
N GLY F 131 -13.29 29.28 31.34
CA GLY F 131 -13.26 28.00 32.05
C GLY F 131 -14.27 27.97 33.18
N THR F 132 -15.39 28.66 33.01
CA THR F 132 -16.39 28.73 34.07
C THR F 132 -17.75 28.13 33.70
N LEU F 133 -17.73 27.14 32.82
CA LEU F 133 -18.96 26.43 32.43
C LEU F 133 -19.52 25.62 33.59
N ILE F 134 -20.82 25.31 33.51
CA ILE F 134 -21.44 24.34 34.39
C ILE F 134 -21.66 23.08 33.57
N ILE F 135 -21.04 21.98 33.99
CA ILE F 135 -21.04 20.76 33.20
C ILE F 135 -22.09 19.78 33.72
N LEU F 136 -22.98 19.35 32.84
CA LEU F 136 -24.14 18.52 33.22
C LEU F 136 -23.97 17.10 32.69
N ALA F 137 -23.20 16.29 33.39
CA ALA F 137 -22.78 15.00 32.85
C ALA F 137 -23.73 13.87 33.22
N ALA F 138 -23.76 12.83 32.37
CA ALA F 138 -24.50 11.61 32.67
C ALA F 138 -23.89 10.50 31.84
N GLY F 139 -23.83 9.30 32.41
CA GLY F 139 -23.26 8.16 31.72
C GLY F 139 -22.19 7.48 32.56
N ASP F 140 -21.16 6.98 31.90
CA ASP F 140 -20.18 6.09 32.54
C ASP F 140 -19.44 6.80 33.68
N GLN F 141 -19.56 6.26 34.90
CA GLN F 141 -18.99 6.90 36.09
C GLN F 141 -17.46 6.95 36.05
N SER F 142 -16.84 5.89 35.53
CA SER F 142 -15.39 5.83 35.53
C SER F 142 -14.84 6.88 34.57
N LEU F 143 -15.57 7.15 33.49
CA LEU F 143 -15.16 8.16 32.53
C LEU F 143 -15.36 9.55 33.15
N PHE F 144 -16.46 9.71 33.90
CA PHE F 144 -16.67 10.96 34.63
C PHE F 144 -15.47 11.22 35.56
N THR F 145 -15.01 10.17 36.25
CA THR F 145 -13.86 10.31 37.15
C THR F 145 -12.57 10.65 36.40
N ASP F 146 -12.28 9.90 35.34
CA ASP F 146 -11.07 10.11 34.54
C ASP F 146 -11.03 11.50 33.93
N ALA F 147 -12.22 12.07 33.69
CA ALA F 147 -12.32 13.38 33.05
C ALA F 147 -12.17 14.55 34.04
N GLY F 148 -12.02 14.26 35.32
CA GLY F 148 -11.98 15.32 36.34
C GLY F 148 -11.00 16.45 36.05
N PRO F 149 -9.74 16.10 35.79
CA PRO F 149 -8.77 17.17 35.51
C PRO F 149 -9.16 18.01 34.28
N ALA F 150 -9.64 17.37 33.22
CA ALA F 150 -10.10 18.10 32.04
C ALA F 150 -11.30 18.99 32.38
N PHE F 151 -12.26 18.43 33.09
CA PHE F 151 -13.44 19.22 33.49
C PHE F 151 -13.07 20.43 34.36
N ALA F 152 -11.99 20.32 35.12
CA ALA F 152 -11.55 21.43 35.96
C ALA F 152 -11.00 22.57 35.11
N ALA F 153 -10.40 22.25 33.98
CA ALA F 153 -9.92 23.29 33.06
C ALA F 153 -11.08 23.94 32.28
N LEU F 154 -12.18 23.21 32.13
CA LEU F 154 -13.30 23.71 31.34
C LEU F 154 -14.39 24.40 32.13
N GLY F 155 -14.60 23.99 33.38
CA GLY F 155 -15.77 24.43 34.10
C GLY F 155 -15.55 24.82 35.55
N LYS F 156 -16.53 25.49 36.14
CA LYS F 156 -16.47 25.85 37.55
C LYS F 156 -17.28 24.89 38.41
N LYS F 157 -18.12 24.09 37.78
CA LYS F 157 -19.07 23.24 38.50
C LYS F 157 -19.42 22.06 37.60
N CYS F 158 -19.40 20.86 38.16
CA CYS F 158 -19.69 19.65 37.39
CA CYS F 158 -19.75 19.70 37.37
CA CYS F 158 -19.66 19.65 37.39
C CYS F 158 -20.59 18.72 38.17
N LEU F 159 -21.66 18.25 37.55
CA LEU F 159 -22.59 17.35 38.19
C LEU F 159 -22.65 16.05 37.40
N HIS F 160 -22.90 14.95 38.09
CA HIS F 160 -23.20 13.70 37.40
C HIS F 160 -24.65 13.37 37.72
N LEU F 161 -25.47 13.32 36.69
CA LEU F 161 -26.92 13.32 36.85
C LEU F 161 -27.53 11.96 36.62
N GLY F 162 -26.70 10.93 36.50
CA GLY F 162 -27.19 9.56 36.42
C GLY F 162 -27.04 8.90 35.07
N GLU F 163 -28.09 8.22 34.62
CA GLU F 163 -28.02 7.48 33.35
C GLU F 163 -27.96 8.41 32.13
N VAL F 164 -27.37 7.94 31.05
CA VAL F 164 -27.33 8.70 29.81
C VAL F 164 -28.74 9.17 29.45
N GLY F 165 -28.84 10.44 29.07
CA GLY F 165 -30.12 11.05 28.77
C GLY F 165 -30.53 12.08 29.81
N GLN F 166 -30.10 11.88 31.06
CA GLN F 166 -30.47 12.80 32.12
C GLN F 166 -29.75 14.14 31.97
N GLY F 167 -28.52 14.11 31.46
CA GLY F 167 -27.82 15.35 31.17
C GLY F 167 -28.48 16.15 30.06
N ALA F 168 -28.83 15.48 28.97
CA ALA F 168 -29.50 16.15 27.85
C ALA F 168 -30.83 16.76 28.31
N ARG F 169 -31.56 16.01 29.14
CA ARG F 169 -32.84 16.50 29.64
C ARG F 169 -32.67 17.73 30.52
N MET F 170 -31.71 17.70 31.44
CA MET F 170 -31.45 18.88 32.28
C MET F 170 -31.07 20.10 31.42
N LYS F 171 -30.20 19.89 30.45
CA LYS F 171 -29.78 20.99 29.58
C LYS F 171 -30.95 21.58 28.80
N LEU F 172 -31.79 20.74 28.22
CA LEU F 172 -32.94 21.24 27.45
C LEU F 172 -33.97 21.98 28.32
N VAL F 173 -34.15 21.49 29.55
CA VAL F 173 -35.03 22.18 30.51
C VAL F 173 -34.47 23.56 30.84
N VAL F 174 -33.20 23.62 31.18
CA VAL F 174 -32.54 24.88 31.49
C VAL F 174 -32.62 25.85 30.30
N ASN F 175 -32.33 25.37 29.10
CA ASN F 175 -32.38 26.28 27.95
C ASN F 175 -33.77 26.67 27.50
N MET F 176 -34.75 25.82 27.76
CA MET F 176 -36.15 26.17 27.47
C MET F 176 -36.52 27.39 28.32
N ILE F 177 -36.15 27.35 29.59
CA ILE F 177 -36.38 28.50 30.45
C ILE F 177 -35.65 29.73 29.90
N MET F 178 -34.40 29.57 29.49
CA MET F 178 -33.62 30.69 28.96
C MET F 178 -34.22 31.31 27.70
N GLY F 179 -34.73 30.46 26.81
CA GLY F 179 -35.34 30.93 25.57
C GLY F 179 -36.56 31.78 25.86
N GLN F 180 -37.40 31.33 26.79
CA GLN F 180 -38.59 32.08 27.17
C GLN F 180 -38.24 33.36 27.90
N MET F 181 -37.19 33.33 28.70
CA MET F 181 -36.73 34.55 29.36
C MET F 181 -36.27 35.58 28.33
N MET F 182 -35.61 35.12 27.25
CA MET F 182 -35.16 36.06 26.21
C MET F 182 -36.32 36.71 25.45
N THR F 183 -37.33 35.91 25.07
CA THR F 183 -38.51 36.51 24.41
C THR F 183 -39.28 37.42 25.37
N ALA F 184 -39.30 37.08 26.65
CA ALA F 184 -39.97 37.91 27.64
C ALA F 184 -39.28 39.28 27.73
N LEU F 185 -37.96 39.26 27.91
CA LEU F 185 -37.21 40.52 27.97
C LEU F 185 -37.36 41.32 26.66
N GLY F 186 -37.30 40.61 25.53
CA GLY F 186 -37.43 41.23 24.22
C GLY F 186 -38.79 41.89 24.06
N GLU F 187 -39.86 41.18 24.43
CA GLU F 187 -41.20 41.76 24.32
C GLU F 187 -41.35 42.97 25.25
N GLY F 188 -40.77 42.85 26.44
CA GLY F 188 -40.81 43.91 27.43
C GLY F 188 -40.12 45.18 26.95
N MET F 189 -38.93 45.01 26.36
CA MET F 189 -38.18 46.16 25.86
C MET F 189 -38.93 46.77 24.67
N ALA F 190 -39.44 45.93 23.78
CA ALA F 190 -40.21 46.40 22.62
C ALA F 190 -41.42 47.25 23.06
N LEU F 191 -42.20 46.71 24.00
CA LEU F 191 -43.38 47.42 24.51
C LEU F 191 -42.98 48.72 25.20
N GLY F 192 -41.94 48.66 26.01
CA GLY F 192 -41.49 49.82 26.76
C GLY F 192 -41.00 50.94 25.83
N ARG F 193 -40.27 50.58 24.80
CA ARG F 193 -39.80 51.61 23.85
C ARG F 193 -40.99 52.21 23.12
N ASN F 194 -41.93 51.37 22.73
CA ASN F 194 -43.21 51.86 22.20
C ASN F 194 -43.98 52.79 23.16
N CYS F 195 -43.86 52.55 24.47
CA CYS F 195 -44.50 53.39 25.49
C CYS F 195 -43.77 54.71 25.70
N GLY F 196 -42.64 54.92 25.01
CA GLY F 196 -41.83 56.10 25.23
C GLY F 196 -40.98 56.02 26.51
N LEU F 197 -40.85 54.82 27.07
CA LEU F 197 -40.01 54.66 28.27
C LEU F 197 -38.54 54.63 27.86
N ASP F 198 -37.67 55.07 28.76
CA ASP F 198 -36.24 54.94 28.55
C ASP F 198 -35.79 53.49 28.82
N GLY F 199 -35.20 52.85 27.82
CA GLY F 199 -34.80 51.45 27.95
C GLY F 199 -33.82 51.21 29.11
N GLY F 200 -32.89 52.14 29.30
CA GLY F 200 -31.93 52.03 30.39
C GLY F 200 -32.60 52.02 31.75
N GLN F 201 -33.62 52.87 31.92
CA GLN F 201 -34.40 52.89 33.16
C GLN F 201 -35.16 51.60 33.38
N LEU F 202 -35.69 51.02 32.31
CA LEU F 202 -36.35 49.71 32.46
C LEU F 202 -35.36 48.69 33.00
N LEU F 203 -34.16 48.67 32.44
CA LEU F 203 -33.15 47.70 32.90
C LEU F 203 -32.75 47.95 34.35
N GLU F 204 -32.60 49.23 34.71
CA GLU F 204 -32.33 49.63 36.08
C GLU F 204 -33.43 49.15 37.07
N VAL F 205 -34.70 49.35 36.71
CA VAL F 205 -35.79 48.82 37.51
C VAL F 205 -35.72 47.30 37.65
N LEU F 206 -35.49 46.60 36.53
CA LEU F 206 -35.36 45.14 36.61
C LEU F 206 -34.20 44.72 37.51
N ASP F 207 -33.07 45.42 37.40
CA ASP F 207 -31.87 45.02 38.14
C ASP F 207 -31.97 45.33 39.64
N ALA F 208 -32.95 46.14 40.02
CA ALA F 208 -33.15 46.48 41.43
C ALA F 208 -34.14 45.56 42.16
N GLY F 209 -34.84 44.70 41.41
CA GLY F 209 -35.89 43.90 42.00
C GLY F 209 -35.63 42.39 41.98
N ALA F 210 -36.69 41.61 42.17
CA ALA F 210 -36.55 40.17 42.34
C ALA F 210 -36.18 39.40 41.07
N MET F 211 -36.40 39.99 39.91
CA MET F 211 -36.03 39.34 38.66
C MET F 211 -34.57 39.58 38.24
N ALA F 212 -33.85 40.41 38.99
CA ALA F 212 -32.51 40.83 38.59
C ALA F 212 -31.61 39.64 38.26
N ASN F 213 -30.97 39.68 37.10
CA ASN F 213 -30.04 38.61 36.72
C ASN F 213 -28.99 39.07 35.70
N PRO F 214 -27.85 38.37 35.64
CA PRO F 214 -26.79 38.73 34.69
C PRO F 214 -27.25 38.69 33.24
N MET F 215 -28.13 37.75 32.89
CA MET F 215 -28.57 37.64 31.49
C MET F 215 -29.32 38.91 31.06
N PHE F 216 -30.24 39.39 31.89
CA PHE F 216 -30.95 40.64 31.56
C PHE F 216 -29.98 41.81 31.44
N LYS F 217 -29.01 41.87 32.34
CA LYS F 217 -28.04 42.95 32.32
C LYS F 217 -27.24 42.97 31.02
N GLY F 218 -26.68 41.82 30.63
CA GLY F 218 -25.86 41.70 29.44
C GLY F 218 -26.64 41.84 28.13
N LYS F 219 -27.72 41.08 27.98
CA LYS F 219 -28.51 41.11 26.76
C LYS F 219 -29.24 42.43 26.63
N GLY F 220 -29.63 42.99 27.76
CA GLY F 220 -30.26 44.31 27.81
C GLY F 220 -29.45 45.33 27.04
N GLN F 221 -28.14 45.34 27.26
CA GLN F 221 -27.28 46.30 26.54
C GLN F 221 -27.27 46.08 25.03
N MET F 222 -27.40 44.82 24.59
CA MET F 222 -27.52 44.53 23.17
C MET F 222 -28.80 45.13 22.61
N LEU F 223 -29.89 44.96 23.35
CA LEU F 223 -31.18 45.49 22.93
C LEU F 223 -31.10 47.02 22.77
N LEU F 224 -30.36 47.67 23.66
CA LEU F 224 -30.23 49.13 23.57
C LEU F 224 -29.35 49.58 22.41
N SER F 225 -28.31 48.82 22.13
CA SER F 225 -27.36 49.23 21.10
C SER F 225 -27.80 48.77 19.70
N GLY F 226 -28.65 47.75 19.64
CA GLY F 226 -29.06 47.19 18.37
C GLY F 226 -27.98 46.37 17.66
N GLU F 227 -26.93 46.03 18.39
CA GLU F 227 -25.88 45.15 17.87
C GLU F 227 -25.89 43.81 18.62
N PHE F 228 -25.81 42.71 17.88
CA PHE F 228 -25.95 41.40 18.49
C PHE F 228 -24.77 40.47 18.17
N PRO F 229 -23.56 40.88 18.60
CA PRO F 229 -22.39 40.02 18.40
C PRO F 229 -22.66 38.67 19.08
N THR F 230 -22.24 37.60 18.41
CA THR F 230 -22.71 36.26 18.72
C THR F 230 -21.98 35.59 19.88
N SER F 231 -22.70 35.38 20.97
CA SER F 231 -22.24 34.49 22.04
C SER F 231 -22.90 33.12 21.96
N PHE F 232 -24.21 33.11 21.75
CA PHE F 232 -24.93 31.87 21.53
C PHE F 232 -25.77 32.06 20.27
N PRO F 233 -25.41 31.37 19.17
CA PRO F 233 -26.11 31.59 17.89
C PRO F 233 -27.62 31.45 18.02
N LEU F 234 -28.36 32.34 17.37
CA LEU F 234 -29.80 32.29 17.45
C LEU F 234 -30.34 30.95 16.93
N LYS F 235 -29.75 30.42 15.86
CA LYS F 235 -30.18 29.12 15.31
C LYS F 235 -30.07 27.98 16.31
N HIS F 236 -29.07 28.03 17.19
CA HIS F 236 -28.92 26.98 18.19
C HIS F 236 -29.94 27.16 19.32
N MET F 237 -30.27 28.41 19.66
CA MET F 237 -31.36 28.60 20.63
C MET F 237 -32.67 28.02 20.08
N GLN F 238 -32.96 28.27 18.81
CA GLN F 238 -34.19 27.76 18.21
C GLN F 238 -34.17 26.23 18.25
N LYS F 239 -33.03 25.65 17.89
CA LYS F 239 -32.84 24.21 17.97
C LYS F 239 -33.14 23.66 19.36
N ASP F 240 -32.64 24.33 20.41
CA ASP F 240 -32.89 23.86 21.77
C ASP F 240 -34.38 23.88 22.13
N LEU F 241 -35.09 24.93 21.70
CA LEU F 241 -36.53 25.00 21.97
C LEU F 241 -37.30 23.94 21.17
N ARG F 242 -36.89 23.75 19.93
CA ARG F 242 -37.43 22.66 19.12
C ARG F 242 -37.28 21.34 19.88
N LEU F 243 -36.08 21.08 20.40
CA LEU F 243 -35.84 19.83 21.12
C LEU F 243 -36.62 19.73 22.45
N ALA F 244 -36.76 20.85 23.16
CA ALA F 244 -37.59 20.86 24.36
C ALA F 244 -39.04 20.51 24.05
N VAL F 245 -39.59 21.09 22.99
CA VAL F 245 -40.97 20.81 22.59
C VAL F 245 -41.12 19.33 22.19
N GLU F 246 -40.10 18.77 21.55
CA GLU F 246 -40.17 17.39 21.10
C GLU F 246 -40.10 16.44 22.30
N LEU F 247 -39.26 16.79 23.27
CA LEU F 247 -39.16 16.08 24.54
C LEU F 247 -40.48 16.14 25.30
N GLY F 248 -41.10 17.32 25.35
CA GLY F 248 -42.41 17.43 25.98
C GLY F 248 -43.41 16.54 25.28
N ASP F 249 -43.36 16.50 23.95
CA ASP F 249 -44.23 15.63 23.18
C ASP F 249 -44.08 14.19 23.67
N ARG F 250 -42.86 13.68 23.72
CA ARG F 250 -42.58 12.31 24.16
C ARG F 250 -43.07 12.00 25.57
N LEU F 251 -42.99 12.97 26.47
CA LEU F 251 -43.35 12.77 27.88
C LEU F 251 -44.79 13.19 28.21
N GLY F 252 -45.55 13.60 27.19
CA GLY F 252 -46.93 13.98 27.40
C GLY F 252 -47.04 15.25 28.22
N GLN F 253 -46.08 16.15 28.05
CA GLN F 253 -46.04 17.41 28.78
C GLN F 253 -46.33 18.58 27.84
N PRO F 254 -47.52 19.20 27.96
CA PRO F 254 -47.79 20.40 27.15
C PRO F 254 -46.88 21.56 27.54
N LEU F 255 -46.50 22.35 26.54
CA LEU F 255 -45.60 23.47 26.78
C LEU F 255 -46.01 24.67 25.93
N HIS F 256 -47.11 25.32 26.30
CA HIS F 256 -47.62 26.44 25.50
C HIS F 256 -46.60 27.57 25.38
N GLY F 257 -45.98 27.94 26.50
CA GLY F 257 -44.98 28.99 26.49
C GLY F 257 -43.76 28.68 25.64
N ALA F 258 -43.22 27.48 25.78
CA ALA F 258 -42.04 27.10 24.99
C ALA F 258 -42.36 27.06 23.48
N ALA F 259 -43.55 26.57 23.14
CA ALA F 259 -43.93 26.45 21.73
C ALA F 259 -44.09 27.82 21.10
N THR F 260 -44.65 28.77 21.84
CA THR F 260 -44.76 30.12 21.34
C THR F 260 -43.38 30.76 21.14
N ALA F 261 -42.47 30.56 22.11
CA ALA F 261 -41.11 31.09 21.98
C ALA F 261 -40.39 30.47 20.79
N ASN F 262 -40.57 29.16 20.62
CA ASN F 262 -39.98 28.42 19.50
C ASN F 262 -40.36 29.08 18.16
N GLU F 263 -41.63 29.36 18.00
CA GLU F 263 -42.09 29.96 16.75
C GLU F 263 -41.54 31.37 16.57
N SER F 264 -41.44 32.13 17.66
CA SER F 264 -40.84 33.46 17.59
C SER F 264 -39.38 33.41 17.14
N PHE F 265 -38.60 32.46 17.67
CA PHE F 265 -37.24 32.24 17.19
C PHE F 265 -37.18 31.78 15.74
N LYS F 266 -38.15 30.98 15.30
CA LYS F 266 -38.26 30.64 13.88
C LYS F 266 -38.49 31.88 13.02
N ARG F 267 -39.33 32.81 13.47
CA ARG F 267 -39.51 34.07 12.73
C ARG F 267 -38.18 34.81 12.62
N ALA F 268 -37.41 34.83 13.70
CA ALA F 268 -36.12 35.54 13.68
C ALA F 268 -35.12 34.86 12.71
N ARG F 269 -35.14 33.54 12.65
CA ARG F 269 -34.31 32.83 11.66
C ARG F 269 -34.75 33.19 10.24
N ALA F 270 -36.06 33.20 10.01
CA ALA F 270 -36.58 33.49 8.68
C ALA F 270 -36.26 34.92 8.24
N ALA F 271 -36.09 35.81 9.21
CA ALA F 271 -35.81 37.21 8.90
C ALA F 271 -34.31 37.49 8.76
N GLY F 272 -33.50 36.44 8.79
CA GLY F 272 -32.07 36.57 8.54
C GLY F 272 -31.12 36.65 9.73
N HIS F 273 -31.62 36.37 10.94
CA HIS F 273 -30.78 36.53 12.13
C HIS F 273 -30.21 35.23 12.71
N ALA F 274 -30.22 34.16 11.93
CA ALA F 274 -29.79 32.85 12.44
C ALA F 274 -28.41 32.83 13.09
N ASP F 275 -27.48 33.62 12.55
CA ASP F 275 -26.09 33.58 13.01
C ASP F 275 -25.72 34.66 13.99
N GLU F 276 -26.69 35.52 14.33
CA GLU F 276 -26.47 36.55 15.35
C GLU F 276 -26.68 35.95 16.73
N ASP F 277 -26.41 36.74 17.77
CA ASP F 277 -26.68 36.26 19.11
C ASP F 277 -28.18 35.98 19.24
N PHE F 278 -28.55 35.04 20.09
CA PHE F 278 -29.97 34.73 20.27
C PHE F 278 -30.80 35.91 20.76
N ALA F 279 -30.17 36.94 21.33
CA ALA F 279 -30.93 38.12 21.76
C ALA F 279 -31.51 38.85 20.56
N ALA F 280 -30.97 38.57 19.37
CA ALA F 280 -31.50 39.16 18.14
C ALA F 280 -32.94 38.77 17.83
N VAL F 281 -33.53 37.84 18.58
CA VAL F 281 -34.96 37.60 18.44
C VAL F 281 -35.72 38.93 18.62
N PHE F 282 -35.11 39.85 19.37
CA PHE F 282 -35.68 41.20 19.58
C PHE F 282 -36.03 41.87 18.26
N ARG F 283 -35.24 41.62 17.22
CA ARG F 283 -35.48 42.24 15.90
C ARG F 283 -36.80 41.88 15.23
N VAL F 284 -37.42 40.76 15.61
CA VAL F 284 -38.74 40.45 15.07
C VAL F 284 -39.83 40.70 16.09
N LEU F 285 -39.44 41.08 17.30
CA LEU F 285 -40.42 41.45 18.34
C LEU F 285 -40.72 42.94 18.33
N GLU F 286 -39.69 43.76 18.12
CA GLU F 286 -39.85 45.20 18.04
C GLU F 286 -40.34 45.63 16.66
N ALA F 287 -40.94 46.81 16.60
CA ALA F 287 -41.37 47.44 15.34
C ALA F 287 -41.64 46.45 14.23
N THR G 3 12.05 29.66 -5.50
CA THR G 3 10.86 28.99 -5.00
C THR G 3 9.62 29.87 -5.15
N TYR G 4 9.81 31.08 -5.66
CA TYR G 4 8.68 31.92 -6.06
C TYR G 4 8.63 32.00 -7.58
N GLY G 5 7.45 31.80 -8.15
CA GLY G 5 7.25 31.95 -9.58
C GLY G 5 6.27 33.07 -9.89
N PHE G 6 6.43 33.71 -11.04
CA PHE G 6 5.56 34.81 -11.43
C PHE G 6 5.16 34.76 -12.91
N LEU G 7 3.85 34.68 -13.17
CA LEU G 7 3.32 34.62 -14.53
C LEU G 7 2.54 35.88 -14.90
N GLY G 8 2.98 36.57 -15.95
CA GLY G 8 2.28 37.76 -16.42
C GLY G 8 3.02 39.01 -16.00
N LEU G 9 3.87 39.51 -16.89
CA LEU G 9 4.71 40.66 -16.58
C LEU G 9 4.19 41.91 -17.28
N GLY G 10 2.94 42.26 -16.98
CA GLY G 10 2.33 43.43 -17.58
C GLY G 10 2.61 44.71 -16.80
N ILE G 11 1.66 45.63 -16.83
CA ILE G 11 1.79 46.88 -16.12
C ILE G 11 1.92 46.64 -14.62
N MET G 12 1.15 45.71 -14.09
CA MET G 12 1.18 45.38 -12.66
C MET G 12 2.25 44.32 -12.35
N GLY G 13 2.27 43.26 -13.16
CA GLY G 13 3.14 42.12 -12.91
C GLY G 13 4.62 42.45 -12.92
N GLY G 14 5.03 43.34 -13.83
CA GLY G 14 6.42 43.75 -13.89
C GLY G 14 6.93 44.28 -12.57
N PRO G 15 6.37 45.39 -12.10
CA PRO G 15 6.77 46.00 -10.83
C PRO G 15 6.61 45.01 -9.67
N MET G 16 5.57 44.19 -9.72
CA MET G 16 5.34 43.21 -8.65
C MET G 16 6.45 42.18 -8.59
N ALA G 17 6.77 41.59 -9.73
CA ALA G 17 7.86 40.62 -9.81
C ALA G 17 9.19 41.24 -9.38
N ALA G 18 9.41 42.49 -9.79
CA ALA G 18 10.63 43.20 -9.43
C ALA G 18 10.75 43.38 -7.91
N ASN G 19 9.64 43.74 -7.27
CA ASN G 19 9.61 43.91 -5.82
C ASN G 19 10.01 42.64 -5.07
N LEU G 20 9.62 41.48 -5.60
CA LEU G 20 9.98 40.22 -4.97
C LEU G 20 11.47 40.00 -5.05
N VAL G 21 12.06 40.30 -6.21
CA VAL G 21 13.49 40.10 -6.42
C VAL G 21 14.31 41.07 -5.55
N ARG G 22 13.94 42.34 -5.57
CA ARG G 22 14.65 43.33 -4.76
C ARG G 22 14.51 43.02 -3.27
N ALA G 23 13.48 42.27 -2.90
CA ALA G 23 13.25 41.92 -1.50
C ALA G 23 14.03 40.67 -1.05
N GLY G 24 14.74 40.04 -1.99
CA GLY G 24 15.59 38.91 -1.68
C GLY G 24 15.14 37.56 -2.19
N PHE G 25 13.85 37.42 -2.49
CA PHE G 25 13.32 36.11 -2.88
C PHE G 25 13.98 35.49 -4.12
N ASP G 26 13.98 34.17 -4.18
CA ASP G 26 14.35 33.46 -5.39
C ASP G 26 13.14 33.42 -6.33
N VAL G 27 13.20 34.20 -7.41
CA VAL G 27 12.05 34.37 -8.30
C VAL G 27 12.27 33.79 -9.69
N THR G 28 11.22 33.21 -10.24
CA THR G 28 11.24 32.64 -11.59
C THR G 28 10.06 33.19 -12.39
N VAL G 29 10.34 33.90 -13.48
CA VAL G 29 9.31 34.60 -14.23
C VAL G 29 8.98 33.97 -15.59
N TRP G 30 7.75 34.25 -16.04
CA TRP G 30 7.29 33.84 -17.36
C TRP G 30 6.23 34.83 -17.87
N ASN G 31 6.27 35.10 -19.17
CA ASN G 31 5.26 35.93 -19.82
C ASN G 31 4.97 35.37 -21.20
N ARG G 32 3.70 35.44 -21.62
CA ARG G 32 3.33 34.95 -22.95
C ARG G 32 4.32 35.48 -23.97
N ASN G 33 4.54 36.79 -23.94
CA ASN G 33 5.59 37.44 -24.72
C ASN G 33 6.89 37.40 -23.94
N PRO G 34 7.86 36.61 -24.42
CA PRO G 34 9.14 36.39 -23.73
C PRO G 34 9.95 37.68 -23.56
N ALA G 35 9.73 38.65 -24.42
CA ALA G 35 10.51 39.89 -24.39
C ALA G 35 10.38 40.64 -23.06
N LYS G 36 9.17 40.61 -22.50
CA LYS G 36 8.89 41.32 -21.26
C LYS G 36 9.65 40.76 -20.05
N CYS G 37 10.30 39.61 -20.24
CA CYS G 37 11.08 38.98 -19.18
C CYS G 37 12.46 39.61 -19.01
N ALA G 38 12.95 40.26 -20.05
CA ALA G 38 14.33 40.77 -20.06
C ALA G 38 14.74 41.56 -18.80
N PRO G 39 14.06 42.68 -18.51
CA PRO G 39 14.46 43.53 -17.38
C PRO G 39 14.48 42.76 -16.06
N LEU G 40 13.54 41.84 -15.90
CA LEU G 40 13.43 41.04 -14.69
C LEU G 40 14.66 40.14 -14.48
N VAL G 41 15.07 39.45 -15.53
CA VAL G 41 16.26 38.61 -15.46
C VAL G 41 17.48 39.43 -15.06
N ALA G 42 17.59 40.64 -15.63
CA ALA G 42 18.66 41.55 -15.30
C ALA G 42 18.69 41.85 -13.80
N LEU G 43 17.51 41.87 -13.17
CA LEU G 43 17.43 42.12 -11.74
C LEU G 43 17.90 40.93 -10.91
N GLY G 44 17.88 39.75 -11.50
CA GLY G 44 18.35 38.54 -10.82
C GLY G 44 17.38 37.38 -10.83
N ALA G 45 16.23 37.55 -11.46
CA ALA G 45 15.26 36.46 -11.57
C ALA G 45 15.63 35.52 -12.71
N ARG G 46 15.35 34.23 -12.52
CA ARG G 46 15.54 33.29 -13.61
C ARG G 46 14.26 33.20 -14.45
N GLN G 47 14.36 32.58 -15.61
CA GLN G 47 13.25 32.58 -16.58
C GLN G 47 12.87 31.17 -17.02
N ALA G 48 11.57 30.89 -17.05
CA ALA G 48 11.07 29.59 -17.47
C ALA G 48 10.32 29.67 -18.80
N SER G 49 10.06 28.50 -19.39
CA SER G 49 9.51 28.44 -20.74
C SER G 49 7.98 28.45 -20.78
N SER G 50 7.36 27.91 -19.74
CA SER G 50 5.91 27.78 -19.69
C SER G 50 5.40 27.86 -18.26
N PRO G 51 4.10 28.12 -18.09
CA PRO G 51 3.46 28.12 -16.77
C PRO G 51 3.64 26.77 -16.06
N ALA G 52 3.52 25.67 -16.81
CA ALA G 52 3.68 24.33 -16.25
C ALA G 52 5.06 24.14 -15.62
N GLU G 53 6.08 24.66 -16.29
CA GLU G 53 7.45 24.55 -15.80
C GLU G 53 7.65 25.33 -14.51
N VAL G 54 7.09 26.54 -14.47
CA VAL G 54 7.16 27.37 -13.29
C VAL G 54 6.47 26.69 -12.11
N CYS G 55 5.25 26.24 -12.34
CA CYS G 55 4.43 25.65 -11.29
C CYS G 55 4.96 24.28 -10.84
N ALA G 56 5.78 23.67 -11.68
CA ALA G 56 6.38 22.39 -11.32
C ALA G 56 7.57 22.59 -10.39
N ALA G 57 8.21 23.74 -10.48
CA ALA G 57 9.47 23.98 -9.80
C ALA G 57 9.37 24.89 -8.57
N CYS G 58 8.42 25.81 -8.58
CA CYS G 58 8.33 26.80 -7.51
C CYS G 58 7.36 26.41 -6.40
N ASP G 59 7.70 26.78 -5.17
CA ASP G 59 6.84 26.52 -4.01
C ASP G 59 5.55 27.31 -4.09
N ILE G 60 5.67 28.57 -4.49
CA ILE G 60 4.52 29.46 -4.63
C ILE G 60 4.60 30.22 -5.95
N THR G 61 3.57 30.13 -6.77
CA THR G 61 3.54 30.82 -8.05
C THR G 61 2.40 31.83 -8.12
N ILE G 62 2.72 33.08 -8.44
CA ILE G 62 1.73 34.14 -8.57
C ILE G 62 1.42 34.42 -10.03
N ALA G 63 0.18 34.78 -10.31
CA ALA G 63 -0.21 35.17 -11.66
C ALA G 63 -0.85 36.54 -11.64
N MET G 64 -0.52 37.37 -12.64
CA MET G 64 -1.12 38.68 -12.77
C MET G 64 -1.55 38.89 -14.22
N LEU G 65 -2.67 38.29 -14.59
CA LEU G 65 -3.12 38.24 -15.99
C LEU G 65 -4.27 39.21 -16.26
N ALA G 66 -4.53 39.44 -17.55
CA ALA G 66 -5.42 40.51 -17.99
C ALA G 66 -6.89 40.37 -17.61
N ASP G 67 -7.45 39.18 -17.83
CA ASP G 67 -8.90 38.97 -17.71
C ASP G 67 -9.23 37.48 -17.51
N PRO G 68 -10.52 37.13 -17.37
CA PRO G 68 -10.88 35.73 -17.15
C PRO G 68 -10.41 34.78 -18.25
N ALA G 69 -10.56 35.19 -19.51
CA ALA G 69 -10.11 34.37 -20.61
C ALA G 69 -8.62 34.02 -20.45
N ALA G 70 -7.82 35.02 -20.07
CA ALA G 70 -6.38 34.82 -19.88
C ALA G 70 -6.09 33.90 -18.71
N ALA G 71 -6.72 34.17 -17.57
CA ALA G 71 -6.49 33.38 -16.37
C ALA G 71 -6.85 31.92 -16.62
N ARG G 72 -7.91 31.70 -17.40
CA ARG G 72 -8.35 30.35 -17.72
C ARG G 72 -7.38 29.64 -18.66
N GLU G 73 -6.95 30.35 -19.69
CA GLU G 73 -6.04 29.77 -20.67
C GLU G 73 -4.72 29.36 -20.01
N VAL G 74 -4.16 30.25 -19.20
CA VAL G 74 -2.90 29.96 -18.54
C VAL G 74 -3.03 28.79 -17.57
N CYS G 75 -4.23 28.59 -17.04
CA CYS G 75 -4.48 27.50 -16.09
C CYS G 75 -4.80 26.18 -16.80
N PHE G 76 -5.82 26.20 -17.66
CA PHE G 76 -6.31 24.98 -18.31
C PHE G 76 -5.63 24.70 -19.65
N GLY G 77 -4.87 25.66 -20.15
CA GLY G 77 -4.26 25.53 -21.47
C GLY G 77 -3.12 24.54 -21.52
N ALA G 78 -2.65 24.26 -22.73
CA ALA G 78 -1.48 23.39 -22.91
C ALA G 78 -0.28 24.04 -22.22
N ASN G 79 0.55 23.21 -21.61
CA ASN G 79 1.71 23.69 -20.86
C ASN G 79 1.30 24.66 -19.73
N GLY G 80 0.07 24.52 -19.25
CA GLY G 80 -0.47 25.42 -18.25
C GLY G 80 -0.21 25.01 -16.81
N VAL G 81 -0.71 25.82 -15.88
CA VAL G 81 -0.53 25.59 -14.46
C VAL G 81 -0.82 24.14 -14.04
N LEU G 82 -1.95 23.61 -14.50
CA LEU G 82 -2.43 22.31 -14.07
C LEU G 82 -1.46 21.16 -14.38
N GLU G 83 -0.63 21.34 -15.40
CA GLU G 83 0.32 20.30 -15.78
C GLU G 83 1.49 20.24 -14.81
N GLY G 84 1.80 21.38 -14.17
CA GLY G 84 2.95 21.46 -13.28
C GLY G 84 2.62 21.47 -11.80
N ILE G 85 1.50 22.09 -11.43
CA ILE G 85 1.14 22.22 -10.02
C ILE G 85 0.88 20.86 -9.37
N GLY G 86 1.19 20.76 -8.08
CA GLY G 86 0.98 19.53 -7.35
C GLY G 86 1.73 19.49 -6.03
N GLY G 87 1.61 18.36 -5.33
CA GLY G 87 2.35 18.13 -4.10
C GLY G 87 2.39 19.29 -3.12
N GLY G 88 1.28 20.02 -3.01
CA GLY G 88 1.16 21.09 -2.04
C GLY G 88 1.70 22.45 -2.46
N ARG G 89 2.34 22.49 -3.62
CA ARG G 89 2.81 23.76 -4.16
C ARG G 89 1.63 24.71 -4.36
N GLY G 90 1.86 26.00 -4.20
CA GLY G 90 0.77 26.96 -4.23
C GLY G 90 0.61 27.72 -5.53
N TYR G 91 -0.62 28.10 -5.83
CA TYR G 91 -0.92 28.97 -6.95
C TYR G 91 -1.81 30.11 -6.46
N ILE G 92 -1.29 31.33 -6.57
CA ILE G 92 -2.02 32.51 -6.13
C ILE G 92 -2.34 33.38 -7.33
N ASP G 93 -3.60 33.37 -7.76
CA ASP G 93 -4.00 34.16 -8.91
C ASP G 93 -4.45 35.55 -8.45
N MET G 94 -3.68 36.57 -8.80
CA MET G 94 -3.96 37.93 -8.36
C MET G 94 -4.61 38.74 -9.48
N SER G 95 -4.97 38.05 -10.55
CA SER G 95 -5.68 38.64 -11.68
C SER G 95 -7.08 39.06 -11.24
N THR G 96 -7.61 40.11 -11.84
CA THR G 96 -9.00 40.49 -11.58
C THR G 96 -9.92 39.69 -12.47
N VAL G 97 -10.61 38.72 -11.88
CA VAL G 97 -11.53 37.86 -12.62
C VAL G 97 -12.85 37.74 -11.88
N ASP G 98 -13.81 37.05 -12.49
CA ASP G 98 -15.09 36.82 -11.83
C ASP G 98 -14.93 35.65 -10.87
N ASP G 99 -15.85 35.57 -9.90
CA ASP G 99 -15.78 34.52 -8.88
C ASP G 99 -15.99 33.11 -9.43
N GLU G 100 -16.73 33.00 -10.53
CA GLU G 100 -16.93 31.68 -11.14
C GLU G 100 -15.62 31.17 -11.75
N THR G 101 -14.83 32.09 -12.28
CA THR G 101 -13.53 31.72 -12.84
C THR G 101 -12.52 31.33 -11.76
N SER G 102 -12.43 32.13 -10.72
CA SER G 102 -11.50 31.83 -9.64
C SER G 102 -11.89 30.53 -8.91
N THR G 103 -13.18 30.28 -8.81
CA THR G 103 -13.66 29.05 -8.20
C THR G 103 -13.32 27.81 -9.04
N ALA G 104 -13.51 27.91 -10.35
CA ALA G 104 -13.18 26.81 -11.24
C ALA G 104 -11.68 26.54 -11.24
N ILE G 105 -10.89 27.60 -11.30
CA ILE G 105 -9.44 27.46 -11.32
C ILE G 105 -8.95 26.83 -10.03
N GLY G 106 -9.46 27.33 -8.90
CA GLY G 106 -9.12 26.79 -7.60
C GLY G 106 -9.50 25.33 -7.44
N ALA G 107 -10.68 24.96 -7.94
CA ALA G 107 -11.15 23.58 -7.83
C ALA G 107 -10.22 22.64 -8.58
N ALA G 108 -9.82 23.02 -9.79
CA ALA G 108 -8.94 22.21 -10.60
C ALA G 108 -7.54 22.09 -9.97
N VAL G 109 -7.03 23.20 -9.46
CA VAL G 109 -5.73 23.20 -8.80
C VAL G 109 -5.74 22.27 -7.59
N THR G 110 -6.83 22.33 -6.83
CA THR G 110 -6.95 21.53 -5.61
C THR G 110 -7.00 20.04 -5.95
N ALA G 111 -7.70 19.69 -7.02
CA ALA G 111 -7.80 18.30 -7.46
C ALA G 111 -6.46 17.80 -8.01
N ARG G 112 -5.61 18.72 -8.45
CA ARG G 112 -4.29 18.36 -8.97
C ARG G 112 -3.25 18.25 -7.86
N GLY G 113 -3.68 18.44 -6.61
CA GLY G 113 -2.80 18.26 -5.46
C GLY G 113 -2.12 19.53 -4.98
N GLY G 114 -2.48 20.66 -5.58
CA GLY G 114 -1.90 21.93 -5.19
C GLY G 114 -2.75 22.69 -4.19
N ARG G 115 -2.32 23.89 -3.83
CA ARG G 115 -3.11 24.77 -2.99
C ARG G 115 -3.43 26.04 -3.76
N PHE G 116 -4.67 26.51 -3.64
CA PHE G 116 -5.07 27.70 -4.37
C PHE G 116 -5.54 28.84 -3.47
N LEU G 117 -5.10 30.03 -3.82
CA LEU G 117 -5.53 31.26 -3.17
C LEU G 117 -5.78 32.26 -4.27
N GLU G 118 -6.92 32.95 -4.23
CA GLU G 118 -7.10 34.12 -5.08
C GLU G 118 -6.67 35.33 -4.27
N ALA G 119 -6.09 36.33 -4.94
CA ALA G 119 -5.67 37.55 -4.25
C ALA G 119 -5.61 38.76 -5.17
N PRO G 120 -6.75 39.16 -5.74
CA PRO G 120 -6.73 40.37 -6.58
C PRO G 120 -6.36 41.58 -5.74
N VAL G 121 -5.98 42.68 -6.38
CA VAL G 121 -5.45 43.83 -5.65
C VAL G 121 -6.16 45.15 -5.96
N SER G 122 -6.20 46.02 -4.97
CA SER G 122 -6.62 47.41 -5.17
C SER G 122 -5.37 48.29 -5.13
N GLY G 123 -5.20 49.10 -6.16
CA GLY G 123 -4.02 49.93 -6.30
C GLY G 123 -3.47 49.77 -7.70
N THR G 124 -3.02 50.87 -8.28
CA THR G 124 -2.64 50.88 -9.69
C THR G 124 -1.13 50.76 -9.90
N LYS G 125 -0.67 51.23 -11.06
CA LYS G 125 0.74 51.07 -11.46
C LYS G 125 1.73 51.55 -10.40
N LYS G 126 1.55 52.78 -9.91
CA LYS G 126 2.50 53.33 -8.93
C LYS G 126 2.52 52.51 -7.63
N PRO G 127 1.34 52.29 -7.02
CA PRO G 127 1.28 51.41 -5.85
C PRO G 127 1.93 50.04 -6.07
N ALA G 128 1.77 49.47 -7.26
CA ALA G 128 2.45 48.21 -7.57
C ALA G 128 3.96 48.37 -7.48
N GLU G 129 4.45 49.48 -8.03
CA GLU G 129 5.88 49.78 -7.97
C GLU G 129 6.35 50.01 -6.54
N ASP G 130 5.58 50.77 -5.77
CA ASP G 130 5.97 51.13 -4.41
C ASP G 130 5.78 49.99 -3.42
N GLY G 131 5.06 48.95 -3.84
CA GLY G 131 4.74 47.85 -2.95
C GLY G 131 3.67 48.22 -1.95
N THR G 132 2.75 49.10 -2.36
CA THR G 132 1.68 49.58 -1.48
C THR G 132 0.29 49.11 -1.94
N LEU G 133 0.24 47.94 -2.58
CA LEU G 133 -1.02 47.39 -3.03
C LEU G 133 -1.88 46.95 -1.84
N ILE G 134 -3.19 46.86 -2.07
CA ILE G 134 -4.09 46.31 -1.07
C ILE G 134 -4.55 44.95 -1.57
N ILE G 135 -4.25 43.90 -0.81
CA ILE G 135 -4.41 42.53 -1.26
C ILE G 135 -5.64 41.85 -0.65
N LEU G 136 -6.55 41.42 -1.52
CA LEU G 136 -7.83 40.88 -1.12
C LEU G 136 -7.88 39.39 -1.38
N ALA G 137 -7.30 38.63 -0.46
CA ALA G 137 -7.13 37.20 -0.63
C ALA G 137 -8.35 36.40 -0.22
N ALA G 138 -8.49 35.22 -0.82
CA ALA G 138 -9.54 34.27 -0.45
C ALA G 138 -9.12 32.87 -0.88
N GLY G 139 -9.37 31.88 -0.03
CA GLY G 139 -8.99 30.51 -0.32
C GLY G 139 -8.16 29.88 0.78
N ASP G 140 -7.24 29.02 0.38
CA ASP G 140 -6.49 28.18 1.32
C ASP G 140 -5.74 29.01 2.35
N GLN G 141 -6.11 28.84 3.62
CA GLN G 141 -5.54 29.67 4.68
C GLN G 141 -4.07 29.35 4.95
N SER G 142 -3.68 28.09 4.78
CA SER G 142 -2.27 27.74 4.99
C SER G 142 -1.41 28.46 3.95
N LEU G 143 -1.90 28.52 2.72
CA LEU G 143 -1.19 29.20 1.65
C LEU G 143 -1.11 30.69 1.95
N PHE G 144 -2.22 31.27 2.41
CA PHE G 144 -2.24 32.67 2.83
C PHE G 144 -1.13 32.95 3.84
N THR G 145 -1.00 32.08 4.82
CA THR G 145 0.01 32.24 5.87
C THR G 145 1.41 32.13 5.29
N ASP G 146 1.62 31.17 4.39
CA ASP G 146 2.92 30.97 3.76
C ASP G 146 3.35 32.13 2.88
N ALA G 147 2.36 32.84 2.31
CA ALA G 147 2.65 33.94 1.39
C ALA G 147 2.94 35.25 2.12
N GLY G 148 2.84 35.22 3.45
CA GLY G 148 3.08 36.40 4.28
C GLY G 148 4.21 37.30 3.82
N PRO G 149 5.44 36.76 3.76
CA PRO G 149 6.61 37.55 3.35
C PRO G 149 6.51 38.09 1.92
N ALA G 150 5.92 37.32 1.01
CA ALA G 150 5.72 37.80 -0.35
C ALA G 150 4.71 38.95 -0.38
N PHE G 151 3.62 38.79 0.36
CA PHE G 151 2.57 39.80 0.45
C PHE G 151 3.07 41.07 1.16
N ALA G 152 4.02 40.90 2.06
CA ALA G 152 4.62 42.03 2.75
C ALA G 152 5.40 42.90 1.76
N ALA G 153 6.02 42.26 0.77
CA ALA G 153 6.79 42.98 -0.24
C ALA G 153 5.90 43.63 -1.30
N LEU G 154 4.76 43.01 -1.58
CA LEU G 154 3.88 43.49 -2.65
C LEU G 154 2.89 44.55 -2.18
N GLY G 155 2.46 44.45 -0.93
CA GLY G 155 1.36 45.28 -0.46
C GLY G 155 1.54 45.91 0.91
N LYS G 156 0.65 46.83 1.24
CA LYS G 156 0.70 47.53 2.52
C LYS G 156 -0.41 47.03 3.43
N LYS G 157 -1.31 46.22 2.87
CA LYS G 157 -2.47 45.74 3.59
C LYS G 157 -2.94 44.46 2.94
N CYS G 158 -3.13 43.42 3.74
CA CYS G 158 -3.54 42.12 3.23
CA CYS G 158 -3.55 42.13 3.23
C CYS G 158 -4.70 41.56 4.07
N LEU G 159 -5.78 41.20 3.39
CA LEU G 159 -6.93 40.62 4.08
C LEU G 159 -7.21 39.21 3.58
N HIS G 160 -7.68 38.35 4.48
CA HIS G 160 -8.26 37.07 4.06
C HIS G 160 -9.77 37.13 4.22
N LEU G 161 -10.49 36.92 3.12
CA LEU G 161 -11.91 37.23 3.05
C LEU G 161 -12.81 35.99 3.04
N GLY G 162 -12.23 34.83 3.31
CA GLY G 162 -13.01 33.60 3.38
C GLY G 162 -12.78 32.64 2.23
N GLU G 163 -13.86 32.04 1.74
CA GLU G 163 -13.77 31.03 0.70
C GLU G 163 -13.49 31.67 -0.66
N VAL G 164 -12.91 30.89 -1.56
CA VAL G 164 -12.63 31.37 -2.91
C VAL G 164 -13.87 32.00 -3.51
N GLY G 165 -13.69 33.16 -4.14
CA GLY G 165 -14.79 33.89 -4.73
C GLY G 165 -15.04 35.18 -3.98
N GLN G 166 -14.76 35.18 -2.67
CA GLN G 166 -15.01 36.33 -1.84
C GLN G 166 -14.04 37.46 -2.15
N GLY G 167 -12.83 37.09 -2.53
CA GLY G 167 -11.82 38.05 -2.94
C GLY G 167 -12.22 38.67 -4.26
N ALA G 168 -12.64 37.84 -5.20
CA ALA G 168 -13.08 38.34 -6.51
C ALA G 168 -14.26 39.29 -6.36
N ARG G 169 -15.23 38.92 -5.51
CA ARG G 169 -16.39 39.77 -5.28
C ARG G 169 -16.02 41.11 -4.67
N MET G 170 -15.11 41.11 -3.70
CA MET G 170 -14.68 42.36 -3.06
C MET G 170 -14.00 43.27 -4.07
N LYS G 171 -13.12 42.69 -4.88
CA LYS G 171 -12.43 43.45 -5.92
C LYS G 171 -13.41 44.08 -6.91
N LEU G 172 -14.36 43.28 -7.41
CA LEU G 172 -15.33 43.79 -8.38
C LEU G 172 -16.21 44.87 -7.77
N VAL G 173 -16.52 44.74 -6.49
CA VAL G 173 -17.32 45.76 -5.81
C VAL G 173 -16.53 47.06 -5.71
N VAL G 174 -15.28 46.96 -5.28
CA VAL G 174 -14.43 48.14 -5.16
C VAL G 174 -14.23 48.83 -6.51
N ASN G 175 -13.93 48.05 -7.55
CA ASN G 175 -13.69 48.63 -8.87
C ASN G 175 -14.94 49.16 -9.57
N MET G 176 -16.09 48.62 -9.24
CA MET G 176 -17.34 49.18 -9.75
C MET G 176 -17.53 50.60 -9.23
N ILE G 177 -17.22 50.80 -7.95
CA ILE G 177 -17.28 52.14 -7.36
C ILE G 177 -16.29 53.07 -8.06
N MET G 178 -15.07 52.57 -8.31
CA MET G 178 -14.04 53.36 -8.97
C MET G 178 -14.48 53.78 -10.36
N GLY G 179 -15.09 52.85 -11.09
CA GLY G 179 -15.54 53.12 -12.44
C GLY G 179 -16.57 54.24 -12.47
N GLN G 180 -17.53 54.18 -11.56
CA GLN G 180 -18.55 55.22 -11.48
C GLN G 180 -17.98 56.55 -11.00
N MET G 181 -17.00 56.51 -10.09
CA MET G 181 -16.34 57.73 -9.65
C MET G 181 -15.63 58.42 -10.82
N MET G 182 -15.05 57.64 -11.71
CA MET G 182 -14.33 58.22 -12.84
C MET G 182 -15.28 58.89 -13.84
N THR G 183 -16.41 58.23 -14.14
CA THR G 183 -17.38 58.84 -15.04
C THR G 183 -17.99 60.08 -14.40
N ALA G 184 -18.16 60.05 -13.09
CA ALA G 184 -18.68 61.20 -12.36
C ALA G 184 -17.74 62.40 -12.51
N LEU G 185 -16.45 62.18 -12.27
CA LEU G 185 -15.47 63.27 -12.38
C LEU G 185 -15.39 63.77 -13.81
N GLY G 186 -15.43 62.83 -14.76
CA GLY G 186 -15.36 63.17 -16.18
C GLY G 186 -16.56 64.00 -16.63
N GLU G 187 -17.75 63.57 -16.23
CA GLU G 187 -18.96 64.32 -16.57
C GLU G 187 -18.92 65.69 -15.91
N GLY G 188 -18.38 65.75 -14.68
CA GLY G 188 -18.25 67.00 -13.96
C GLY G 188 -17.31 67.99 -14.65
N MET G 189 -16.13 67.49 -15.04
CA MET G 189 -15.15 68.34 -15.71
C MET G 189 -15.69 68.78 -17.07
N ALA G 190 -16.39 67.87 -17.74
CA ALA G 190 -16.98 68.17 -19.04
C ALA G 190 -18.00 69.30 -18.93
N LEU G 191 -18.94 69.14 -18.01
CA LEU G 191 -19.95 70.15 -17.77
C LEU G 191 -19.28 71.47 -17.37
N GLY G 192 -18.33 71.37 -16.45
CA GLY G 192 -17.65 72.55 -15.93
C GLY G 192 -16.95 73.38 -16.99
N ARG G 193 -16.22 72.73 -17.87
CA ARG G 193 -15.53 73.46 -18.94
C ARG G 193 -16.56 74.03 -19.92
N ASN G 194 -17.65 73.30 -20.15
CA ASN G 194 -18.77 73.84 -20.92
C ASN G 194 -19.36 75.11 -20.28
N CYS G 195 -19.33 75.17 -18.95
CA CYS G 195 -19.80 76.33 -18.20
C CYS G 195 -18.80 77.49 -18.22
N GLY G 196 -17.63 77.25 -18.79
CA GLY G 196 -16.58 78.25 -18.80
C GLY G 196 -15.86 78.37 -17.48
N LEU G 197 -15.95 77.34 -16.64
CA LEU G 197 -15.24 77.34 -15.37
C LEU G 197 -13.80 76.90 -15.62
N ASP G 198 -12.90 77.34 -14.75
CA ASP G 198 -11.53 76.87 -14.78
C ASP G 198 -11.47 75.48 -14.16
N GLY G 199 -11.01 74.50 -14.94
CA GLY G 199 -10.93 73.13 -14.46
C GLY G 199 -10.04 72.98 -13.24
N GLY G 200 -8.94 73.73 -13.22
CA GLY G 200 -8.04 73.73 -12.08
C GLY G 200 -8.73 74.14 -10.80
N GLN G 201 -9.61 75.13 -10.91
CA GLN G 201 -10.40 75.58 -9.77
C GLN G 201 -11.43 74.54 -9.33
N LEU G 202 -11.97 73.78 -10.29
CA LEU G 202 -12.90 72.71 -9.94
C LEU G 202 -12.19 71.69 -9.05
N LEU G 203 -11.03 71.22 -9.51
CA LEU G 203 -10.26 70.24 -8.76
C LEU G 203 -9.85 70.78 -7.38
N GLU G 204 -9.53 72.06 -7.34
CA GLU G 204 -9.20 72.73 -6.08
C GLU G 204 -10.37 72.68 -5.10
N VAL G 205 -11.58 72.96 -5.58
CA VAL G 205 -12.77 72.94 -4.73
C VAL G 205 -13.04 71.53 -4.24
N LEU G 206 -12.90 70.56 -5.14
CA LEU G 206 -13.09 69.15 -4.80
C LEU G 206 -12.07 68.67 -3.76
N ASP G 207 -10.82 69.14 -3.89
CA ASP G 207 -9.76 68.68 -2.99
C ASP G 207 -9.88 69.30 -1.61
N ALA G 208 -10.69 70.35 -1.48
CA ALA G 208 -10.85 71.03 -0.20
C ALA G 208 -12.03 70.48 0.60
N GLY G 209 -12.88 69.71 -0.07
CA GLY G 209 -14.13 69.26 0.52
C GLY G 209 -14.18 67.78 0.90
N ALA G 210 -15.39 67.30 1.19
CA ALA G 210 -15.60 65.97 1.74
C ALA G 210 -15.37 64.86 0.71
N MET G 211 -15.29 65.24 -0.56
CA MET G 211 -15.07 64.27 -1.62
C MET G 211 -13.60 64.11 -1.95
N ALA G 212 -12.77 64.92 -1.31
CA ALA G 212 -11.33 64.93 -1.60
C ALA G 212 -10.71 63.54 -1.57
N ASN G 213 -10.03 63.17 -2.65
CA ASN G 213 -9.35 61.88 -2.71
C ASN G 213 -8.22 61.87 -3.74
N PRO G 214 -7.22 61.01 -3.53
CA PRO G 214 -6.04 60.95 -4.40
C PRO G 214 -6.36 60.68 -5.86
N MET G 215 -7.38 59.88 -6.12
CA MET G 215 -7.78 59.59 -7.49
C MET G 215 -8.22 60.84 -8.25
N PHE G 216 -9.03 61.68 -7.62
CA PHE G 216 -9.46 62.92 -8.26
C PHE G 216 -8.27 63.81 -8.56
N LYS G 217 -7.37 63.91 -7.60
CA LYS G 217 -6.19 64.76 -7.75
C LYS G 217 -5.34 64.27 -8.92
N GLY G 218 -5.07 62.97 -8.96
CA GLY G 218 -4.25 62.39 -10.01
C GLY G 218 -4.92 62.39 -11.38
N LYS G 219 -6.13 61.85 -11.46
CA LYS G 219 -6.81 61.75 -12.75
C LYS G 219 -7.23 63.12 -13.26
N GLY G 220 -7.54 64.03 -12.33
CA GLY G 220 -7.90 65.39 -12.67
C GLY G 220 -6.84 66.07 -13.53
N GLN G 221 -5.57 65.86 -13.20
CA GLN G 221 -4.50 66.46 -13.99
C GLN G 221 -4.45 65.91 -15.41
N MET G 222 -4.86 64.65 -15.58
CA MET G 222 -4.96 64.06 -16.91
C MET G 222 -6.02 64.79 -17.72
N LEU G 223 -7.17 65.01 -17.10
CA LEU G 223 -8.25 65.72 -17.77
C LEU G 223 -7.80 67.10 -18.23
N LEU G 224 -6.97 67.77 -17.44
CA LEU G 224 -6.54 69.13 -17.78
C LEU G 224 -5.50 69.13 -18.90
N SER G 225 -4.65 68.11 -18.92
CA SER G 225 -3.58 68.02 -19.91
C SER G 225 -4.05 67.41 -21.23
N GLY G 226 -5.06 66.54 -21.15
CA GLY G 226 -5.54 65.85 -22.33
C GLY G 226 -4.65 64.67 -22.67
N GLU G 227 -3.73 64.35 -21.75
CA GLU G 227 -2.82 63.23 -21.92
C GLU G 227 -3.19 62.12 -20.95
N PHE G 228 -3.28 60.89 -21.43
CA PHE G 228 -3.71 59.79 -20.57
C PHE G 228 -2.73 58.62 -20.55
N PRO G 229 -1.51 58.86 -20.04
CA PRO G 229 -0.52 57.78 -19.90
C PRO G 229 -1.10 56.65 -19.06
N THR G 230 -0.94 55.42 -19.51
CA THR G 230 -1.67 54.28 -18.97
C THR G 230 -1.16 53.78 -17.63
N SER G 231 -1.96 53.96 -16.59
CA SER G 231 -1.73 53.30 -15.31
C SER G 231 -2.64 52.08 -15.21
N PHE G 232 -3.92 52.30 -15.46
CA PHE G 232 -4.92 51.22 -15.49
C PHE G 232 -5.62 51.27 -16.84
N PRO G 233 -5.29 50.32 -17.73
CA PRO G 233 -5.87 50.29 -19.09
C PRO G 233 -7.39 50.45 -19.09
N LEU G 234 -7.89 51.29 -19.97
CA LEU G 234 -9.33 51.53 -20.06
C LEU G 234 -10.10 50.23 -20.33
N LYS G 235 -9.51 49.36 -21.16
CA LYS G 235 -10.17 48.10 -21.50
C LYS G 235 -10.33 47.19 -20.29
N HIS G 236 -9.37 47.25 -19.36
CA HIS G 236 -9.51 46.48 -18.13
C HIS G 236 -10.56 47.07 -17.19
N MET G 237 -10.68 48.39 -17.17
CA MET G 237 -11.76 48.99 -16.38
C MET G 237 -13.11 48.56 -16.94
N GLN G 238 -13.26 48.60 -18.26
CA GLN G 238 -14.53 48.17 -18.86
C GLN G 238 -14.81 46.71 -18.54
N LYS G 239 -13.78 45.88 -18.61
CA LYS G 239 -13.91 44.47 -18.24
C LYS G 239 -14.41 44.34 -16.81
N ASP G 240 -13.82 45.12 -15.91
CA ASP G 240 -14.22 45.11 -14.52
C ASP G 240 -15.68 45.48 -14.34
N LEU G 241 -16.13 46.53 -15.04
CA LEU G 241 -17.56 46.93 -14.97
C LEU G 241 -18.46 45.87 -15.56
N ARG G 242 -18.00 45.27 -16.66
CA ARG G 242 -18.71 44.14 -17.26
C ARG G 242 -18.93 43.02 -16.24
N LEU G 243 -17.86 42.63 -15.55
CA LEU G 243 -17.96 41.54 -14.60
C LEU G 243 -18.83 41.90 -13.39
N ALA G 244 -18.77 43.15 -12.93
CA ALA G 244 -19.62 43.59 -11.83
C ALA G 244 -21.10 43.47 -12.21
N VAL G 245 -21.47 43.95 -13.39
CA VAL G 245 -22.84 43.86 -13.87
C VAL G 245 -23.30 42.40 -13.98
N GLU G 246 -22.42 41.51 -14.43
CA GLU G 246 -22.76 40.09 -14.51
C GLU G 246 -22.92 39.48 -13.11
N LEU G 247 -22.08 39.88 -12.17
CA LEU G 247 -22.19 39.42 -10.80
C LEU G 247 -23.54 39.87 -10.21
N GLY G 248 -23.87 41.14 -10.43
CA GLY G 248 -25.16 41.67 -10.01
C GLY G 248 -26.33 40.89 -10.59
N ASP G 249 -26.21 40.51 -11.86
CA ASP G 249 -27.22 39.70 -12.52
C ASP G 249 -27.39 38.37 -11.77
N ARG G 250 -26.29 37.70 -11.48
CA ARG G 250 -26.35 36.43 -10.76
C ARG G 250 -26.98 36.51 -9.35
N LEU G 251 -26.76 37.63 -8.67
CA LEU G 251 -27.24 37.79 -7.30
C LEU G 251 -28.56 38.54 -7.23
N GLY G 252 -29.09 38.91 -8.39
CA GLY G 252 -30.35 39.62 -8.46
C GLY G 252 -30.27 41.03 -7.94
N GLN G 253 -29.10 41.66 -8.11
CA GLN G 253 -28.90 43.02 -7.66
C GLN G 253 -28.89 43.99 -8.85
N PRO G 254 -29.94 44.84 -8.94
CA PRO G 254 -29.96 45.88 -9.98
C PRO G 254 -28.84 46.91 -9.76
N LEU G 255 -28.25 47.40 -10.85
CA LEU G 255 -27.14 48.34 -10.77
C LEU G 255 -27.24 49.37 -11.90
N HIS G 256 -28.21 50.29 -11.81
CA HIS G 256 -28.42 51.28 -12.88
C HIS G 256 -27.18 52.13 -13.13
N GLY G 257 -26.53 52.57 -12.05
CA GLY G 257 -25.33 53.39 -12.15
C GLY G 257 -24.15 52.67 -12.78
N ALA G 258 -23.90 51.45 -12.34
CA ALA G 258 -22.80 50.65 -12.90
C ALA G 258 -23.05 50.35 -14.38
N ALA G 259 -24.28 50.00 -14.72
CA ALA G 259 -24.63 49.65 -16.09
C ALA G 259 -24.42 50.84 -17.01
N THR G 260 -24.85 52.01 -16.56
CA THR G 260 -24.63 53.24 -17.31
C THR G 260 -23.14 53.52 -17.51
N ALA G 261 -22.35 53.39 -16.46
CA ALA G 261 -20.91 53.64 -16.58
C ALA G 261 -20.27 52.61 -17.52
N ASN G 262 -20.69 51.36 -17.40
CA ASN G 262 -20.21 50.30 -18.29
C ASN G 262 -20.38 50.71 -19.75
N GLU G 263 -21.58 51.16 -20.11
CA GLU G 263 -21.84 51.54 -21.50
C GLU G 263 -20.99 52.74 -21.93
N SER G 264 -20.77 53.69 -21.02
CA SER G 264 -19.87 54.81 -21.31
C SER G 264 -18.45 54.35 -21.60
N PHE G 265 -17.95 53.38 -20.83
CA PHE G 265 -16.61 52.87 -21.09
C PHE G 265 -16.53 52.11 -22.41
N LYS G 266 -17.63 51.46 -22.80
CA LYS G 266 -17.68 50.81 -24.10
C LYS G 266 -17.61 51.85 -25.21
N ARG G 267 -18.26 52.99 -24.99
CA ARG G 267 -18.21 54.08 -25.97
C ARG G 267 -16.75 54.51 -26.12
N ALA G 268 -16.04 54.63 -25.00
CA ALA G 268 -14.63 54.99 -25.00
C ALA G 268 -13.76 53.96 -25.73
N ARG G 269 -14.03 52.68 -25.53
CA ARG G 269 -13.30 51.64 -26.28
C ARG G 269 -13.52 51.79 -27.77
N ALA G 270 -14.78 51.92 -28.17
CA ALA G 270 -15.12 52.01 -29.58
C ALA G 270 -14.51 53.24 -30.25
N ALA G 271 -14.24 54.28 -29.46
CA ALA G 271 -13.68 55.51 -29.99
C ALA G 271 -12.15 55.46 -30.04
N GLY G 272 -11.57 54.32 -29.66
CA GLY G 272 -10.13 54.11 -29.81
C GLY G 272 -9.25 54.32 -28.59
N HIS G 273 -9.85 54.35 -27.40
CA HIS G 273 -9.07 54.66 -26.19
C HIS G 273 -8.81 53.44 -25.29
N ALA G 274 -8.98 52.24 -25.82
CA ALA G 274 -8.88 51.03 -24.99
C ALA G 274 -7.54 50.87 -24.27
N ASP G 275 -6.45 51.29 -24.90
CA ASP G 275 -5.12 51.11 -24.32
C ASP G 275 -4.61 52.30 -23.51
N GLU G 276 -5.38 53.38 -23.49
CA GLU G 276 -5.01 54.54 -22.69
C GLU G 276 -5.44 54.31 -21.25
N ASP G 277 -5.07 55.22 -20.35
CA ASP G 277 -5.55 55.10 -18.97
C ASP G 277 -7.08 55.18 -18.95
N PHE G 278 -7.71 54.58 -17.94
CA PHE G 278 -9.18 54.56 -17.89
C PHE G 278 -9.78 55.95 -17.73
N ALA G 279 -8.97 56.90 -17.28
CA ALA G 279 -9.43 58.29 -17.21
C ALA G 279 -9.80 58.83 -18.59
N ALA G 280 -9.32 58.14 -19.63
CA ALA G 280 -9.59 58.55 -21.02
C ALA G 280 -11.07 58.45 -21.38
N VAL G 281 -11.89 57.89 -20.50
CA VAL G 281 -13.34 57.88 -20.75
C VAL G 281 -13.84 59.31 -20.87
N PHE G 282 -13.10 60.26 -20.27
CA PHE G 282 -13.38 61.69 -20.41
C PHE G 282 -13.49 62.09 -21.89
N ARG G 283 -12.75 61.39 -22.75
CA ARG G 283 -12.73 61.73 -24.17
C ARG G 283 -14.08 61.54 -24.89
N VAL G 284 -14.94 60.68 -24.38
CA VAL G 284 -16.27 60.53 -24.98
C VAL G 284 -17.36 61.19 -24.15
N LEU G 285 -17.00 61.68 -22.96
CA LEU G 285 -17.94 62.48 -22.17
C LEU G 285 -17.87 63.93 -22.61
N GLU G 286 -16.66 64.34 -23.01
CA GLU G 286 -16.40 65.60 -23.72
C GLU G 286 -16.00 66.71 -22.77
N THR H 2 -6.68 10.27 -36.69
CA THR H 2 -6.18 9.51 -35.56
C THR H 2 -7.29 8.75 -34.82
N THR H 3 -8.56 8.97 -35.19
CA THR H 3 -9.65 8.12 -34.72
C THR H 3 -9.98 7.06 -35.78
N TYR H 4 -10.32 5.86 -35.35
CA TYR H 4 -10.56 4.74 -36.25
C TYR H 4 -11.92 4.10 -36.05
N GLY H 5 -12.50 3.64 -37.17
CA GLY H 5 -13.71 2.85 -37.16
C GLY H 5 -13.39 1.49 -37.76
N PHE H 6 -14.18 0.49 -37.42
CA PHE H 6 -13.95 -0.86 -37.94
C PHE H 6 -15.29 -1.55 -38.14
N LEU H 7 -15.56 -1.96 -39.37
CA LEU H 7 -16.81 -2.63 -39.71
C LEU H 7 -16.54 -4.07 -40.10
N GLY H 8 -17.22 -5.01 -39.43
CA GLY H 8 -17.11 -6.42 -39.77
C GLY H 8 -16.17 -7.13 -38.81
N LEU H 9 -16.76 -7.70 -37.76
CA LEU H 9 -15.99 -8.41 -36.74
C LEU H 9 -16.12 -9.92 -36.91
N GLY H 10 -15.67 -10.43 -38.06
CA GLY H 10 -15.64 -11.86 -38.27
C GLY H 10 -14.35 -12.52 -37.80
N ILE H 11 -14.01 -13.63 -38.42
CA ILE H 11 -12.79 -14.37 -38.09
C ILE H 11 -11.54 -13.48 -38.21
N MET H 12 -11.49 -12.68 -39.26
CA MET H 12 -10.38 -11.76 -39.46
C MET H 12 -10.62 -10.42 -38.74
N GLY H 13 -11.80 -9.85 -38.92
CA GLY H 13 -12.10 -8.54 -38.35
C GLY H 13 -11.97 -8.43 -36.83
N GLY H 14 -12.37 -9.46 -36.11
CA GLY H 14 -12.27 -9.42 -34.65
C GLY H 14 -10.86 -9.18 -34.16
N PRO H 15 -9.93 -10.08 -34.52
CA PRO H 15 -8.52 -9.98 -34.14
C PRO H 15 -7.87 -8.71 -34.69
N MET H 16 -8.24 -8.30 -35.89
CA MET H 16 -7.68 -7.07 -36.46
C MET H 16 -8.09 -5.86 -35.64
N ALA H 17 -9.38 -5.73 -35.37
CA ALA H 17 -9.85 -4.61 -34.55
C ALA H 17 -9.23 -4.67 -33.15
N ALA H 18 -9.11 -5.86 -32.60
CA ALA H 18 -8.51 -6.03 -31.27
C ALA H 18 -7.06 -5.54 -31.24
N ASN H 19 -6.30 -5.83 -32.30
CA ASN H 19 -4.95 -5.30 -32.42
C ASN H 19 -4.90 -3.76 -32.38
N LEU H 20 -5.85 -3.12 -33.05
CA LEU H 20 -5.90 -1.66 -33.04
C LEU H 20 -6.18 -1.15 -31.63
N VAL H 21 -7.13 -1.78 -30.96
CA VAL H 21 -7.46 -1.38 -29.59
C VAL H 21 -6.25 -1.56 -28.67
N ARG H 22 -5.63 -2.73 -28.71
CA ARG H 22 -4.47 -3.00 -27.84
C ARG H 22 -3.28 -2.09 -28.14
N ALA H 23 -3.18 -1.63 -29.38
CA ALA H 23 -2.08 -0.75 -29.78
C ALA H 23 -2.31 0.70 -29.33
N GLY H 24 -3.46 0.95 -28.72
CA GLY H 24 -3.76 2.25 -28.14
C GLY H 24 -4.64 3.17 -28.97
N PHE H 25 -5.13 2.72 -30.13
CA PHE H 25 -5.97 3.57 -30.96
C PHE H 25 -7.38 3.74 -30.39
N ASP H 26 -8.00 4.89 -30.68
CA ASP H 26 -9.40 5.14 -30.39
C ASP H 26 -10.24 4.45 -31.48
N VAL H 27 -10.83 3.30 -31.14
CA VAL H 27 -11.54 2.49 -32.13
C VAL H 27 -13.04 2.43 -31.85
N THR H 28 -13.83 2.59 -32.91
CA THR H 28 -15.27 2.44 -32.84
C THR H 28 -15.65 1.30 -33.77
N VAL H 29 -16.34 0.29 -33.25
CA VAL H 29 -16.64 -0.90 -34.04
C VAL H 29 -18.13 -1.04 -34.34
N TRP H 30 -18.42 -1.76 -35.43
CA TRP H 30 -19.78 -2.14 -35.81
C TRP H 30 -19.76 -3.49 -36.49
N ASN H 31 -20.77 -4.30 -36.22
CA ASN H 31 -20.98 -5.56 -36.94
C ASN H 31 -22.49 -5.76 -37.14
N ARG H 32 -22.87 -6.29 -38.30
CA ARG H 32 -24.29 -6.53 -38.60
C ARG H 32 -24.96 -7.25 -37.43
N ASN H 33 -24.33 -8.33 -36.98
CA ASN H 33 -24.73 -9.00 -35.74
C ASN H 33 -24.06 -8.34 -34.55
N PRO H 34 -24.80 -7.51 -33.80
CA PRO H 34 -24.21 -6.66 -32.74
C PRO H 34 -23.53 -7.45 -31.63
N ALA H 35 -23.86 -8.72 -31.49
CA ALA H 35 -23.27 -9.54 -30.43
C ALA H 35 -21.75 -9.68 -30.56
N LYS H 36 -21.25 -9.61 -31.80
CA LYS H 36 -19.82 -9.79 -32.05
C LYS H 36 -19.01 -8.60 -31.51
N CYS H 37 -19.69 -7.50 -31.21
CA CYS H 37 -19.01 -6.29 -30.71
C CYS H 37 -18.57 -6.38 -29.24
N ALA H 38 -19.24 -7.22 -28.46
CA ALA H 38 -19.04 -7.22 -27.00
C ALA H 38 -17.58 -7.43 -26.56
N PRO H 39 -16.91 -8.45 -27.13
CA PRO H 39 -15.51 -8.68 -26.76
C PRO H 39 -14.61 -7.47 -27.05
N LEU H 40 -14.86 -6.79 -28.16
CA LEU H 40 -14.05 -5.61 -28.51
C LEU H 40 -14.33 -4.40 -27.59
N VAL H 41 -15.61 -4.15 -27.32
CA VAL H 41 -15.98 -3.13 -26.34
C VAL H 41 -15.30 -3.43 -25.02
N ALA H 42 -15.30 -4.70 -24.61
CA ALA H 42 -14.69 -5.10 -23.35
C ALA H 42 -13.18 -4.77 -23.31
N LEU H 43 -12.57 -4.69 -24.49
CA LEU H 43 -11.15 -4.37 -24.60
C LEU H 43 -10.90 -2.87 -24.59
N GLY H 44 -11.95 -2.09 -24.85
CA GLY H 44 -11.81 -0.64 -24.86
C GLY H 44 -12.41 0.06 -26.06
N ALA H 45 -12.93 -0.71 -27.02
CA ALA H 45 -13.58 -0.11 -28.18
C ALA H 45 -14.92 0.49 -27.78
N ARG H 46 -15.35 1.51 -28.53
CA ARG H 46 -16.73 1.95 -28.45
C ARG H 46 -17.53 1.25 -29.55
N GLN H 47 -18.85 1.26 -29.40
CA GLN H 47 -19.70 0.55 -30.35
C GLN H 47 -20.60 1.54 -31.07
N ALA H 48 -20.85 1.30 -32.36
CA ALA H 48 -21.82 2.13 -33.09
C ALA H 48 -22.97 1.31 -33.64
N SER H 49 -24.01 1.99 -34.11
CA SER H 49 -25.24 1.34 -34.55
C SER H 49 -25.30 1.07 -36.04
N SER H 50 -24.45 1.74 -36.80
CA SER H 50 -24.47 1.61 -38.26
C SER H 50 -23.15 2.06 -38.87
N PRO H 51 -22.87 1.61 -40.10
CA PRO H 51 -21.70 2.07 -40.84
C PRO H 51 -21.70 3.58 -41.00
N ALA H 52 -22.88 4.16 -41.23
CA ALA H 52 -22.99 5.62 -41.35
C ALA H 52 -22.49 6.33 -40.10
N GLU H 53 -22.85 5.82 -38.93
CA GLU H 53 -22.43 6.44 -37.68
C GLU H 53 -20.91 6.42 -37.53
N VAL H 54 -20.31 5.28 -37.87
CA VAL H 54 -18.86 5.14 -37.83
C VAL H 54 -18.17 6.11 -38.79
N CYS H 55 -18.60 6.10 -40.05
CA CYS H 55 -17.95 6.87 -41.10
C CYS H 55 -18.17 8.38 -40.99
N ALA H 56 -19.19 8.79 -40.23
CA ALA H 56 -19.44 10.21 -40.02
C ALA H 56 -18.55 10.77 -38.92
N ALA H 57 -18.07 9.90 -38.04
CA ALA H 57 -17.33 10.36 -36.85
C ALA H 57 -15.83 10.04 -36.88
N CYS H 58 -15.46 8.96 -37.55
CA CYS H 58 -14.06 8.49 -37.50
C CYS H 58 -13.23 9.00 -38.66
N ASP H 59 -11.97 9.35 -38.37
CA ASP H 59 -11.04 9.84 -39.38
C ASP H 59 -10.77 8.77 -40.44
N ILE H 60 -10.69 7.52 -40.00
CA ILE H 60 -10.38 6.41 -40.90
C ILE H 60 -11.17 5.19 -40.47
N THR H 61 -11.96 4.66 -41.39
CA THR H 61 -12.75 3.46 -41.13
C THR H 61 -12.26 2.28 -41.97
N ILE H 62 -12.03 1.15 -41.33
CA ILE H 62 -11.62 -0.08 -42.00
C ILE H 62 -12.80 -1.04 -42.06
N ALA H 63 -12.95 -1.75 -43.18
CA ALA H 63 -13.98 -2.79 -43.31
C ALA H 63 -13.35 -4.15 -43.61
N MET H 64 -13.91 -5.21 -43.03
CA MET H 64 -13.39 -6.55 -43.29
C MET H 64 -14.58 -7.49 -43.46
N LEU H 65 -15.16 -7.47 -44.66
CA LEU H 65 -16.45 -8.10 -44.89
C LEU H 65 -16.33 -9.33 -45.78
N ALA H 66 -17.38 -10.14 -45.79
CA ALA H 66 -17.33 -11.47 -46.38
C ALA H 66 -16.99 -11.49 -47.87
N ASP H 67 -17.67 -10.65 -48.65
CA ASP H 67 -17.65 -10.82 -50.10
C ASP H 67 -18.15 -9.56 -50.82
N PRO H 68 -18.11 -9.56 -52.16
CA PRO H 68 -18.55 -8.36 -52.88
C PRO H 68 -19.96 -7.92 -52.52
N ALA H 69 -20.90 -8.85 -52.35
CA ALA H 69 -22.27 -8.49 -52.01
C ALA H 69 -22.33 -7.76 -50.66
N ALA H 70 -21.61 -8.28 -49.68
CA ALA H 70 -21.55 -7.65 -48.37
C ALA H 70 -20.90 -6.27 -48.45
N ALA H 71 -19.80 -6.17 -49.19
CA ALA H 71 -19.08 -4.91 -49.27
C ALA H 71 -19.95 -3.85 -49.93
N ARG H 72 -20.68 -4.23 -50.98
CA ARG H 72 -21.56 -3.27 -51.65
C ARG H 72 -22.74 -2.85 -50.78
N GLU H 73 -23.28 -3.78 -50.00
CA GLU H 73 -24.42 -3.46 -49.14
C GLU H 73 -24.00 -2.52 -48.03
N VAL H 74 -22.84 -2.76 -47.45
CA VAL H 74 -22.34 -1.89 -46.38
C VAL H 74 -22.01 -0.50 -46.92
N CYS H 75 -21.54 -0.44 -48.16
CA CYS H 75 -21.24 0.83 -48.78
C CYS H 75 -22.51 1.58 -49.25
N PHE H 76 -23.31 0.93 -50.09
CA PHE H 76 -24.42 1.58 -50.77
C PHE H 76 -25.77 1.45 -50.07
N GLY H 77 -25.86 0.60 -49.06
CA GLY H 77 -27.14 0.32 -48.43
C GLY H 77 -27.63 1.40 -47.48
N ALA H 78 -28.84 1.21 -46.96
CA ALA H 78 -29.40 2.15 -45.98
C ALA H 78 -28.51 2.26 -44.76
N ASN H 79 -28.25 3.50 -44.34
CA ASN H 79 -27.35 3.79 -43.22
C ASN H 79 -25.95 3.22 -43.43
N GLY H 80 -25.54 3.11 -44.69
CA GLY H 80 -24.23 2.59 -45.03
C GLY H 80 -23.14 3.66 -45.06
N VAL H 81 -21.98 3.27 -45.56
CA VAL H 81 -20.80 4.12 -45.58
C VAL H 81 -21.06 5.46 -46.24
N LEU H 82 -21.76 5.44 -47.37
CA LEU H 82 -21.97 6.65 -48.16
C LEU H 82 -22.82 7.69 -47.44
N GLU H 83 -23.64 7.25 -46.50
CA GLU H 83 -24.50 8.17 -45.75
C GLU H 83 -23.70 8.95 -44.72
N GLY H 84 -22.50 8.46 -44.40
CA GLY H 84 -21.70 9.08 -43.34
C GLY H 84 -20.37 9.65 -43.77
N ILE H 85 -19.76 9.04 -44.79
CA ILE H 85 -18.40 9.41 -45.19
C ILE H 85 -18.38 10.78 -45.86
N GLY H 86 -17.24 11.47 -45.74
CA GLY H 86 -17.11 12.78 -46.33
C GLY H 86 -16.04 13.58 -45.61
N GLY H 87 -15.89 14.85 -46.02
CA GLY H 87 -14.97 15.75 -45.37
C GLY H 87 -13.55 15.23 -45.30
N GLY H 88 -13.17 14.40 -46.27
CA GLY H 88 -11.80 13.90 -46.33
C GLY H 88 -11.53 12.66 -45.48
N ARG H 89 -12.54 12.24 -44.71
CA ARG H 89 -12.44 11.01 -43.93
C ARG H 89 -12.14 9.82 -44.85
N GLY H 90 -11.42 8.84 -44.31
CA GLY H 90 -10.97 7.72 -45.11
C GLY H 90 -11.76 6.45 -44.92
N TYR H 91 -11.89 5.69 -46.00
CA TYR H 91 -12.49 4.37 -45.96
C TYR H 91 -11.50 3.38 -46.54
N ILE H 92 -11.16 2.36 -45.76
CA ILE H 92 -10.21 1.35 -46.18
C ILE H 92 -10.89 -0.01 -46.19
N ASP H 93 -11.24 -0.50 -47.38
CA ASP H 93 -11.91 -1.79 -47.48
C ASP H 93 -10.87 -2.89 -47.63
N MET H 94 -10.72 -3.70 -46.59
CA MET H 94 -9.76 -4.80 -46.60
C MET H 94 -10.39 -6.15 -46.94
N SER H 95 -11.67 -6.14 -47.32
CA SER H 95 -12.38 -7.35 -47.77
C SER H 95 -11.77 -7.87 -49.06
N THR H 96 -11.83 -9.18 -49.29
CA THR H 96 -11.43 -9.70 -50.59
C THR H 96 -12.60 -9.62 -51.55
N VAL H 97 -12.47 -8.75 -52.55
CA VAL H 97 -13.51 -8.57 -53.56
C VAL H 97 -12.88 -8.47 -54.95
N ASP H 98 -13.72 -8.36 -55.96
CA ASP H 98 -13.23 -8.20 -57.32
C ASP H 98 -12.88 -6.74 -57.54
N ASP H 99 -12.06 -6.48 -58.55
CA ASP H 99 -11.64 -5.12 -58.83
C ASP H 99 -12.78 -4.21 -59.29
N GLU H 100 -13.83 -4.78 -59.87
CA GLU H 100 -14.97 -3.95 -60.30
C GLU H 100 -15.71 -3.40 -59.09
N THR H 101 -15.86 -4.22 -58.06
CA THR H 101 -16.49 -3.80 -56.81
C THR H 101 -15.68 -2.73 -56.08
N SER H 102 -14.37 -2.95 -55.91
CA SER H 102 -13.58 -1.99 -55.17
C SER H 102 -13.50 -0.67 -55.93
N THR H 103 -13.48 -0.73 -57.25
CA THR H 103 -13.47 0.49 -58.07
C THR H 103 -14.78 1.27 -57.92
N ALA H 104 -15.90 0.55 -57.89
CA ALA H 104 -17.21 1.17 -57.77
C ALA H 104 -17.39 1.80 -56.39
N ILE H 105 -16.93 1.09 -55.36
CA ILE H 105 -16.99 1.61 -54.00
C ILE H 105 -16.10 2.84 -53.89
N GLY H 106 -14.88 2.72 -54.40
CA GLY H 106 -13.95 3.84 -54.42
C GLY H 106 -14.52 5.09 -55.08
N ALA H 107 -15.12 4.92 -56.26
CA ALA H 107 -15.69 6.04 -56.99
C ALA H 107 -16.79 6.74 -56.18
N ALA H 108 -17.65 5.96 -55.57
CA ALA H 108 -18.76 6.50 -54.79
C ALA H 108 -18.26 7.23 -53.54
N VAL H 109 -17.30 6.63 -52.84
CA VAL H 109 -16.73 7.27 -51.66
C VAL H 109 -16.11 8.61 -52.02
N THR H 110 -15.34 8.61 -53.10
CA THR H 110 -14.67 9.83 -53.53
C THR H 110 -15.66 10.94 -53.89
N ALA H 111 -16.76 10.56 -54.53
CA ALA H 111 -17.77 11.52 -54.94
C ALA H 111 -18.48 12.15 -53.73
N ARG H 112 -18.44 11.45 -52.60
CA ARG H 112 -19.02 11.97 -51.36
C ARG H 112 -18.01 12.80 -50.57
N GLY H 113 -16.80 12.93 -51.12
CA GLY H 113 -15.78 13.74 -50.49
C GLY H 113 -14.88 12.95 -49.55
N GLY H 114 -14.98 11.63 -49.58
CA GLY H 114 -14.12 10.79 -48.77
C GLY H 114 -12.88 10.37 -49.53
N ARG H 115 -11.94 9.73 -48.86
CA ARG H 115 -10.77 9.13 -49.51
C ARG H 115 -10.90 7.62 -49.46
N PHE H 116 -10.52 6.94 -50.54
CA PHE H 116 -10.67 5.49 -50.57
C PHE H 116 -9.37 4.75 -50.81
N LEU H 117 -9.22 3.63 -50.10
CA LEU H 117 -8.09 2.74 -50.30
C LEU H 117 -8.63 1.31 -50.18
N GLU H 118 -8.29 0.46 -51.15
CA GLU H 118 -8.52 -0.98 -50.98
C GLU H 118 -7.26 -1.55 -50.36
N ALA H 119 -7.40 -2.55 -49.49
CA ALA H 119 -6.23 -3.14 -48.85
C ALA H 119 -6.49 -4.57 -48.39
N PRO H 120 -6.89 -5.45 -49.33
CA PRO H 120 -7.06 -6.85 -48.95
C PRO H 120 -5.73 -7.42 -48.44
N VAL H 121 -5.80 -8.56 -47.76
CA VAL H 121 -4.63 -9.10 -47.06
C VAL H 121 -4.34 -10.56 -47.39
N SER H 122 -3.07 -10.93 -47.28
CA SER H 122 -2.69 -12.32 -47.38
C SER H 122 -2.24 -12.76 -45.98
N GLY H 123 -2.79 -13.88 -45.50
CA GLY H 123 -2.58 -14.32 -44.13
C GLY H 123 -3.91 -14.67 -43.48
N THR H 124 -3.92 -15.73 -42.68
CA THR H 124 -5.18 -16.26 -42.17
C THR H 124 -5.47 -15.84 -40.71
N LYS H 125 -6.22 -16.65 -39.97
CA LYS H 125 -6.65 -16.28 -38.63
C LYS H 125 -5.47 -15.98 -37.68
N LYS H 126 -4.49 -16.88 -37.61
CA LYS H 126 -3.38 -16.69 -36.69
C LYS H 126 -2.57 -15.42 -37.00
N PRO H 127 -2.23 -15.21 -38.28
CA PRO H 127 -1.60 -13.94 -38.63
C PRO H 127 -2.45 -12.70 -38.31
N ALA H 128 -3.76 -12.78 -38.50
CA ALA H 128 -4.60 -11.65 -38.12
C ALA H 128 -4.45 -11.39 -36.62
N GLU H 129 -4.45 -12.46 -35.85
CA GLU H 129 -4.26 -12.37 -34.40
C GLU H 129 -2.91 -11.76 -34.03
N ASP H 130 -1.85 -12.21 -34.71
CA ASP H 130 -0.49 -11.82 -34.33
C ASP H 130 -0.09 -10.47 -34.93
N GLY H 131 -0.89 -9.96 -35.86
CA GLY H 131 -0.57 -8.70 -36.53
C GLY H 131 0.48 -8.87 -37.62
N THR H 132 0.49 -10.04 -38.26
CA THR H 132 1.54 -10.35 -39.23
C THR H 132 0.97 -10.61 -40.63
N LEU H 133 -0.16 -9.97 -40.92
CA LEU H 133 -0.75 -10.01 -42.24
C LEU H 133 0.15 -9.34 -43.27
N ILE H 134 -0.06 -9.65 -44.54
CA ILE H 134 0.58 -8.96 -45.65
C ILE H 134 -0.49 -8.10 -46.31
N ILE H 135 -0.28 -6.79 -46.34
CA ILE H 135 -1.33 -5.89 -46.79
C ILE H 135 -1.07 -5.42 -48.20
N LEU H 136 -2.05 -5.67 -49.08
CA LEU H 136 -1.93 -5.40 -50.50
C LEU H 136 -2.79 -4.20 -50.90
N ALA H 137 -2.28 -3.01 -50.64
CA ALA H 137 -3.09 -1.79 -50.77
C ALA H 137 -3.03 -1.18 -52.16
N ALA H 138 -4.08 -0.45 -52.52
CA ALA H 138 -4.11 0.32 -53.76
C ALA H 138 -5.14 1.44 -53.63
N GLY H 139 -4.84 2.59 -54.24
CA GLY H 139 -5.72 3.74 -54.16
C GLY H 139 -5.04 4.99 -53.62
N ASP H 140 -5.79 5.79 -52.86
CA ASP H 140 -5.32 7.10 -52.39
C ASP H 140 -4.00 7.05 -51.60
N GLN H 141 -2.96 7.67 -52.14
CA GLN H 141 -1.64 7.72 -51.50
C GLN H 141 -1.64 8.39 -50.13
N SER H 142 -2.40 9.46 -49.96
CA SER H 142 -2.40 10.17 -48.70
C SER H 142 -3.05 9.34 -47.60
N LEU H 143 -4.05 8.54 -47.96
CA LEU H 143 -4.71 7.71 -46.97
C LEU H 143 -3.79 6.55 -46.60
N PHE H 144 -3.11 5.99 -47.61
CA PHE H 144 -2.10 4.98 -47.35
C PHE H 144 -1.10 5.47 -46.32
N THR H 145 -0.60 6.69 -46.52
CA THR H 145 0.36 7.27 -45.59
C THR H 145 -0.25 7.45 -44.21
N ASP H 146 -1.45 8.03 -44.16
CA ASP H 146 -2.14 8.25 -42.89
C ASP H 146 -2.42 6.95 -42.16
N ALA H 147 -2.59 5.85 -42.91
CA ALA H 147 -2.91 4.56 -42.31
C ALA H 147 -1.68 3.81 -41.80
N GLY H 148 -0.52 4.43 -41.93
CA GLY H 148 0.73 3.79 -41.53
C GLY H 148 0.73 3.16 -40.15
N PRO H 149 0.44 3.94 -39.10
CA PRO H 149 0.43 3.40 -37.74
C PRO H 149 -0.53 2.21 -37.56
N ALA H 150 -1.72 2.30 -38.14
CA ALA H 150 -2.69 1.20 -38.03
C ALA H 150 -2.20 -0.04 -38.79
N PHE H 151 -1.67 0.17 -39.99
CA PHE H 151 -1.14 -0.95 -40.77
C PHE H 151 0.00 -1.66 -40.03
N ALA H 152 0.77 -0.90 -39.26
CA ALA H 152 1.86 -1.48 -38.48
C ALA H 152 1.32 -2.45 -37.43
N ALA H 153 0.17 -2.12 -36.84
CA ALA H 153 -0.45 -2.97 -35.83
C ALA H 153 -1.10 -4.19 -36.45
N LEU H 154 -1.46 -4.07 -37.72
CA LEU H 154 -2.20 -5.14 -38.41
C LEU H 154 -1.34 -6.12 -39.20
N GLY H 155 -0.22 -5.65 -39.71
CA GLY H 155 0.57 -6.48 -40.62
C GLY H 155 2.08 -6.36 -40.48
N LYS H 156 2.80 -7.30 -41.09
CA LYS H 156 4.26 -7.28 -41.05
C LYS H 156 4.82 -6.72 -42.35
N LYS H 157 3.95 -6.51 -43.32
CA LYS H 157 4.40 -6.10 -44.65
C LYS H 157 3.27 -5.38 -45.37
N CYS H 158 3.57 -4.20 -45.91
CA CYS H 158 2.57 -3.40 -46.61
CA CYS H 158 2.56 -3.44 -46.63
C CYS H 158 3.10 -2.95 -47.97
N LEU H 159 2.33 -3.18 -49.03
CA LEU H 159 2.68 -2.70 -50.35
C LEU H 159 1.62 -1.74 -50.86
N HIS H 160 2.03 -0.76 -51.64
CA HIS H 160 1.08 0.06 -52.38
C HIS H 160 1.22 -0.25 -53.87
N LEU H 161 0.18 -0.82 -54.45
CA LEU H 161 0.25 -1.40 -55.79
C LEU H 161 -0.31 -0.52 -56.91
N GLY H 162 -0.60 0.75 -56.60
CA GLY H 162 -1.07 1.68 -57.62
C GLY H 162 -2.54 2.04 -57.56
N GLU H 163 -3.19 2.11 -58.73
CA GLU H 163 -4.60 2.48 -58.83
C GLU H 163 -5.52 1.43 -58.19
N VAL H 164 -6.66 1.87 -57.69
CA VAL H 164 -7.67 0.96 -57.15
C VAL H 164 -7.92 -0.15 -58.14
N GLY H 165 -7.99 -1.39 -57.65
CA GLY H 165 -8.17 -2.53 -58.52
C GLY H 165 -6.94 -3.41 -58.53
N GLN H 166 -5.75 -2.80 -58.40
CA GLN H 166 -4.51 -3.57 -58.45
C GLN H 166 -4.33 -4.42 -57.20
N GLY H 167 -4.77 -3.90 -56.06
CA GLY H 167 -4.73 -4.66 -54.83
C GLY H 167 -5.66 -5.87 -54.90
N ALA H 168 -6.88 -5.66 -55.39
CA ALA H 168 -7.83 -6.76 -55.56
C ALA H 168 -7.24 -7.83 -56.47
N ARG H 169 -6.64 -7.40 -57.58
CA ARG H 169 -6.08 -8.34 -58.55
C ARG H 169 -4.92 -9.15 -57.98
N MET H 170 -4.01 -8.49 -57.25
CA MET H 170 -2.90 -9.22 -56.63
C MET H 170 -3.45 -10.25 -55.65
N LYS H 171 -4.43 -9.85 -54.85
CA LYS H 171 -5.01 -10.78 -53.87
C LYS H 171 -5.64 -12.00 -54.56
N LEU H 172 -6.43 -11.76 -55.59
CA LEU H 172 -7.11 -12.87 -56.27
C LEU H 172 -6.11 -13.81 -56.93
N VAL H 173 -5.02 -13.27 -57.44
CA VAL H 173 -3.98 -14.10 -58.03
C VAL H 173 -3.32 -14.98 -56.97
N VAL H 174 -2.94 -14.38 -55.86
CA VAL H 174 -2.35 -15.11 -54.73
C VAL H 174 -3.27 -16.22 -54.24
N ASN H 175 -4.54 -15.89 -54.01
CA ASN H 175 -5.47 -16.91 -53.53
C ASN H 175 -5.85 -17.98 -54.54
N MET H 176 -5.71 -17.68 -55.83
CA MET H 176 -6.00 -18.67 -56.85
C MET H 176 -4.91 -19.73 -56.80
N ILE H 177 -3.67 -19.30 -56.59
CA ILE H 177 -2.57 -20.23 -56.39
C ILE H 177 -2.85 -21.05 -55.12
N MET H 178 -3.29 -20.39 -54.05
CA MET H 178 -3.50 -21.10 -52.78
C MET H 178 -4.60 -22.17 -52.90
N GLY H 179 -5.68 -21.83 -53.59
CA GLY H 179 -6.78 -22.75 -53.83
C GLY H 179 -6.32 -23.99 -54.59
N GLN H 180 -5.55 -23.78 -55.65
CA GLN H 180 -5.01 -24.91 -56.41
C GLN H 180 -3.99 -25.72 -55.62
N MET H 181 -3.22 -25.07 -54.74
CA MET H 181 -2.29 -25.83 -53.89
C MET H 181 -3.03 -26.71 -52.91
N MET H 182 -4.18 -26.22 -52.41
CA MET H 182 -4.95 -26.99 -51.46
C MET H 182 -5.56 -28.23 -52.11
N THR H 183 -6.13 -28.09 -53.30
CA THR H 183 -6.65 -29.27 -53.97
C THR H 183 -5.51 -30.22 -54.37
N ALA H 184 -4.34 -29.68 -54.72
CA ALA H 184 -3.20 -30.54 -55.02
C ALA H 184 -2.82 -31.39 -53.81
N LEU H 185 -2.66 -30.75 -52.66
CA LEU H 185 -2.32 -31.47 -51.45
C LEU H 185 -3.43 -32.47 -51.10
N GLY H 186 -4.68 -32.03 -51.20
CA GLY H 186 -5.81 -32.91 -50.95
C GLY H 186 -5.85 -34.15 -51.84
N GLU H 187 -5.72 -33.97 -53.14
CA GLU H 187 -5.70 -35.11 -54.06
C GLU H 187 -4.49 -36.01 -53.78
N GLY H 188 -3.35 -35.41 -53.47
CA GLY H 188 -2.17 -36.19 -53.13
C GLY H 188 -2.37 -37.06 -51.90
N MET H 189 -2.91 -36.48 -50.83
CA MET H 189 -3.16 -37.23 -49.61
C MET H 189 -4.22 -38.32 -49.85
N ALA H 190 -5.27 -37.99 -50.60
CA ALA H 190 -6.30 -38.98 -50.93
C ALA H 190 -5.72 -40.20 -51.68
N LEU H 191 -4.97 -39.93 -52.74
CA LEU H 191 -4.31 -40.98 -53.51
C LEU H 191 -3.33 -41.78 -52.65
N GLY H 192 -2.56 -41.08 -51.84
CA GLY H 192 -1.58 -41.72 -50.99
C GLY H 192 -2.21 -42.68 -49.98
N ARG H 193 -3.30 -42.26 -49.35
CA ARG H 193 -4.00 -43.13 -48.40
C ARG H 193 -4.57 -44.36 -49.11
N ASN H 194 -5.11 -44.14 -50.29
CA ASN H 194 -5.62 -45.24 -51.12
C ASN H 194 -4.50 -46.23 -51.49
N CYS H 195 -3.28 -45.72 -51.59
CA CYS H 195 -2.11 -46.52 -51.91
C CYS H 195 -1.59 -47.31 -50.70
N GLY H 196 -2.18 -47.08 -49.54
CA GLY H 196 -1.69 -47.70 -48.31
C GLY H 196 -0.44 -47.02 -47.75
N LEU H 197 -0.13 -45.82 -48.24
CA LEU H 197 1.02 -45.07 -47.72
C LEU H 197 0.64 -44.39 -46.40
N ASP H 198 1.64 -44.15 -45.56
CA ASP H 198 1.38 -43.43 -44.31
C ASP H 198 1.33 -41.93 -44.60
N GLY H 199 0.25 -41.28 -44.17
CA GLY H 199 0.07 -39.87 -44.44
C GLY H 199 1.16 -38.98 -43.83
N GLY H 200 1.61 -39.34 -42.64
CA GLY H 200 2.65 -38.60 -41.94
C GLY H 200 3.95 -38.62 -42.72
N GLN H 201 4.29 -39.81 -43.25
CA GLN H 201 5.48 -39.95 -44.09
C GLN H 201 5.39 -39.14 -45.38
N LEU H 202 4.21 -39.12 -46.02
CA LEU H 202 4.04 -38.25 -47.18
C LEU H 202 4.38 -36.81 -46.80
N LEU H 203 3.83 -36.36 -45.68
CA LEU H 203 4.05 -34.98 -45.26
C LEU H 203 5.52 -34.73 -44.94
N GLU H 204 6.16 -35.74 -44.38
CA GLU H 204 7.57 -35.66 -44.03
C GLU H 204 8.43 -35.52 -45.30
N VAL H 205 8.12 -36.32 -46.32
CA VAL H 205 8.84 -36.24 -47.59
C VAL H 205 8.64 -34.88 -48.24
N LEU H 206 7.41 -34.38 -48.21
CA LEU H 206 7.11 -33.05 -48.73
C LEU H 206 7.90 -31.96 -48.02
N ASP H 207 7.96 -32.03 -46.70
CA ASP H 207 8.64 -31.01 -45.91
C ASP H 207 10.17 -31.04 -46.06
N ALA H 208 10.70 -32.12 -46.63
CA ALA H 208 12.16 -32.26 -46.78
C ALA H 208 12.67 -31.81 -48.14
N GLY H 209 11.73 -31.49 -49.04
CA GLY H 209 12.07 -31.20 -50.42
C GLY H 209 11.69 -29.79 -50.84
N ALA H 210 11.72 -29.56 -52.15
CA ALA H 210 11.61 -28.20 -52.69
C ALA H 210 10.21 -27.60 -52.58
N MET H 211 9.21 -28.43 -52.31
CA MET H 211 7.83 -27.94 -52.19
C MET H 211 7.49 -27.54 -50.76
N ALA H 212 8.39 -27.84 -49.84
CA ALA H 212 8.15 -27.60 -48.41
C ALA H 212 7.62 -26.19 -48.12
N ASN H 213 6.51 -26.11 -47.40
CA ASN H 213 5.92 -24.81 -47.04
C ASN H 213 5.03 -24.92 -45.80
N PRO H 214 4.82 -23.81 -45.09
CA PRO H 214 4.00 -23.80 -43.87
C PRO H 214 2.57 -24.29 -44.10
N MET H 215 1.97 -23.94 -45.24
CA MET H 215 0.59 -24.34 -45.50
C MET H 215 0.45 -25.87 -45.55
N PHE H 216 1.35 -26.53 -46.26
CA PHE H 216 1.32 -27.99 -46.29
C PHE H 216 1.46 -28.56 -44.88
N LYS H 217 2.36 -27.99 -44.09
CA LYS H 217 2.60 -28.50 -42.74
C LYS H 217 1.34 -28.37 -41.87
N GLY H 218 0.71 -27.20 -41.91
CA GLY H 218 -0.47 -26.96 -41.09
C GLY H 218 -1.73 -27.65 -41.57
N LYS H 219 -2.05 -27.49 -42.85
CA LYS H 219 -3.23 -28.15 -43.41
C LYS H 219 -3.04 -29.67 -43.45
N GLY H 220 -1.81 -30.12 -43.67
CA GLY H 220 -1.50 -31.54 -43.66
C GLY H 220 -1.99 -32.22 -42.39
N GLN H 221 -1.80 -31.58 -41.25
CA GLN H 221 -2.26 -32.13 -39.97
C GLN H 221 -3.78 -32.21 -39.87
N MET H 222 -4.49 -31.27 -40.49
CA MET H 222 -5.94 -31.33 -40.55
C MET H 222 -6.40 -32.54 -41.33
N LEU H 223 -5.74 -32.80 -42.47
CA LEU H 223 -6.06 -33.95 -43.29
C LEU H 223 -5.89 -35.24 -42.48
N LEU H 224 -4.83 -35.32 -41.68
CA LEU H 224 -4.56 -36.54 -40.92
C LEU H 224 -5.58 -36.77 -39.81
N SER H 225 -6.03 -35.70 -39.17
CA SER H 225 -6.93 -35.83 -38.04
C SER H 225 -8.39 -35.89 -38.49
N GLY H 226 -8.66 -35.39 -39.69
CA GLY H 226 -10.04 -35.29 -40.15
C GLY H 226 -10.82 -34.17 -39.50
N GLU H 227 -10.12 -33.26 -38.82
CA GLU H 227 -10.78 -32.12 -38.20
C GLU H 227 -10.36 -30.84 -38.91
N PHE H 228 -11.34 -29.99 -39.21
CA PHE H 228 -11.09 -28.79 -40.01
C PHE H 228 -11.59 -27.52 -39.32
N PRO H 229 -11.07 -27.23 -38.11
CA PRO H 229 -11.42 -26.00 -37.39
C PRO H 229 -11.11 -24.80 -38.29
N THR H 230 -11.97 -23.79 -38.30
CA THR H 230 -11.95 -22.81 -39.37
C THR H 230 -10.95 -21.68 -39.20
N SER H 231 -9.92 -21.64 -40.04
CA SER H 231 -9.08 -20.45 -40.15
C SER H 231 -9.49 -19.57 -41.33
N PHE H 232 -9.73 -20.20 -42.48
CA PHE H 232 -10.26 -19.52 -43.66
C PHE H 232 -11.47 -20.32 -44.16
N PRO H 233 -12.68 -19.76 -43.99
CA PRO H 233 -13.89 -20.51 -44.37
C PRO H 233 -13.84 -21.02 -45.81
N LEU H 234 -14.28 -22.26 -46.00
CA LEU H 234 -14.27 -22.87 -47.32
C LEU H 234 -15.11 -22.06 -48.31
N LYS H 235 -16.23 -21.51 -47.86
CA LYS H 235 -17.07 -20.69 -48.73
C LYS H 235 -16.37 -19.46 -49.28
N HIS H 236 -15.45 -18.88 -48.49
CA HIS H 236 -14.72 -17.71 -48.94
C HIS H 236 -13.60 -18.10 -49.92
N MET H 237 -13.00 -19.25 -49.71
CA MET H 237 -12.05 -19.75 -50.70
C MET H 237 -12.77 -19.98 -52.03
N GLN H 238 -13.96 -20.54 -51.99
CA GLN H 238 -14.69 -20.78 -53.24
C GLN H 238 -15.03 -19.46 -53.92
N LYS H 239 -15.46 -18.48 -53.12
CA LYS H 239 -15.72 -17.14 -53.63
C LYS H 239 -14.48 -16.57 -54.33
N ASP H 240 -13.32 -16.76 -53.71
CA ASP H 240 -12.08 -16.22 -54.28
C ASP H 240 -11.75 -16.84 -55.63
N LEU H 241 -11.94 -18.15 -55.77
CA LEU H 241 -11.68 -18.83 -57.04
C LEU H 241 -12.69 -18.38 -58.10
N ARG H 242 -13.95 -18.30 -57.69
CA ARG H 242 -14.98 -17.76 -58.57
C ARG H 242 -14.56 -16.40 -59.14
N LEU H 243 -14.07 -15.51 -58.28
CA LEU H 243 -13.66 -14.17 -58.71
C LEU H 243 -12.42 -14.21 -59.61
N ALA H 244 -11.49 -15.12 -59.32
CA ALA H 244 -10.31 -15.27 -60.15
C ALA H 244 -10.70 -15.74 -61.55
N VAL H 245 -11.63 -16.68 -61.63
CA VAL H 245 -12.09 -17.19 -62.91
C VAL H 245 -12.81 -16.09 -63.69
N GLU H 246 -13.60 -15.28 -62.98
CA GLU H 246 -14.27 -14.16 -63.62
C GLU H 246 -13.29 -13.08 -64.09
N LEU H 247 -12.24 -12.86 -63.30
CA LEU H 247 -11.19 -11.91 -63.67
C LEU H 247 -10.48 -12.39 -64.93
N GLY H 248 -10.10 -13.67 -64.94
CA GLY H 248 -9.50 -14.29 -66.11
C GLY H 248 -10.38 -14.12 -67.35
N ASP H 249 -11.67 -14.33 -67.18
CA ASP H 249 -12.64 -14.15 -68.26
C ASP H 249 -12.51 -12.72 -68.83
N ARG H 250 -12.52 -11.72 -67.96
CA ARG H 250 -12.45 -10.33 -68.43
C ARG H 250 -11.14 -10.05 -69.18
N LEU H 251 -10.06 -10.63 -68.71
CA LEU H 251 -8.75 -10.35 -69.28
C LEU H 251 -8.39 -11.32 -70.41
N GLY H 252 -9.31 -12.23 -70.73
CA GLY H 252 -9.07 -13.21 -71.77
C GLY H 252 -7.96 -14.19 -71.41
N GLN H 253 -7.84 -14.48 -70.12
CA GLN H 253 -6.84 -15.43 -69.63
C GLN H 253 -7.51 -16.76 -69.29
N PRO H 254 -7.26 -17.81 -70.11
CA PRO H 254 -7.80 -19.12 -69.76
C PRO H 254 -7.13 -19.66 -68.50
N LEU H 255 -7.91 -20.33 -67.66
CA LEU H 255 -7.42 -20.88 -66.38
C LEU H 255 -7.99 -22.28 -66.11
N HIS H 256 -7.53 -23.29 -66.84
CA HIS H 256 -8.06 -24.65 -66.66
C HIS H 256 -7.91 -25.17 -65.23
N GLY H 257 -6.75 -24.96 -64.63
CA GLY H 257 -6.47 -25.44 -63.28
C GLY H 257 -7.36 -24.77 -62.24
N ALA H 258 -7.46 -23.44 -62.32
CA ALA H 258 -8.29 -22.71 -61.36
C ALA H 258 -9.78 -23.07 -61.51
N ALA H 259 -10.21 -23.31 -62.74
CA ALA H 259 -11.62 -23.61 -63.02
C ALA H 259 -11.98 -24.97 -62.43
N THR H 260 -11.08 -25.93 -62.62
CA THR H 260 -11.23 -27.24 -62.01
C THR H 260 -11.26 -27.17 -60.49
N ALA H 261 -10.33 -26.42 -59.88
CA ALA H 261 -10.34 -26.26 -58.43
C ALA H 261 -11.63 -25.59 -57.92
N ASN H 262 -12.08 -24.58 -58.65
CA ASN H 262 -13.33 -23.88 -58.34
C ASN H 262 -14.50 -24.87 -58.22
N GLU H 263 -14.65 -25.74 -59.22
CA GLU H 263 -15.74 -26.73 -59.17
C GLU H 263 -15.59 -27.75 -58.03
N SER H 264 -14.36 -28.15 -57.71
CA SER H 264 -14.13 -29.02 -56.56
C SER H 264 -14.57 -28.36 -55.24
N PHE H 265 -14.27 -27.07 -55.09
CA PHE H 265 -14.70 -26.35 -53.90
C PHE H 265 -16.21 -26.19 -53.86
N LYS H 266 -16.84 -26.07 -55.03
CA LYS H 266 -18.30 -26.05 -55.10
C LYS H 266 -18.89 -27.40 -54.64
N ARG H 267 -18.26 -28.50 -55.02
CA ARG H 267 -18.68 -29.83 -54.54
C ARG H 267 -18.59 -29.87 -53.00
N ALA H 268 -17.51 -29.33 -52.46
CA ALA H 268 -17.34 -29.31 -51.00
C ALA H 268 -18.42 -28.48 -50.30
N ARG H 269 -18.80 -27.35 -50.91
CA ARG H 269 -19.92 -26.57 -50.35
C ARG H 269 -21.22 -27.36 -50.41
N ALA H 270 -21.45 -28.05 -51.52
CA ALA H 270 -22.67 -28.83 -51.70
C ALA H 270 -22.75 -29.97 -50.69
N ALA H 271 -21.60 -30.46 -50.26
CA ALA H 271 -21.53 -31.57 -49.32
C ALA H 271 -21.63 -31.11 -47.87
N GLY H 272 -21.75 -29.80 -47.65
CA GLY H 272 -22.01 -29.27 -46.31
C GLY H 272 -20.79 -28.74 -45.57
N HIS H 273 -19.71 -28.47 -46.28
CA HIS H 273 -18.47 -28.05 -45.61
C HIS H 273 -18.17 -26.55 -45.73
N ALA H 274 -19.18 -25.74 -46.06
CA ALA H 274 -18.94 -24.33 -46.40
C ALA H 274 -18.32 -23.55 -45.25
N ASP H 275 -18.67 -23.89 -44.02
CA ASP H 275 -18.21 -23.12 -42.86
C ASP H 275 -17.03 -23.75 -42.15
N GLU H 276 -16.49 -24.82 -42.73
CA GLU H 276 -15.27 -25.42 -42.20
C GLU H 276 -14.06 -24.74 -42.81
N ASP H 277 -12.86 -25.09 -42.35
CA ASP H 277 -11.68 -24.54 -42.98
C ASP H 277 -11.67 -24.98 -44.44
N PHE H 278 -11.08 -24.17 -45.32
CA PHE H 278 -11.03 -24.52 -46.73
C PHE H 278 -10.28 -25.83 -47.01
N ALA H 279 -9.47 -26.29 -46.06
CA ALA H 279 -8.79 -27.58 -46.22
C ALA H 279 -9.80 -28.73 -46.27
N ALA H 280 -11.03 -28.46 -45.86
CA ALA H 280 -12.06 -29.49 -45.84
C ALA H 280 -12.51 -29.90 -47.24
N VAL H 281 -12.02 -29.22 -48.28
CA VAL H 281 -12.24 -29.69 -49.65
C VAL H 281 -11.75 -31.13 -49.73
N PHE H 282 -10.80 -31.48 -48.85
CA PHE H 282 -10.33 -32.87 -48.75
C PHE H 282 -11.48 -33.88 -48.62
N ARG H 283 -12.56 -33.50 -47.95
CA ARG H 283 -13.68 -34.41 -47.71
C ARG H 283 -14.41 -34.84 -49.00
N VAL H 284 -14.27 -34.09 -50.08
CA VAL H 284 -14.85 -34.51 -51.35
C VAL H 284 -13.79 -35.00 -52.36
N LEU H 285 -12.53 -34.97 -51.96
CA LEU H 285 -11.46 -35.53 -52.79
C LEU H 285 -11.20 -36.98 -52.41
N GLU H 286 -11.15 -37.27 -51.11
CA GLU H 286 -11.02 -38.64 -50.64
C GLU H 286 -12.34 -39.37 -50.83
N ALA H 287 -12.30 -40.70 -50.70
CA ALA H 287 -13.47 -41.56 -50.93
C ALA H 287 -13.71 -41.79 -52.42
#